data_8U0U
#
_entry.id   8U0U
#
_cell.length_a   1.00
_cell.length_b   1.00
_cell.length_c   1.00
_cell.angle_alpha   90.00
_cell.angle_beta   90.00
_cell.angle_gamma   90.00
#
_symmetry.space_group_name_H-M   'P 1'
#
loop_
_entity.id
_entity.type
_entity.pdbx_description
1 polymer 'Helicase/UvrB N-terminal domain-containing protein'
2 polymer "DNA (5'-D(P*TP*TP*AP*TP*TP*TP*TP*TP*TP*TP*T)-3')"
#
loop_
_entity_poly.entity_id
_entity_poly.type
_entity_poly.pdbx_seq_one_letter_code
_entity_poly.pdbx_strand_id
1 'polypeptide(L)'
;MNVSIEEFTHFDFQLVPEPSPLDLVITESLKNHIEVNGVKSGALLPLPFQTGIGKTYTALNFLLQQMLEQVRSELKEENT
GKKSKRLLYYVTDSVDNVVSAKADLLKLIEKQTVKGEPRFTLEQQEYLKAQIVHLPNQSEQLLQCSDAVLNDVLIGFNLN
AERDVQAEWSAISGLRRHASNPEVKISLNRQAGYFYRNLIDRLQKKQKGADRVLLSGSLLASVETLLPGEKIRNGSAHVA
FLTTSKFLKGFHNTRSRYSPLRDLSGAVLIIDEIDKQNQVILSELCKQQAQDLIWAIRTLRANFRDHQLESSPRYDKIED
LFEPLRERLEEFGTNWNLAFAFNTEGANLNERPVRLFSDRSFTHVSSATHKLSLKSDFLRRKNLIFSDEKVEGSLIEKHG
LLTRFVNEADVIYQWFLGTMRKAVFQYWENVRGLEIEVRENRSLEGTFQEAVQSLLTHFNLQEFESAVYESFDTRGLRQS
AGGKANKLSSSKSYHHTGLKLVEVAHNQGTRDTVNCKASFLNTSPSGVLADMVDAGAVILGISATARADTVIHNFDFKYL
NERLGNKLLSLSREQKQRVNNYYHSRRNYKDNGVVLTVKYLNSRDAFLDALLEEYKPEARSSHFILNHYLGIAESEQAFV
RSWLSKLLASIKAFISSPDNRYMLSLLNRTLDTTRQNINDFIQFCCDKWAKEFNVKTKTFFGVNADWMRLVGYDEISKHL
NTELGKVVVFSTYASMGAGKNPDYAVNLALEGESLISVADVTYSTQLRSDIDSIYLEKPTQLLLSDDYSHTANQLCQFHQ
ILSLQENGELSPKSAENWCRQQLMGMSRERSLQQYHQTSDYQSAVRKYIEQAVGRAGRTSLKRKQILLFVDSGLKEILAE
ESRDPSLFSHEYVALVNKAKSAGKSIVEDRAVRRLFNLAQRNNKDGMLSIKALVHRLHNQPASKSDIQEWQDIRTQLLRY
PTVAFQPERFNRLYLQSMTKGYYRYQGNLDGDPNSFEFFDRVPYGDMVSEEDCSLATLVQNQYVRPWFERKGFACSWQKE
ANVMTPIMFTNIYKGALGEQAVEAVLTAFDFTFEEVPNSIYERFDNRVIFAGIEQPIWLDSKYWKHEGNESSEGYSSKIA
LVEEEFGPSKFIYVNALGDTSKPIRYLNSCFVETSPQLAKVIEIPALIDDSNADTNRTAVQELIKWLHHS
;
A,F
2 'polydeoxyribonucleotide' (DT)(DT)(DA)(DT)(DT)(DT)(DT)(DT)(DT)(DT)(DT) C,G
#
# COMPACT_ATOMS: atom_id res chain seq x y z
N MET A 1 -11.80 22.32 -37.99
CA MET A 1 -12.55 23.54 -37.69
C MET A 1 -13.48 23.34 -36.50
N ASN A 2 -13.76 24.42 -35.78
CA ASN A 2 -14.75 24.40 -34.70
C ASN A 2 -16.14 24.61 -35.31
N VAL A 3 -16.59 23.59 -36.04
CA VAL A 3 -17.85 23.68 -36.75
C VAL A 3 -19.01 23.75 -35.77
N SER A 4 -19.89 24.72 -36.00
CA SER A 4 -21.12 24.87 -35.26
C SER A 4 -22.24 24.04 -35.86
N ILE A 5 -23.25 23.78 -35.04
CA ILE A 5 -24.43 23.01 -35.42
C ILE A 5 -25.15 23.63 -36.61
N GLU A 6 -24.92 24.91 -36.85
CA GLU A 6 -25.63 25.63 -37.89
C GLU A 6 -25.40 25.09 -39.28
N GLU A 7 -24.36 24.27 -39.48
CA GLU A 7 -24.17 23.61 -40.76
C GLU A 7 -25.34 22.72 -41.16
N PHE A 8 -26.11 22.25 -40.20
CA PHE A 8 -27.24 21.41 -40.52
C PHE A 8 -28.52 22.21 -40.68
N THR A 9 -28.43 23.54 -40.67
CA THR A 9 -29.62 24.38 -40.72
C THR A 9 -30.43 24.10 -41.97
N HIS A 10 -29.75 23.86 -43.08
CA HIS A 10 -30.45 23.54 -44.32
C HIS A 10 -30.49 22.04 -44.59
N PHE A 11 -30.00 21.24 -43.65
CA PHE A 11 -30.05 19.80 -43.85
C PHE A 11 -31.48 19.31 -43.73
N ASP A 12 -31.84 18.36 -44.58
CA ASP A 12 -33.19 17.80 -44.60
C ASP A 12 -33.17 16.50 -43.80
N PHE A 13 -33.58 16.58 -42.54
CA PHE A 13 -33.61 15.40 -41.70
C PHE A 13 -34.62 14.36 -42.17
N GLN A 14 -35.53 14.72 -43.05
CA GLN A 14 -36.42 13.74 -43.64
C GLN A 14 -35.75 12.88 -44.70
N LEU A 15 -34.61 13.32 -45.21
CA LEU A 15 -33.98 12.67 -46.35
C LEU A 15 -33.15 11.48 -45.84
N VAL A 16 -33.86 10.39 -45.55
CA VAL A 16 -33.23 9.17 -45.06
C VAL A 16 -32.84 8.29 -46.24
N PRO A 17 -31.86 7.41 -46.11
CA PRO A 17 -31.64 6.41 -47.15
C PRO A 17 -32.81 5.43 -47.19
N GLU A 18 -32.86 4.65 -48.25
CA GLU A 18 -33.85 3.59 -48.31
C GLU A 18 -33.56 2.56 -47.23
N PRO A 19 -34.52 2.24 -46.38
CA PRO A 19 -34.23 1.36 -45.26
C PRO A 19 -34.23 -0.10 -45.68
N SER A 20 -33.21 -0.82 -45.24
CA SER A 20 -33.19 -2.26 -45.39
C SER A 20 -34.20 -2.85 -44.41
N PRO A 21 -34.62 -4.09 -44.61
CA PRO A 21 -35.64 -4.67 -43.73
C PRO A 21 -35.27 -4.61 -42.26
N LEU A 22 -34.00 -4.76 -41.94
CA LEU A 22 -33.59 -4.75 -40.55
C LEU A 22 -33.81 -3.38 -39.92
N ASP A 23 -33.56 -2.32 -40.67
CA ASP A 23 -33.81 -0.99 -40.13
C ASP A 23 -35.29 -0.77 -39.88
N LEU A 24 -36.13 -1.30 -40.76
CA LEU A 24 -37.57 -1.23 -40.53
C LEU A 24 -37.94 -1.99 -39.28
N VAL A 25 -37.38 -3.18 -39.10
CA VAL A 25 -37.68 -3.98 -37.92
C VAL A 25 -37.35 -3.22 -36.65
N ILE A 26 -36.17 -2.62 -36.62
CA ILE A 26 -35.75 -1.89 -35.42
C ILE A 26 -36.66 -0.69 -35.20
N THR A 27 -36.95 0.06 -36.27
CA THR A 27 -37.79 1.24 -36.12
C THR A 27 -39.20 0.87 -35.66
N GLU A 28 -39.76 -0.19 -36.23
CA GLU A 28 -41.08 -0.64 -35.84
C GLU A 28 -41.13 -1.01 -34.37
N SER A 29 -40.17 -1.81 -33.91
CA SER A 29 -40.22 -2.28 -32.54
C SER A 29 -40.01 -1.14 -31.56
N LEU A 30 -39.14 -0.20 -31.87
CA LEU A 30 -39.00 0.93 -30.97
C LEU A 30 -40.24 1.80 -31.01
N LYS A 31 -40.92 1.87 -32.14
CA LYS A 31 -42.18 2.60 -32.21
C LYS A 31 -43.22 1.93 -31.32
N ASN A 32 -43.34 0.61 -31.42
CA ASN A 32 -44.25 -0.15 -30.57
C ASN A 32 -43.92 0.08 -29.10
N HIS A 33 -42.64 0.08 -28.77
CA HIS A 33 -42.24 0.36 -27.41
C HIS A 33 -42.75 1.70 -26.96
N ILE A 34 -42.56 2.74 -27.77
CA ILE A 34 -42.97 4.08 -27.39
C ILE A 34 -44.46 4.10 -27.11
N GLU A 35 -45.23 3.31 -27.85
CA GLU A 35 -46.66 3.24 -27.63
C GLU A 35 -46.98 2.61 -26.28
N VAL A 36 -46.37 1.46 -25.99
CA VAL A 36 -46.59 0.74 -24.74
C VAL A 36 -45.57 1.26 -23.75
N ASN A 37 -45.93 2.37 -23.08
CA ASN A 37 -45.41 3.16 -21.95
C ASN A 37 -44.18 3.96 -22.35
N GLY A 38 -43.80 3.85 -23.62
CA GLY A 38 -42.39 3.94 -23.96
C GLY A 38 -41.74 5.29 -23.80
N VAL A 39 -42.50 6.37 -23.77
CA VAL A 39 -41.86 7.67 -23.62
C VAL A 39 -41.20 7.71 -22.26
N LYS A 40 -39.91 8.02 -22.24
CA LYS A 40 -39.12 8.08 -21.02
C LYS A 40 -39.15 6.72 -20.29
N SER A 41 -39.11 5.64 -21.07
CA SER A 41 -39.17 4.30 -20.52
C SER A 41 -38.09 3.43 -21.15
N GLY A 42 -37.42 2.64 -20.32
CA GLY A 42 -36.37 1.78 -20.81
C GLY A 42 -36.90 0.68 -21.69
N ALA A 43 -35.99 -0.14 -22.20
CA ALA A 43 -36.37 -1.28 -23.02
C ALA A 43 -35.18 -2.22 -23.10
N LEU A 44 -35.41 -3.37 -23.72
CA LEU A 44 -34.35 -4.30 -24.07
C LEU A 44 -34.82 -5.08 -25.27
N LEU A 45 -34.08 -5.01 -26.36
CA LEU A 45 -34.50 -5.57 -27.63
C LEU A 45 -33.44 -6.53 -28.13
N PRO A 46 -33.55 -7.82 -27.82
CA PRO A 46 -32.60 -8.78 -28.37
C PRO A 46 -32.87 -8.98 -29.86
N LEU A 47 -31.80 -8.91 -30.65
CA LEU A 47 -31.88 -8.91 -32.10
C LEU A 47 -31.06 -10.06 -32.65
N PRO A 48 -31.65 -11.19 -32.88
CA PRO A 48 -30.88 -12.33 -33.38
C PRO A 48 -30.61 -12.31 -34.87
N PHE A 49 -30.01 -11.22 -35.36
CA PHE A 49 -29.57 -11.14 -36.75
C PHE A 49 -28.39 -12.06 -37.02
N GLN A 50 -28.48 -12.85 -38.09
CA GLN A 50 -27.36 -13.70 -38.46
C GLN A 50 -26.20 -12.86 -38.94
N THR A 51 -24.99 -13.34 -38.72
CA THR A 51 -23.82 -12.65 -39.23
C THR A 51 -23.80 -12.75 -40.75
N GLY A 52 -23.46 -11.64 -41.41
CA GLY A 52 -23.47 -11.59 -42.85
C GLY A 52 -24.75 -11.08 -43.45
N ILE A 53 -25.79 -10.84 -42.65
CA ILE A 53 -26.95 -10.12 -43.15
C ILE A 53 -26.68 -8.63 -43.12
N GLY A 54 -25.60 -8.21 -42.47
CA GLY A 54 -25.32 -6.81 -42.26
C GLY A 54 -25.72 -6.34 -40.87
N LYS A 55 -25.28 -7.07 -39.84
CA LYS A 55 -25.57 -6.68 -38.46
C LYS A 55 -25.00 -5.31 -38.15
N THR A 56 -23.68 -5.19 -38.28
CA THR A 56 -23.02 -3.97 -37.86
C THR A 56 -23.45 -2.79 -38.71
N TYR A 57 -23.62 -3.00 -40.02
CA TYR A 57 -24.09 -1.93 -40.87
C TYR A 57 -25.43 -1.42 -40.39
N THR A 58 -26.32 -2.33 -40.03
CA THR A 58 -27.63 -1.91 -39.54
C THR A 58 -27.52 -1.14 -38.25
N ALA A 59 -26.72 -1.64 -37.32
CA ALA A 59 -26.63 -0.98 -36.02
C ALA A 59 -25.98 0.39 -36.14
N LEU A 60 -24.94 0.52 -36.95
CA LEU A 60 -24.29 1.81 -37.10
C LEU A 60 -25.19 2.79 -37.81
N ASN A 61 -25.95 2.32 -38.80
CA ASN A 61 -26.91 3.20 -39.44
C ASN A 61 -27.95 3.67 -38.45
N PHE A 62 -28.40 2.79 -37.56
CA PHE A 62 -29.33 3.20 -36.53
C PHE A 62 -28.71 4.26 -35.63
N LEU A 63 -27.47 4.05 -35.23
CA LEU A 63 -26.81 5.00 -34.36
C LEU A 63 -26.68 6.34 -35.03
N LEU A 64 -26.41 6.32 -36.33
CA LEU A 64 -26.32 7.56 -37.09
C LEU A 64 -27.65 8.30 -37.10
N GLN A 65 -28.76 7.58 -37.24
CA GLN A 65 -30.06 8.25 -37.15
C GLN A 65 -30.25 8.89 -35.79
N GLN A 66 -29.79 8.25 -34.73
CA GLN A 66 -29.93 8.90 -33.43
C GLN A 66 -29.11 10.17 -33.35
N MET A 67 -27.93 10.20 -33.97
CA MET A 67 -27.16 11.44 -34.00
C MET A 67 -27.89 12.54 -34.76
N LEU A 68 -28.39 12.22 -35.95
CA LEU A 68 -29.10 13.22 -36.72
C LEU A 68 -30.33 13.71 -35.98
N GLU A 69 -31.02 12.80 -35.30
CA GLU A 69 -32.18 13.21 -34.54
C GLU A 69 -31.78 14.14 -33.40
N GLN A 70 -30.64 13.87 -32.75
CA GLN A 70 -30.17 14.76 -31.69
C GLN A 70 -29.87 16.15 -32.22
N VAL A 71 -29.21 16.23 -33.37
CA VAL A 71 -28.88 17.54 -33.95
C VAL A 71 -30.15 18.28 -34.34
N ARG A 72 -31.06 17.57 -35.00
CA ARG A 72 -32.38 18.12 -35.31
C ARG A 72 -33.04 18.69 -34.07
N SER A 73 -32.97 17.96 -32.96
CA SER A 73 -33.57 18.43 -31.73
C SER A 73 -32.88 19.71 -31.25
N GLU A 74 -31.56 19.72 -31.24
CA GLU A 74 -30.85 20.87 -30.69
C GLU A 74 -31.04 22.12 -31.55
N LEU A 75 -31.31 21.96 -32.84
CA LEU A 75 -31.64 23.13 -33.64
C LEU A 75 -32.96 23.78 -33.24
N LYS A 76 -33.81 23.05 -32.54
CA LYS A 76 -35.14 23.54 -32.22
C LYS A 76 -35.37 23.73 -30.73
N GLU A 77 -34.68 22.97 -29.88
CA GLU A 77 -34.83 23.09 -28.44
C GLU A 77 -34.07 24.25 -27.84
N GLU A 78 -33.38 25.07 -28.63
CA GLU A 78 -32.75 26.27 -28.10
C GLU A 78 -33.78 27.19 -27.47
N ASN A 79 -35.05 27.06 -27.87
CA ASN A 79 -36.14 27.72 -27.16
C ASN A 79 -36.26 27.26 -25.72
N THR A 80 -35.73 26.08 -25.41
CA THR A 80 -35.77 25.53 -24.06
C THR A 80 -34.41 25.54 -23.37
N GLY A 81 -33.39 26.08 -24.01
CA GLY A 81 -32.05 26.00 -23.48
C GLY A 81 -31.43 24.64 -23.72
N LYS A 82 -30.15 24.50 -23.36
CA LYS A 82 -29.43 23.26 -23.59
C LYS A 82 -29.79 22.24 -22.53
N LYS A 83 -30.55 21.23 -22.92
CA LYS A 83 -30.92 20.16 -22.01
C LYS A 83 -29.75 19.18 -21.83
N SER A 84 -29.92 18.29 -20.85
CA SER A 84 -28.94 17.23 -20.64
C SER A 84 -28.87 16.34 -21.88
N LYS A 85 -27.64 16.04 -22.31
CA LYS A 85 -27.46 15.28 -23.52
C LYS A 85 -27.99 13.86 -23.39
N ARG A 86 -28.50 13.35 -24.50
CA ARG A 86 -28.95 11.99 -24.64
C ARG A 86 -27.78 11.18 -25.16
N LEU A 87 -27.01 10.58 -24.24
CA LEU A 87 -25.82 9.85 -24.63
C LEU A 87 -26.16 8.60 -25.41
N LEU A 88 -25.31 8.28 -26.37
CA LEU A 88 -25.44 7.05 -27.14
C LEU A 88 -24.16 6.28 -26.94
N TYR A 89 -24.25 4.99 -26.72
CA TYR A 89 -23.08 4.17 -26.53
C TYR A 89 -23.03 3.07 -27.57
N TYR A 90 -21.85 2.55 -27.79
CA TYR A 90 -21.71 1.28 -28.47
C TYR A 90 -20.71 0.49 -27.65
N VAL A 91 -21.14 -0.64 -27.11
CA VAL A 91 -20.23 -1.42 -26.28
C VAL A 91 -20.16 -2.83 -26.83
N THR A 92 -18.98 -3.41 -26.71
CA THR A 92 -18.79 -4.82 -27.01
C THR A 92 -17.61 -5.30 -26.20
N ASP A 93 -17.51 -6.62 -26.08
CA ASP A 93 -16.53 -7.25 -25.21
C ASP A 93 -15.09 -6.93 -25.59
N SER A 94 -14.79 -6.81 -26.87
CA SER A 94 -13.42 -6.85 -27.38
C SER A 94 -13.00 -5.51 -27.95
N VAL A 95 -11.76 -5.10 -27.65
CA VAL A 95 -11.25 -3.82 -28.13
C VAL A 95 -11.15 -3.82 -29.64
N ASP A 96 -10.78 -4.95 -30.23
CA ASP A 96 -10.59 -5.03 -31.66
C ASP A 96 -11.86 -4.69 -32.41
N ASN A 97 -13.02 -4.96 -31.80
CA ASN A 97 -14.29 -4.67 -32.43
C ASN A 97 -14.78 -3.27 -32.10
N VAL A 98 -14.46 -2.75 -30.92
CA VAL A 98 -14.80 -1.36 -30.63
C VAL A 98 -14.13 -0.44 -31.63
N VAL A 99 -12.84 -0.64 -31.86
CA VAL A 99 -12.15 0.25 -32.78
C VAL A 99 -12.60 0.02 -34.21
N SER A 100 -12.81 -1.23 -34.59
CA SER A 100 -13.29 -1.52 -35.93
C SER A 100 -14.66 -0.89 -36.17
N ALA A 101 -15.56 -0.99 -35.21
CA ALA A 101 -16.89 -0.42 -35.38
C ALA A 101 -16.83 1.09 -35.45
N LYS A 102 -15.99 1.71 -34.63
CA LYS A 102 -15.89 3.16 -34.70
C LYS A 102 -15.42 3.60 -36.06
N ALA A 103 -14.39 2.93 -36.59
CA ALA A 103 -13.89 3.29 -37.91
C ALA A 103 -14.95 3.10 -38.98
N ASP A 104 -15.76 2.03 -38.86
CA ASP A 104 -16.83 1.87 -39.83
C ASP A 104 -17.84 2.98 -39.74
N LEU A 105 -18.12 3.47 -38.54
CA LEU A 105 -19.07 4.57 -38.43
C LEU A 105 -18.53 5.81 -39.09
N LEU A 106 -17.25 6.12 -38.89
CA LEU A 106 -16.69 7.29 -39.56
C LEU A 106 -16.70 7.10 -41.06
N LYS A 107 -16.41 5.90 -41.53
CA LYS A 107 -16.47 5.62 -42.96
C LYS A 107 -17.88 5.81 -43.49
N LEU A 108 -18.86 5.38 -42.72
CA LEU A 108 -20.25 5.54 -43.13
C LEU A 108 -20.63 7.01 -43.21
N ILE A 109 -20.17 7.81 -42.24
CA ILE A 109 -20.41 9.24 -42.30
C ILE A 109 -19.78 9.83 -43.54
N GLU A 110 -18.60 9.33 -43.93
CA GLU A 110 -17.95 9.82 -45.13
C GLU A 110 -18.77 9.52 -46.38
N LYS A 111 -19.18 8.29 -46.56
CA LYS A 111 -19.58 7.84 -47.89
C LYS A 111 -21.05 7.48 -48.00
N GLN A 112 -21.87 7.82 -47.03
CA GLN A 112 -23.30 7.59 -47.19
C GLN A 112 -23.87 8.57 -48.22
N THR A 113 -24.60 8.02 -49.18
CA THR A 113 -25.18 8.80 -50.25
C THR A 113 -26.69 8.60 -50.29
N VAL A 114 -27.40 9.67 -50.63
CA VAL A 114 -28.84 9.62 -50.86
C VAL A 114 -29.09 10.21 -52.24
N LYS A 115 -30.03 9.57 -52.97
CA LYS A 115 -30.31 9.84 -54.40
C LYS A 115 -29.03 10.01 -55.22
N GLY A 116 -27.98 9.28 -54.87
CA GLY A 116 -26.74 9.39 -55.57
C GLY A 116 -25.88 10.58 -55.22
N GLU A 117 -26.25 11.35 -54.20
CA GLU A 117 -25.35 12.42 -53.82
C GLU A 117 -24.90 12.24 -52.37
N PRO A 118 -23.67 12.63 -52.04
CA PRO A 118 -23.15 12.38 -50.69
C PRO A 118 -23.93 13.14 -49.63
N ARG A 119 -24.35 12.41 -48.61
CA ARG A 119 -25.41 12.92 -47.73
C ARG A 119 -24.96 14.15 -46.95
N PHE A 120 -23.67 14.29 -46.65
CA PHE A 120 -23.21 15.34 -45.76
C PHE A 120 -22.13 16.16 -46.41
N THR A 121 -22.18 17.48 -46.18
CA THR A 121 -21.11 18.36 -46.57
C THR A 121 -19.91 18.17 -45.64
N LEU A 122 -18.77 18.74 -46.06
CA LEU A 122 -17.54 18.55 -45.31
C LEU A 122 -17.62 19.13 -43.91
N GLU A 123 -18.23 20.31 -43.76
CA GLU A 123 -18.38 20.85 -42.42
C GLU A 123 -19.32 20.00 -41.61
N GLN A 124 -20.36 19.46 -42.25
CA GLN A 124 -21.24 18.52 -41.58
C GLN A 124 -20.48 17.29 -41.16
N GLN A 125 -19.71 16.70 -42.07
CA GLN A 125 -18.98 15.48 -41.73
C GLN A 125 -18.00 15.71 -40.61
N GLU A 126 -17.39 16.90 -40.56
CA GLU A 126 -16.51 17.16 -39.44
C GLU A 126 -17.33 17.35 -38.18
N TYR A 127 -18.55 17.90 -38.31
CA TYR A 127 -19.41 18.02 -37.14
C TYR A 127 -19.75 16.68 -36.53
N LEU A 128 -20.24 15.75 -37.33
CA LEU A 128 -20.63 14.47 -36.76
C LEU A 128 -19.43 13.76 -36.16
N LYS A 129 -18.33 13.72 -36.90
CA LYS A 129 -17.13 13.09 -36.39
C LYS A 129 -16.63 13.76 -35.12
N ALA A 130 -16.96 15.03 -34.94
CA ALA A 130 -16.60 15.66 -33.68
C ALA A 130 -17.36 15.03 -32.53
N GLN A 131 -18.59 14.59 -32.77
CA GLN A 131 -19.42 14.09 -31.68
C GLN A 131 -18.99 12.73 -31.20
N ILE A 132 -18.37 11.95 -32.04
CA ILE A 132 -17.99 10.60 -31.66
C ILE A 132 -16.71 10.66 -30.86
N VAL A 133 -16.61 9.83 -29.83
CA VAL A 133 -15.42 9.77 -29.01
C VAL A 133 -15.17 8.30 -28.75
N HIS A 134 -13.93 7.95 -28.45
CA HIS A 134 -13.58 6.56 -28.18
C HIS A 134 -12.71 6.51 -26.96
N LEU A 135 -12.93 5.53 -26.10
CA LEU A 135 -12.45 5.54 -24.73
C LEU A 135 -11.65 4.29 -24.40
N PRO A 136 -10.39 4.22 -24.81
CA PRO A 136 -9.60 3.03 -24.54
C PRO A 136 -9.22 2.90 -23.08
N ASN A 137 -8.48 1.86 -22.74
CA ASN A 137 -7.93 1.79 -21.40
C ASN A 137 -6.92 2.89 -21.20
N GLN A 138 -6.59 3.14 -19.95
CA GLN A 138 -5.79 4.32 -19.62
C GLN A 138 -4.44 4.29 -20.33
N SER A 139 -3.74 3.17 -20.28
CA SER A 139 -2.38 3.13 -20.81
C SER A 139 -2.37 3.44 -22.30
N GLU A 140 -3.27 2.82 -23.05
CA GLU A 140 -3.30 3.14 -24.47
C GLU A 140 -3.75 4.56 -24.69
N GLN A 141 -4.63 5.07 -23.84
CA GLN A 141 -5.06 6.45 -23.95
C GLN A 141 -3.90 7.41 -23.81
N LEU A 142 -2.99 7.11 -22.89
CA LEU A 142 -1.78 7.91 -22.77
C LEU A 142 -0.93 7.81 -24.02
N LEU A 143 -0.68 6.58 -24.48
CA LEU A 143 0.24 6.43 -25.59
C LEU A 143 -0.28 7.01 -26.88
N GLN A 144 -1.57 7.27 -26.98
CA GLN A 144 -2.07 7.98 -28.15
C GLN A 144 -1.69 9.44 -28.16
N CYS A 145 -1.52 10.05 -26.99
CA CYS A 145 -1.33 11.49 -26.93
C CYS A 145 0.05 11.88 -27.41
N SER A 146 0.10 12.79 -28.37
CA SER A 146 1.38 13.26 -28.88
C SER A 146 2.12 14.06 -27.81
N ASP A 147 3.43 14.10 -27.95
CA ASP A 147 4.27 14.77 -26.95
C ASP A 147 3.89 16.23 -26.80
N ALA A 148 3.53 16.88 -27.90
CA ALA A 148 3.16 18.28 -27.84
C ALA A 148 1.94 18.48 -26.96
N VAL A 149 0.93 17.62 -27.13
CA VAL A 149 -0.29 17.73 -26.34
C VAL A 149 -0.01 17.54 -24.87
N LEU A 150 0.75 16.50 -24.55
CA LEU A 150 0.96 16.20 -23.14
C LEU A 150 1.84 17.26 -22.49
N ASN A 151 2.84 17.76 -23.23
CA ASN A 151 3.63 18.86 -22.72
C ASN A 151 2.77 20.10 -22.50
N ASP A 152 1.84 20.37 -23.42
CA ASP A 152 0.93 21.48 -23.25
C ASP A 152 0.10 21.31 -21.99
N VAL A 153 -0.37 20.10 -21.73
CA VAL A 153 -1.15 19.84 -20.52
C VAL A 153 -0.29 20.05 -19.28
N LEU A 154 0.93 19.53 -19.30
CA LEU A 154 1.82 19.68 -18.16
C LEU A 154 2.11 21.15 -17.87
N ILE A 155 2.26 21.95 -18.91
CA ILE A 155 2.48 23.37 -18.72
C ILE A 155 1.23 24.04 -18.20
N GLY A 156 0.08 23.77 -18.82
CA GLY A 156 -1.14 24.46 -18.44
C GLY A 156 -1.54 24.22 -16.99
N PHE A 157 -1.28 23.03 -16.49
CA PHE A 157 -1.51 22.73 -15.08
C PHE A 157 -0.25 22.85 -14.26
N ASN A 158 0.80 23.48 -14.82
CA ASN A 158 2.13 23.69 -14.24
C ASN A 158 2.73 22.41 -13.67
N LEU A 159 2.19 21.25 -14.01
CA LEU A 159 2.74 19.98 -13.55
C LEU A 159 4.09 19.70 -14.19
N ASN A 160 4.49 20.52 -15.17
CA ASN A 160 5.83 20.48 -15.73
C ASN A 160 6.91 20.72 -14.68
N ALA A 161 6.54 21.30 -13.54
CA ALA A 161 7.52 21.77 -12.58
C ALA A 161 8.09 20.69 -11.68
N GLU A 162 7.30 19.68 -11.31
CA GLU A 162 7.69 18.78 -10.23
C GLU A 162 8.40 17.55 -10.76
N ARG A 163 9.37 17.08 -9.98
CA ARG A 163 10.40 16.18 -10.46
C ARG A 163 9.86 14.83 -10.90
N ASP A 164 8.98 14.23 -10.10
CA ASP A 164 8.54 12.87 -10.38
C ASP A 164 7.83 12.80 -11.72
N VAL A 165 7.00 13.81 -12.02
CA VAL A 165 6.33 13.88 -13.31
C VAL A 165 7.36 13.93 -14.43
N GLN A 166 8.37 14.79 -14.28
CA GLN A 166 9.32 14.98 -15.37
C GLN A 166 10.16 13.75 -15.62
N ALA A 167 10.63 13.10 -14.55
CA ALA A 167 11.38 11.87 -14.72
C ALA A 167 10.54 10.82 -15.40
N GLU A 168 9.33 10.62 -14.88
CA GLU A 168 8.45 9.59 -15.40
C GLU A 168 8.08 9.86 -16.86
N TRP A 169 7.67 11.09 -17.14
CA TRP A 169 7.27 11.43 -18.49
C TRP A 169 8.44 11.38 -19.45
N SER A 170 9.64 11.69 -18.97
CA SER A 170 10.80 11.58 -19.83
C SER A 170 11.04 10.13 -20.22
N ALA A 171 10.97 9.23 -19.25
CA ALA A 171 11.19 7.82 -19.53
C ALA A 171 10.16 7.31 -20.53
N ILE A 172 8.90 7.64 -20.30
CA ILE A 172 7.85 7.19 -21.20
C ILE A 172 8.03 7.81 -22.58
N SER A 173 8.31 9.12 -22.63
CA SER A 173 8.53 9.80 -23.90
C SER A 173 9.64 9.15 -24.68
N GLY A 174 10.57 8.53 -23.98
CA GLY A 174 11.60 7.81 -24.66
C GLY A 174 11.18 6.49 -25.26
N LEU A 175 10.63 5.61 -24.42
CA LEU A 175 10.35 4.24 -24.81
C LEU A 175 9.50 4.16 -26.06
N ARG A 176 8.59 5.12 -26.24
CA ARG A 176 7.75 5.22 -27.44
C ARG A 176 8.58 5.02 -28.69
N ARG A 177 9.73 5.66 -28.73
CA ARG A 177 10.54 5.67 -29.93
C ARG A 177 11.08 4.30 -30.26
N HIS A 178 11.19 3.43 -29.27
CA HIS A 178 11.59 2.05 -29.51
C HIS A 178 10.55 1.07 -29.00
N ALA A 179 9.27 1.43 -29.09
CA ALA A 179 8.20 0.49 -28.78
C ALA A 179 8.03 -0.59 -29.83
N SER A 180 8.84 -0.58 -30.88
CA SER A 180 8.75 -1.60 -31.92
C SER A 180 9.01 -2.99 -31.36
N ASN A 181 9.86 -3.10 -30.36
CA ASN A 181 10.03 -4.36 -29.68
C ASN A 181 8.79 -4.60 -28.83
N PRO A 182 8.08 -5.72 -29.00
CA PRO A 182 6.89 -5.98 -28.17
C PRO A 182 7.19 -6.00 -26.69
N GLU A 183 8.39 -6.42 -26.35
CA GLU A 183 8.86 -6.44 -24.97
C GLU A 183 8.91 -5.05 -24.39
N VAL A 184 9.45 -4.11 -25.15
CA VAL A 184 9.38 -2.70 -24.78
C VAL A 184 7.93 -2.28 -24.63
N LYS A 185 7.08 -2.78 -25.52
CA LYS A 185 5.66 -2.44 -25.46
C LYS A 185 5.04 -2.89 -24.15
N ILE A 186 5.39 -4.08 -23.68
CA ILE A 186 4.80 -4.59 -22.44
C ILE A 186 5.16 -3.68 -21.29
N SER A 187 6.45 -3.39 -21.14
CA SER A 187 6.88 -2.54 -20.04
C SER A 187 6.29 -1.15 -20.18
N LEU A 188 6.29 -0.64 -21.41
CA LEU A 188 5.78 0.69 -21.67
C LEU A 188 4.30 0.80 -21.30
N ASN A 189 3.52 -0.24 -21.62
CA ASN A 189 2.11 -0.21 -21.30
C ASN A 189 1.89 -0.11 -19.81
N ARG A 190 2.53 -0.99 -19.04
CA ARG A 190 2.32 -0.96 -17.60
C ARG A 190 2.73 0.38 -17.01
N GLN A 191 3.90 0.87 -17.42
CA GLN A 191 4.40 2.12 -16.88
C GLN A 191 3.50 3.28 -17.28
N ALA A 192 3.03 3.29 -18.53
CA ALA A 192 2.17 4.37 -18.99
C ALA A 192 0.86 4.39 -18.22
N GLY A 193 0.35 3.22 -17.86
CA GLY A 193 -0.86 3.18 -17.08
C GLY A 193 -0.70 3.86 -15.73
N TYR A 194 0.38 3.54 -15.02
CA TYR A 194 0.58 4.17 -13.72
C TYR A 194 0.74 5.68 -13.85
N PHE A 195 1.48 6.11 -14.87
CA PHE A 195 1.59 7.55 -15.10
C PHE A 195 0.25 8.19 -15.37
N TYR A 196 -0.60 7.53 -16.16
CA TYR A 196 -1.88 8.13 -16.49
C TYR A 196 -2.71 8.31 -15.24
N ARG A 197 -2.66 7.34 -14.33
CA ARG A 197 -3.39 7.47 -13.08
C ARG A 197 -2.91 8.69 -12.31
N ASN A 198 -1.60 8.80 -12.08
CA ASN A 198 -1.07 9.88 -11.26
C ASN A 198 -1.39 11.22 -11.90
N LEU A 199 -1.23 11.31 -13.21
CA LEU A 199 -1.45 12.56 -13.90
C LEU A 199 -2.88 13.02 -13.74
N ILE A 200 -3.83 12.15 -14.07
CA ILE A 200 -5.23 12.56 -14.03
C ILE A 200 -5.66 12.82 -12.59
N ASP A 201 -5.03 12.14 -11.64
CA ASP A 201 -5.25 12.46 -10.25
C ASP A 201 -4.96 13.94 -9.98
N ARG A 202 -3.80 14.41 -10.43
CA ARG A 202 -3.43 15.79 -10.14
C ARG A 202 -4.29 16.79 -10.92
N LEU A 203 -4.65 16.49 -12.17
CA LEU A 203 -5.54 17.40 -12.88
C LEU A 203 -6.86 17.59 -12.15
N GLN A 204 -7.53 16.50 -11.83
CA GLN A 204 -8.85 16.70 -11.25
C GLN A 204 -8.75 17.16 -9.81
N LYS A 205 -7.62 16.92 -9.15
CA LYS A 205 -7.38 17.52 -7.85
C LYS A 205 -7.43 19.04 -7.93
N LYS A 206 -6.67 19.61 -8.85
CA LYS A 206 -6.70 21.06 -9.01
C LYS A 206 -8.06 21.54 -9.50
N GLN A 207 -8.69 20.77 -10.38
CA GLN A 207 -9.96 21.21 -10.95
C GLN A 207 -11.07 21.28 -9.92
N LYS A 208 -11.05 20.40 -8.92
CA LYS A 208 -12.09 20.46 -7.90
C LYS A 208 -12.00 21.75 -7.09
N GLY A 209 -10.78 22.16 -6.74
CA GLY A 209 -10.57 23.33 -5.91
C GLY A 209 -10.49 24.62 -6.71
N ALA A 210 -10.20 25.70 -5.99
CA ALA A 210 -10.05 27.00 -6.61
C ALA A 210 -8.81 27.09 -7.48
N ASP A 211 -7.91 26.12 -7.37
CA ASP A 211 -6.70 26.09 -8.19
C ASP A 211 -6.99 25.74 -9.65
N ARG A 212 -8.26 25.50 -9.98
CA ARG A 212 -8.64 25.08 -11.32
C ARG A 212 -8.22 26.06 -12.38
N VAL A 213 -7.55 25.54 -13.40
CA VAL A 213 -7.27 26.29 -14.60
C VAL A 213 -8.56 26.39 -15.40
N LEU A 214 -8.89 27.58 -15.88
CA LEU A 214 -10.05 27.71 -16.74
C LEU A 214 -9.67 27.18 -18.11
N LEU A 215 -10.28 26.07 -18.52
CA LEU A 215 -9.96 25.43 -19.78
C LEU A 215 -10.59 26.20 -20.94
N SER A 216 -9.79 26.46 -21.97
CA SER A 216 -10.31 27.02 -23.21
C SER A 216 -9.27 26.81 -24.31
N GLY A 217 -9.73 26.93 -25.54
CA GLY A 217 -8.84 26.99 -26.69
C GLY A 217 -7.91 25.81 -26.82
N SER A 218 -6.63 26.11 -27.04
CA SER A 218 -5.64 25.06 -27.28
C SER A 218 -5.47 24.18 -26.06
N LEU A 219 -5.49 24.76 -24.86
CA LEU A 219 -5.36 23.94 -23.67
C LEU A 219 -6.56 23.00 -23.53
N LEU A 220 -7.75 23.51 -23.84
CA LEU A 220 -8.93 22.66 -23.82
C LEU A 220 -8.80 21.52 -24.80
N ALA A 221 -8.38 21.82 -26.04
CA ALA A 221 -8.25 20.79 -27.04
C ALA A 221 -7.22 19.76 -26.62
N SER A 222 -6.14 20.21 -25.99
CA SER A 222 -5.11 19.28 -25.54
C SER A 222 -5.66 18.36 -24.46
N VAL A 223 -6.41 18.90 -23.51
CA VAL A 223 -6.97 18.06 -22.47
C VAL A 223 -7.99 17.10 -23.05
N GLU A 224 -8.88 17.60 -23.90
CA GLU A 224 -9.88 16.75 -24.51
C GLU A 224 -9.27 15.65 -25.33
N THR A 225 -8.04 15.82 -25.79
CA THR A 225 -7.36 14.70 -26.40
C THR A 225 -6.81 13.76 -25.35
N LEU A 226 -6.36 14.30 -24.22
CA LEU A 226 -5.89 13.42 -23.16
C LEU A 226 -7.03 12.77 -22.41
N LEU A 227 -8.15 13.46 -22.21
CA LEU A 227 -9.26 12.96 -21.43
C LEU A 227 -10.50 13.01 -22.30
N PRO A 228 -10.73 11.99 -23.12
CA PRO A 228 -11.87 12.03 -24.04
C PRO A 228 -13.20 12.12 -23.33
N GLY A 229 -13.29 11.69 -22.08
CA GLY A 229 -14.52 11.85 -21.34
C GLY A 229 -14.91 13.30 -21.10
N GLU A 230 -13.92 14.20 -21.09
CA GLU A 230 -14.21 15.61 -20.92
C GLU A 230 -15.12 16.13 -22.02
N LYS A 231 -15.01 15.59 -23.23
CA LYS A 231 -15.94 16.03 -24.26
C LYS A 231 -17.37 15.69 -23.90
N ILE A 232 -17.59 14.55 -23.25
CA ILE A 232 -18.95 14.20 -22.87
C ILE A 232 -19.43 15.11 -21.75
N ARG A 233 -18.62 15.24 -20.70
CA ARG A 233 -19.01 15.99 -19.52
C ARG A 233 -19.40 17.42 -19.87
N ASN A 234 -18.61 18.08 -20.69
CA ASN A 234 -18.95 19.43 -21.14
C ASN A 234 -19.80 19.45 -22.39
N GLY A 235 -20.33 18.32 -22.81
CA GLY A 235 -21.30 18.33 -23.88
C GLY A 235 -20.74 18.49 -25.26
N SER A 236 -19.41 18.44 -25.41
CA SER A 236 -18.86 18.46 -26.76
C SER A 236 -19.26 17.23 -27.54
N ALA A 237 -19.16 16.06 -26.93
CA ALA A 237 -19.39 14.79 -27.58
C ALA A 237 -20.46 14.03 -26.84
N HIS A 238 -21.23 13.24 -27.57
CA HIS A 238 -22.27 12.47 -26.91
C HIS A 238 -22.40 11.04 -27.40
N VAL A 239 -21.56 10.58 -28.33
CA VAL A 239 -21.51 9.18 -28.74
C VAL A 239 -20.20 8.60 -28.25
N ALA A 240 -20.25 7.50 -27.52
CA ALA A 240 -19.05 6.92 -26.95
C ALA A 240 -18.91 5.47 -27.37
N PHE A 241 -17.73 5.11 -27.84
CA PHE A 241 -17.40 3.73 -28.18
C PHE A 241 -16.45 3.19 -27.14
N LEU A 242 -16.80 2.10 -26.51
CA LEU A 242 -15.97 1.60 -25.43
C LEU A 242 -16.32 0.15 -25.17
N THR A 243 -15.37 -0.59 -24.65
CA THR A 243 -15.62 -1.98 -24.34
C THR A 243 -16.49 -2.09 -23.11
N THR A 244 -17.08 -3.27 -22.93
CA THR A 244 -17.91 -3.51 -21.77
C THR A 244 -17.14 -3.28 -20.49
N SER A 245 -15.89 -3.72 -20.46
CA SER A 245 -15.15 -3.64 -19.22
C SER A 245 -14.83 -2.20 -18.86
N LYS A 246 -14.51 -1.38 -19.86
CA LYS A 246 -14.40 0.05 -19.59
C LYS A 246 -15.73 0.62 -19.13
N PHE A 247 -16.81 0.19 -19.76
CA PHE A 247 -18.13 0.70 -19.42
C PHE A 247 -18.48 0.39 -17.99
N LEU A 248 -18.06 -0.77 -17.50
CA LEU A 248 -18.32 -1.10 -16.12
C LEU A 248 -17.41 -0.33 -15.18
N LYS A 249 -16.18 -0.08 -15.58
CA LYS A 249 -15.29 0.68 -14.71
C LYS A 249 -15.44 2.19 -14.84
N GLY A 250 -16.17 2.67 -15.83
CA GLY A 250 -16.31 4.09 -16.01
C GLY A 250 -15.04 4.70 -16.53
N PHE A 251 -15.12 6.00 -16.78
CA PHE A 251 -14.02 6.69 -17.43
C PHE A 251 -13.88 8.08 -16.87
N HIS A 252 -12.66 8.60 -16.89
CA HIS A 252 -12.38 9.88 -16.29
C HIS A 252 -12.80 11.02 -17.18
N ASN A 253 -13.24 12.08 -16.55
CA ASN A 253 -13.21 13.40 -17.13
C ASN A 253 -12.37 14.28 -16.22
N THR A 254 -12.38 15.58 -16.50
CA THR A 254 -11.48 16.51 -15.81
C THR A 254 -11.81 16.66 -14.33
N ARG A 255 -12.94 16.17 -13.87
CA ARG A 255 -13.36 16.39 -12.50
C ARG A 255 -13.44 15.10 -11.69
N SER A 256 -14.12 14.09 -12.20
CA SER A 256 -14.31 12.85 -11.44
C SER A 256 -14.59 11.73 -12.43
N ARG A 257 -14.47 10.50 -11.94
CA ARG A 257 -14.65 9.33 -12.78
C ARG A 257 -16.13 9.12 -13.04
N TYR A 258 -16.62 9.59 -14.17
CA TYR A 258 -18.01 9.37 -14.54
C TYR A 258 -18.24 7.91 -14.85
N SER A 259 -19.28 7.34 -14.25
CA SER A 259 -19.55 5.92 -14.38
C SER A 259 -20.91 5.72 -15.04
N PRO A 260 -20.96 5.19 -16.25
CA PRO A 260 -22.17 5.30 -17.07
C PRO A 260 -23.39 4.65 -16.48
N LEU A 261 -23.24 3.60 -15.67
CA LEU A 261 -24.40 2.91 -15.13
C LEU A 261 -25.22 3.80 -14.22
N ARG A 262 -24.59 4.77 -13.57
CA ARG A 262 -25.30 5.63 -12.64
C ARG A 262 -26.20 6.63 -13.33
N ASP A 263 -26.13 6.75 -14.65
CA ASP A 263 -26.71 7.92 -15.28
C ASP A 263 -27.43 7.55 -16.58
N LEU A 264 -28.05 6.39 -16.62
CA LEU A 264 -28.55 5.87 -17.89
C LEU A 264 -29.84 6.50 -18.36
N SER A 265 -30.43 7.42 -17.61
CA SER A 265 -31.75 7.89 -17.98
C SER A 265 -31.77 8.49 -19.37
N GLY A 266 -32.45 7.81 -20.28
CA GLY A 266 -32.53 8.25 -21.66
C GLY A 266 -31.39 7.83 -22.56
N ALA A 267 -30.38 7.16 -22.03
CA ALA A 267 -29.29 6.68 -22.87
C ALA A 267 -29.78 5.60 -23.81
N VAL A 268 -29.32 5.64 -25.04
CA VAL A 268 -29.47 4.53 -25.97
C VAL A 268 -28.16 3.78 -25.94
N LEU A 269 -28.21 2.47 -26.04
CA LEU A 269 -27.05 1.68 -25.66
C LEU A 269 -27.01 0.42 -26.50
N ILE A 270 -26.23 0.45 -27.57
CA ILE A 270 -26.12 -0.70 -28.43
C ILE A 270 -25.07 -1.63 -27.84
N ILE A 271 -25.43 -2.88 -27.65
CA ILE A 271 -24.51 -3.90 -27.18
C ILE A 271 -24.38 -4.91 -28.28
N ASP A 272 -23.19 -5.05 -28.82
CA ASP A 272 -22.94 -6.06 -29.83
C ASP A 272 -22.50 -7.32 -29.13
N GLU A 273 -22.91 -8.46 -29.68
CA GLU A 273 -22.63 -9.78 -29.10
C GLU A 273 -23.09 -9.82 -27.65
N ILE A 274 -24.39 -9.64 -27.46
CA ILE A 274 -24.90 -9.34 -26.13
C ILE A 274 -24.69 -10.50 -25.18
N ASP A 275 -24.87 -11.72 -25.66
CA ASP A 275 -24.81 -12.86 -24.76
C ASP A 275 -23.42 -13.10 -24.21
N LYS A 276 -22.39 -12.65 -24.92
CA LYS A 276 -21.05 -12.75 -24.36
C LYS A 276 -20.87 -11.83 -23.17
N GLN A 277 -21.66 -10.76 -23.09
CA GLN A 277 -21.50 -9.81 -22.00
C GLN A 277 -21.89 -10.37 -20.65
N ASN A 278 -22.67 -11.45 -20.62
CA ASN A 278 -22.99 -12.08 -19.35
C ASN A 278 -21.72 -12.50 -18.65
N GLN A 279 -20.84 -13.17 -19.38
CA GLN A 279 -19.58 -13.58 -18.80
C GLN A 279 -18.74 -12.39 -18.39
N VAL A 280 -18.72 -11.34 -19.21
CA VAL A 280 -17.86 -10.21 -18.91
C VAL A 280 -18.33 -9.48 -17.67
N ILE A 281 -19.63 -9.27 -17.54
CA ILE A 281 -20.14 -8.64 -16.33
C ILE A 281 -19.86 -9.52 -15.13
N LEU A 282 -20.08 -10.82 -15.28
CA LEU A 282 -19.80 -11.74 -14.18
C LEU A 282 -18.36 -11.66 -13.75
N SER A 283 -17.45 -11.61 -14.71
CA SER A 283 -16.05 -11.48 -14.40
C SER A 283 -15.76 -10.19 -13.66
N GLU A 284 -16.57 -9.16 -13.88
CA GLU A 284 -16.41 -7.95 -13.10
C GLU A 284 -16.95 -8.09 -11.69
N LEU A 285 -18.07 -8.80 -11.51
CA LEU A 285 -18.66 -8.91 -10.19
C LEU A 285 -17.80 -9.76 -9.29
N CYS A 286 -17.24 -10.83 -9.82
CA CYS A 286 -16.44 -11.74 -9.03
C CYS A 286 -15.13 -11.15 -8.56
N LYS A 287 -14.73 -9.99 -9.06
CA LYS A 287 -13.50 -9.38 -8.60
C LYS A 287 -13.62 -8.76 -7.22
N GLN A 288 -14.80 -8.75 -6.63
CA GLN A 288 -15.02 -8.09 -5.35
C GLN A 288 -14.18 -8.70 -4.25
N GLN A 289 -13.43 -7.85 -3.53
CA GLN A 289 -12.50 -8.30 -2.50
C GLN A 289 -13.19 -8.60 -1.19
N ALA A 290 -12.67 -9.60 -0.49
CA ALA A 290 -13.24 -10.01 0.77
C ALA A 290 -12.89 -9.03 1.88
N GLN A 291 -13.74 -8.99 2.90
CA GLN A 291 -13.49 -8.21 4.10
C GLN A 291 -13.42 -9.15 5.29
N ASP A 292 -12.34 -9.07 6.06
CA ASP A 292 -12.21 -9.90 7.24
C ASP A 292 -13.18 -9.41 8.30
N LEU A 293 -14.16 -10.24 8.65
CA LEU A 293 -15.20 -9.77 9.56
C LEU A 293 -14.71 -9.71 10.98
N ILE A 294 -13.81 -10.59 11.38
CA ILE A 294 -13.35 -10.59 12.76
C ILE A 294 -12.63 -9.28 13.06
N TRP A 295 -11.69 -8.92 12.20
CA TRP A 295 -10.99 -7.67 12.36
C TRP A 295 -11.97 -6.50 12.28
N ALA A 296 -12.91 -6.57 11.35
CA ALA A 296 -13.83 -5.46 11.14
C ALA A 296 -14.68 -5.21 12.36
N ILE A 297 -15.27 -6.27 12.91
CA ILE A 297 -16.16 -6.07 14.05
C ILE A 297 -15.37 -5.66 15.28
N ARG A 298 -14.21 -6.25 15.51
CA ARG A 298 -13.46 -5.87 16.69
C ARG A 298 -13.00 -4.43 16.59
N THR A 299 -12.61 -4.00 15.39
CA THR A 299 -12.26 -2.60 15.21
C THR A 299 -13.44 -1.68 15.46
N LEU A 300 -14.60 -2.02 14.92
CA LEU A 300 -15.78 -1.19 15.12
C LEU A 300 -16.18 -1.15 16.58
N ARG A 301 -16.20 -2.31 17.22
CA ARG A 301 -16.53 -2.36 18.64
C ARG A 301 -15.59 -1.53 19.46
N ALA A 302 -14.29 -1.63 19.19
CA ALA A 302 -13.33 -0.90 19.98
C ALA A 302 -13.50 0.59 19.80
N ASN A 303 -13.64 1.04 18.56
CA ASN A 303 -13.63 2.47 18.33
C ASN A 303 -14.95 3.11 18.70
N PHE A 304 -16.06 2.44 18.49
CA PHE A 304 -17.34 2.96 18.96
C PHE A 304 -17.60 2.64 20.42
N ARG A 305 -16.73 3.07 21.32
CA ARG A 305 -17.17 3.13 22.69
C ARG A 305 -17.20 4.58 23.10
N ASP A 306 -16.08 5.26 22.96
CA ASP A 306 -15.98 6.60 23.47
C ASP A 306 -16.04 7.65 22.39
N HIS A 307 -15.69 7.30 21.17
CA HIS A 307 -15.33 8.30 20.18
C HIS A 307 -16.54 9.12 19.78
N GLN A 308 -16.41 10.43 19.87
CA GLN A 308 -17.52 11.36 19.74
C GLN A 308 -17.29 12.26 18.54
N LEU A 309 -18.37 12.70 17.93
CA LEU A 309 -18.28 13.74 16.91
C LEU A 309 -18.44 15.11 17.55
N GLU A 310 -17.96 16.16 16.89
CA GLU A 310 -18.14 17.46 17.50
C GLU A 310 -19.59 17.90 17.32
N SER A 311 -20.07 18.68 18.27
CA SER A 311 -21.48 18.98 18.32
C SER A 311 -21.91 20.12 17.42
N SER A 312 -21.00 20.72 16.66
CA SER A 312 -21.29 21.98 16.03
C SER A 312 -22.31 21.85 14.90
N PRO A 313 -22.98 22.95 14.56
CA PRO A 313 -23.96 22.93 13.47
C PRO A 313 -23.44 22.51 12.12
N ARG A 314 -22.12 22.40 11.96
CA ARG A 314 -21.60 21.81 10.74
C ARG A 314 -22.22 20.47 10.44
N TYR A 315 -22.36 19.63 11.43
CA TYR A 315 -23.00 18.34 11.21
C TYR A 315 -23.85 17.91 12.39
N ASP A 316 -24.68 18.83 12.87
CA ASP A 316 -25.52 18.63 14.05
C ASP A 316 -26.24 17.29 14.06
N LYS A 317 -26.81 16.89 12.94
CA LYS A 317 -27.76 15.80 13.00
C LYS A 317 -27.11 14.43 13.00
N ILE A 318 -25.83 14.35 12.63
CA ILE A 318 -25.27 13.09 12.20
C ILE A 318 -25.20 12.08 13.33
N GLU A 319 -24.74 12.49 14.50
CA GLU A 319 -24.38 11.54 15.55
C GLU A 319 -25.56 10.70 15.98
N ASP A 320 -26.78 11.20 15.83
CA ASP A 320 -27.95 10.41 16.17
C ASP A 320 -28.13 9.21 15.27
N LEU A 321 -27.55 9.23 14.07
CA LEU A 321 -27.66 8.07 13.21
C LEU A 321 -26.89 6.89 13.80
N PHE A 322 -25.92 7.16 14.65
CA PHE A 322 -25.03 6.09 15.07
C PHE A 322 -25.39 5.48 16.40
N GLU A 323 -26.23 6.13 17.18
CA GLU A 323 -26.62 5.55 18.46
C GLU A 323 -27.19 4.13 18.35
N PRO A 324 -28.07 3.80 17.40
CA PRO A 324 -28.51 2.41 17.32
C PRO A 324 -27.38 1.47 17.04
N LEU A 325 -26.49 1.86 16.12
CA LEU A 325 -25.38 1.00 15.74
C LEU A 325 -24.45 0.80 16.91
N ARG A 326 -24.15 1.88 17.63
CA ARG A 326 -23.24 1.79 18.75
C ARG A 326 -23.80 0.87 19.82
N GLU A 327 -25.09 0.99 20.09
CA GLU A 327 -25.73 0.10 21.06
C GLU A 327 -25.68 -1.34 20.60
N ARG A 328 -25.90 -1.57 19.31
CA ARG A 328 -25.83 -2.91 18.79
C ARG A 328 -24.45 -3.51 18.95
N LEU A 329 -23.41 -2.71 18.70
CA LEU A 329 -22.05 -3.23 18.83
C LEU A 329 -21.75 -3.64 20.24
N GLU A 330 -22.17 -2.84 21.22
CA GLU A 330 -21.94 -3.25 22.61
C GLU A 330 -22.65 -4.53 22.93
N GLU A 331 -23.91 -4.65 22.50
CA GLU A 331 -24.64 -5.89 22.73
C GLU A 331 -23.94 -7.07 22.08
N PHE A 332 -23.51 -6.88 20.84
CA PHE A 332 -22.88 -7.95 20.09
C PHE A 332 -21.58 -8.39 20.73
N GLY A 333 -20.74 -7.43 21.11
CA GLY A 333 -19.46 -7.76 21.69
C GLY A 333 -19.59 -8.48 23.01
N THR A 334 -20.60 -8.10 23.79
CA THR A 334 -20.83 -8.80 25.04
C THR A 334 -21.35 -10.21 24.79
N ASN A 335 -22.18 -10.39 23.77
CA ASN A 335 -22.74 -11.71 23.51
C ASN A 335 -21.67 -12.71 23.14
N TRP A 336 -20.74 -12.32 22.28
CA TRP A 336 -19.78 -13.25 21.70
C TRP A 336 -18.41 -13.11 22.31
N ASN A 337 -18.25 -12.30 23.33
CA ASN A 337 -16.97 -12.08 23.99
C ASN A 337 -15.91 -11.68 22.98
N LEU A 338 -16.15 -10.55 22.32
CA LEU A 338 -15.23 -10.09 21.30
C LEU A 338 -13.88 -9.66 21.84
N ALA A 339 -13.74 -9.53 23.16
CA ALA A 339 -12.42 -9.32 23.73
C ALA A 339 -11.48 -10.41 23.32
N PHE A 340 -11.98 -11.64 23.25
CA PHE A 340 -11.15 -12.79 22.98
C PHE A 340 -10.97 -12.96 21.49
N ALA A 341 -9.78 -13.34 21.05
CA ALA A 341 -9.61 -13.68 19.64
C ALA A 341 -10.24 -15.04 19.36
N PHE A 342 -10.16 -15.47 18.11
CA PHE A 342 -10.86 -16.65 17.65
C PHE A 342 -9.89 -17.71 17.17
N ASN A 343 -10.22 -18.98 17.41
CA ASN A 343 -9.40 -20.03 16.87
C ASN A 343 -10.24 -21.29 16.69
N THR A 344 -9.80 -22.15 15.77
CA THR A 344 -10.37 -23.47 15.59
C THR A 344 -9.53 -24.47 16.34
N GLU A 345 -10.06 -25.67 16.52
CA GLU A 345 -9.32 -26.70 17.21
C GLU A 345 -9.75 -28.12 16.82
N ASN A 350 -8.73 -28.06 11.48
CA ASN A 350 -7.48 -27.32 11.51
C ASN A 350 -6.60 -27.69 10.34
N GLU A 351 -7.02 -28.69 9.58
CA GLU A 351 -6.25 -29.12 8.42
C GLU A 351 -7.12 -28.97 7.20
N ARG A 352 -8.35 -29.34 7.35
CA ARG A 352 -9.41 -28.95 6.45
C ARG A 352 -9.70 -27.48 6.61
N PRO A 353 -10.08 -26.79 5.54
CA PRO A 353 -10.59 -25.43 5.68
C PRO A 353 -12.03 -25.48 6.16
N VAL A 354 -12.42 -24.45 6.90
CA VAL A 354 -13.82 -24.29 7.27
C VAL A 354 -14.42 -23.21 6.40
N ARG A 355 -15.48 -23.56 5.68
CA ARG A 355 -16.10 -22.65 4.74
C ARG A 355 -17.60 -22.71 4.93
N LEU A 356 -18.25 -21.61 4.69
CA LEU A 356 -19.70 -21.55 4.72
C LEU A 356 -20.17 -20.92 3.44
N PHE A 357 -21.26 -21.41 2.91
CA PHE A 357 -21.82 -20.83 1.71
C PHE A 357 -23.31 -20.71 1.90
N SER A 358 -23.86 -19.64 1.37
CA SER A 358 -25.29 -19.45 1.43
C SER A 358 -25.68 -18.47 0.35
N ASP A 359 -26.67 -18.83 -0.45
CA ASP A 359 -27.41 -17.74 -1.01
C ASP A 359 -28.21 -17.12 0.10
N ARG A 360 -28.78 -16.04 -0.18
CA ARG A 360 -29.41 -15.50 0.98
C ARG A 360 -30.75 -16.12 1.27
N SER A 361 -31.16 -17.21 0.65
CA SER A 361 -32.29 -17.97 1.14
C SER A 361 -32.22 -19.41 0.70
N PHE A 362 -32.46 -20.30 1.64
CA PHE A 362 -32.78 -21.73 1.59
C PHE A 362 -31.67 -22.62 1.04
N THR A 363 -30.56 -22.10 0.58
CA THR A 363 -29.56 -23.03 0.08
C THR A 363 -28.30 -22.89 0.92
N HIS A 364 -28.45 -22.98 2.22
CA HIS A 364 -27.31 -22.91 3.12
C HIS A 364 -26.55 -24.21 3.15
N VAL A 365 -25.22 -24.12 3.09
CA VAL A 365 -24.34 -25.27 3.02
C VAL A 365 -23.06 -24.94 3.78
N SER A 366 -22.44 -25.94 4.40
CA SER A 366 -21.21 -25.74 5.14
C SER A 366 -20.26 -26.89 4.86
N SER A 367 -18.96 -26.61 4.95
CA SER A 367 -17.98 -27.63 4.60
C SER A 367 -17.92 -28.74 5.62
N ALA A 368 -17.83 -28.40 6.90
CA ALA A 368 -17.73 -29.43 7.93
C ALA A 368 -19.07 -30.12 8.09
N THR A 369 -19.04 -31.45 8.19
CA THR A 369 -20.26 -32.23 8.10
C THR A 369 -21.19 -31.97 9.27
N HIS A 370 -20.64 -31.86 10.47
CA HIS A 370 -21.47 -31.62 11.62
C HIS A 370 -21.66 -30.13 11.87
N LYS A 371 -22.52 -29.85 12.83
CA LYS A 371 -22.86 -28.48 13.20
C LYS A 371 -21.63 -27.77 13.72
N LEU A 372 -21.39 -26.54 13.24
CA LEU A 372 -20.27 -25.74 13.71
C LEU A 372 -20.69 -24.85 14.85
N SER A 373 -20.15 -25.10 16.03
CA SER A 373 -20.44 -24.31 17.21
C SER A 373 -19.25 -23.44 17.57
N LEU A 374 -19.50 -22.47 18.44
CA LEU A 374 -18.49 -21.47 18.77
C LEU A 374 -18.67 -21.12 20.23
N LYS A 375 -17.71 -21.48 21.08
CA LYS A 375 -17.89 -21.25 22.51
C LYS A 375 -16.66 -20.60 23.11
N SER A 376 -16.90 -19.66 24.02
CA SER A 376 -15.83 -18.89 24.66
C SER A 376 -15.22 -19.69 25.79
N ASP A 377 -13.90 -19.86 25.76
CA ASP A 377 -13.20 -20.56 26.83
C ASP A 377 -12.50 -19.54 27.70
N PHE A 378 -13.18 -19.09 28.77
CA PHE A 378 -12.63 -18.07 29.64
C PHE A 378 -11.31 -18.46 30.28
N LEU A 379 -11.08 -19.75 30.50
CA LEU A 379 -9.78 -20.16 31.01
C LEU A 379 -8.69 -19.93 29.99
N ARG A 380 -9.04 -19.83 28.72
CA ARG A 380 -8.04 -19.51 27.73
C ARG A 380 -8.27 -18.20 27.04
N ARG A 381 -9.27 -17.43 27.45
CA ARG A 381 -9.50 -16.09 26.91
C ARG A 381 -9.57 -16.09 25.39
N LYS A 382 -10.14 -17.14 24.82
CA LYS A 382 -10.20 -17.26 23.38
C LYS A 382 -11.45 -18.02 22.97
N ASN A 383 -12.05 -17.56 21.87
CA ASN A 383 -13.29 -18.13 21.36
C ASN A 383 -12.96 -19.25 20.38
N LEU A 384 -13.43 -20.44 20.69
CA LEU A 384 -13.04 -21.64 19.97
C LEU A 384 -14.18 -22.09 19.08
N ILE A 385 -13.83 -22.45 17.85
CA ILE A 385 -14.78 -23.08 16.97
C ILE A 385 -14.69 -24.60 17.13
N PHE A 386 -15.81 -25.23 17.42
CA PHE A 386 -15.84 -26.68 17.63
C PHE A 386 -16.46 -27.34 16.42
N SER A 387 -16.34 -28.66 16.39
CA SER A 387 -17.26 -29.49 15.62
C SER A 387 -17.99 -30.41 16.59
N ASP A 388 -19.32 -30.36 16.55
CA ASP A 388 -20.13 -31.21 17.41
C ASP A 388 -20.86 -32.30 16.64
N LEU A 402 -22.17 -21.00 15.12
CA LEU A 402 -21.22 -20.26 14.32
C LEU A 402 -21.86 -19.48 13.21
N THR A 403 -22.67 -20.16 12.42
CA THR A 403 -23.30 -19.52 11.27
C THR A 403 -24.09 -18.30 11.70
N ARG A 404 -24.69 -18.37 12.87
CA ARG A 404 -25.38 -17.20 13.41
C ARG A 404 -24.40 -16.07 13.69
N PHE A 405 -23.24 -16.40 14.22
CA PHE A 405 -22.23 -15.36 14.45
C PHE A 405 -21.81 -14.71 13.15
N VAL A 406 -21.57 -15.50 12.12
CA VAL A 406 -21.15 -14.91 10.87
C VAL A 406 -22.24 -14.02 10.31
N ASN A 407 -23.49 -14.49 10.37
CA ASN A 407 -24.60 -13.71 9.86
C ASN A 407 -24.79 -12.43 10.64
N GLU A 408 -24.33 -12.36 11.87
CA GLU A 408 -24.48 -11.13 12.61
C GLU A 408 -23.27 -10.21 12.49
N ALA A 409 -22.09 -10.79 12.30
CA ALA A 409 -20.90 -9.98 12.09
C ALA A 409 -21.05 -9.21 10.80
N ASP A 410 -21.57 -9.89 9.79
CA ASP A 410 -22.17 -9.29 8.61
C ASP A 410 -23.04 -8.10 9.00
N VAL A 411 -24.34 -8.30 8.93
CA VAL A 411 -25.37 -7.27 9.04
C VAL A 411 -24.95 -6.04 9.82
N ILE A 412 -24.25 -6.23 10.95
CA ILE A 412 -23.69 -5.08 11.64
C ILE A 412 -22.69 -4.36 10.77
N TYR A 413 -21.82 -5.10 10.08
CA TYR A 413 -20.88 -4.46 9.17
C TYR A 413 -21.59 -3.69 8.06
N GLN A 414 -22.58 -4.29 7.41
CA GLN A 414 -23.29 -3.60 6.34
C GLN A 414 -24.04 -2.40 6.88
N TRP A 415 -24.63 -2.54 8.06
CA TRP A 415 -25.32 -1.44 8.68
C TRP A 415 -24.38 -0.29 8.92
N PHE A 416 -23.14 -0.59 9.30
CA PHE A 416 -22.15 0.46 9.45
C PHE A 416 -21.93 1.19 8.15
N LEU A 417 -21.72 0.44 7.06
CA LEU A 417 -21.52 1.10 5.78
C LEU A 417 -22.74 1.93 5.38
N GLY A 418 -23.93 1.39 5.60
CA GLY A 418 -25.13 2.12 5.25
C GLY A 418 -25.28 3.39 6.05
N THR A 419 -25.04 3.32 7.36
CA THR A 419 -25.15 4.50 8.19
C THR A 419 -24.10 5.52 7.79
N MET A 420 -22.98 5.04 7.30
CA MET A 420 -21.97 5.93 6.76
C MET A 420 -22.53 6.71 5.58
N ARG A 421 -23.22 6.02 4.67
CA ARG A 421 -23.85 6.67 3.53
C ARG A 421 -24.88 7.71 3.97
N LYS A 422 -25.74 7.33 4.90
CA LYS A 422 -26.77 8.24 5.34
C LYS A 422 -26.15 9.48 5.94
N ALA A 423 -25.13 9.30 6.76
CA ALA A 423 -24.47 10.42 7.39
C ALA A 423 -23.74 11.30 6.39
N VAL A 424 -23.15 10.70 5.36
CA VAL A 424 -22.39 11.53 4.43
C VAL A 424 -23.31 12.45 3.65
N PHE A 425 -24.44 11.96 3.12
CA PHE A 425 -25.22 12.96 2.40
C PHE A 425 -26.04 13.80 3.37
N GLN A 426 -26.20 13.35 4.61
CA GLN A 426 -26.59 14.26 5.68
C GLN A 426 -25.65 15.45 5.78
N TYR A 427 -24.35 15.18 5.81
CA TYR A 427 -23.38 16.26 5.90
C TYR A 427 -23.46 17.13 4.65
N TRP A 428 -23.73 16.49 3.51
CA TRP A 428 -23.93 17.24 2.28
C TRP A 428 -25.10 18.20 2.43
N GLU A 429 -26.20 17.75 3.03
CA GLU A 429 -27.32 18.65 3.29
C GLU A 429 -26.88 19.81 4.16
N ASN A 430 -26.15 19.51 5.23
CA ASN A 430 -25.78 20.56 6.18
C ASN A 430 -24.92 21.62 5.51
N VAL A 431 -24.00 21.22 4.65
CA VAL A 431 -23.14 22.21 4.01
C VAL A 431 -23.84 22.87 2.84
N ARG A 432 -24.75 22.16 2.16
CA ARG A 432 -25.62 22.82 1.18
C ARG A 432 -26.44 23.91 1.83
N GLY A 433 -26.73 23.76 3.12
CA GLY A 433 -27.28 24.83 3.91
C GLY A 433 -26.34 26.01 4.10
N LEU A 434 -25.12 25.92 3.59
CA LEU A 434 -24.19 27.05 3.67
C LEU A 434 -23.71 27.49 2.30
N LEU A 444 -19.85 20.32 -6.63
CA LEU A 444 -20.72 20.09 -5.49
C LEU A 444 -20.33 18.80 -4.80
N GLU A 445 -19.74 17.88 -5.57
CA GLU A 445 -19.27 16.63 -5.00
C GLU A 445 -18.03 16.84 -4.12
N GLY A 446 -17.43 18.02 -4.16
CA GLY A 446 -16.22 18.27 -3.38
C GLY A 446 -16.39 18.09 -1.89
N THR A 447 -17.63 18.14 -1.39
CA THR A 447 -17.84 17.86 0.02
C THR A 447 -17.84 16.38 0.32
N PHE A 448 -17.94 15.52 -0.69
CA PHE A 448 -18.02 14.08 -0.44
C PHE A 448 -16.80 13.56 0.28
N GLN A 449 -15.61 13.82 -0.26
CA GLN A 449 -14.41 13.28 0.35
C GLN A 449 -14.17 13.90 1.72
N GLU A 450 -14.42 15.20 1.86
CA GLU A 450 -14.15 15.79 3.16
C GLU A 450 -15.15 15.31 4.19
N ALA A 451 -16.36 14.96 3.77
CA ALA A 451 -17.31 14.36 4.69
C ALA A 451 -16.83 13.01 5.16
N VAL A 452 -16.45 12.15 4.22
CA VAL A 452 -16.03 10.81 4.60
C VAL A 452 -14.81 10.85 5.51
N GLN A 453 -13.83 11.67 5.16
CA GLN A 453 -12.64 11.71 6.01
C GLN A 453 -12.93 12.37 7.35
N SER A 454 -13.78 13.39 7.39
CA SER A 454 -14.07 14.01 8.67
C SER A 454 -14.73 13.01 9.60
N LEU A 455 -15.64 12.22 9.08
CA LEU A 455 -16.35 11.28 9.93
C LEU A 455 -15.46 10.13 10.35
N LEU A 456 -14.69 9.56 9.43
CA LEU A 456 -13.82 8.47 9.80
C LEU A 456 -12.72 8.93 10.75
N THR A 457 -12.28 10.17 10.62
CA THR A 457 -11.26 10.66 11.53
C THR A 457 -11.80 10.79 12.94
N HIS A 458 -12.99 11.36 13.10
CA HIS A 458 -13.53 11.53 14.44
C HIS A 458 -13.71 10.20 15.12
N PHE A 459 -14.25 9.23 14.41
CA PHE A 459 -14.42 7.91 14.97
C PHE A 459 -13.18 7.08 14.90
N ASN A 460 -12.08 7.63 14.38
CA ASN A 460 -10.80 6.94 14.33
C ASN A 460 -10.88 5.67 13.51
N LEU A 461 -11.79 5.64 12.54
CA LEU A 461 -12.02 4.45 11.74
C LEU A 461 -11.38 4.55 10.37
N GLN A 462 -10.19 5.13 10.32
CA GLN A 462 -9.61 5.50 9.04
C GLN A 462 -9.29 4.30 8.17
N GLU A 463 -9.22 3.11 8.75
CA GLU A 463 -8.91 1.93 7.96
C GLU A 463 -9.98 1.64 6.93
N PHE A 464 -11.21 2.02 7.22
CA PHE A 464 -12.32 1.57 6.42
C PHE A 464 -12.54 2.39 5.17
N GLU A 465 -11.73 3.42 4.96
CA GLU A 465 -12.02 4.42 3.96
C GLU A 465 -12.16 3.79 2.57
N SER A 466 -11.39 2.75 2.30
CA SER A 466 -11.56 2.02 1.06
C SER A 466 -12.94 1.40 0.96
N ALA A 467 -13.37 0.72 2.01
CA ALA A 467 -14.66 0.04 1.97
C ALA A 467 -15.80 1.04 1.94
N VAL A 468 -15.65 2.17 2.62
CA VAL A 468 -16.70 3.19 2.59
C VAL A 468 -16.87 3.72 1.18
N TYR A 469 -15.77 4.03 0.49
CA TYR A 469 -15.92 4.46 -0.90
C TYR A 469 -16.56 3.39 -1.77
N GLU A 470 -16.12 2.15 -1.64
CA GLU A 470 -16.69 1.14 -2.50
C GLU A 470 -18.14 0.83 -2.18
N SER A 471 -18.62 1.23 -1.01
CA SER A 471 -20.02 0.98 -0.67
C SER A 471 -20.95 1.75 -1.57
N PHE A 472 -20.54 2.93 -2.05
CA PHE A 472 -21.44 3.70 -2.90
C PHE A 472 -21.60 3.05 -4.27
N ASP A 473 -20.55 2.41 -4.76
CA ASP A 473 -20.60 1.85 -6.10
C ASP A 473 -21.28 0.49 -6.11
N THR A 474 -20.92 -0.38 -5.19
CA THR A 474 -21.48 -1.73 -5.21
C THR A 474 -22.92 -1.74 -4.71
N SER A 489 -44.90 -10.05 1.06
CA SER A 489 -43.60 -10.54 0.64
C SER A 489 -43.16 -9.71 -0.54
N SER A 490 -42.28 -10.24 -1.36
CA SER A 490 -41.72 -9.49 -2.46
C SER A 490 -41.33 -10.47 -3.55
N SER A 491 -41.00 -9.94 -4.71
CA SER A 491 -40.46 -10.77 -5.77
C SER A 491 -39.11 -11.30 -5.35
N LYS A 492 -39.02 -12.59 -5.09
CA LYS A 492 -37.75 -13.22 -4.75
C LYS A 492 -37.18 -13.87 -6.00
N SER A 493 -35.91 -13.65 -6.23
CA SER A 493 -35.19 -14.35 -7.27
C SER A 493 -33.72 -14.27 -6.94
N TYR A 494 -32.96 -15.27 -7.35
CA TYR A 494 -31.53 -15.23 -7.09
C TYR A 494 -30.90 -14.04 -7.73
N HIS A 495 -31.35 -13.69 -8.92
CA HIS A 495 -30.59 -12.79 -9.77
C HIS A 495 -30.41 -11.43 -9.17
N HIS A 496 -31.20 -11.07 -8.18
CA HIS A 496 -30.97 -9.85 -7.46
C HIS A 496 -30.79 -10.04 -5.97
N THR A 497 -30.65 -11.27 -5.48
CA THR A 497 -30.22 -11.44 -4.10
C THR A 497 -28.82 -12.00 -3.99
N GLY A 498 -28.30 -12.66 -5.01
CA GLY A 498 -26.91 -13.02 -5.00
C GLY A 498 -26.57 -14.09 -3.98
N LEU A 499 -25.31 -14.12 -3.54
CA LEU A 499 -24.84 -15.19 -2.69
C LEU A 499 -23.79 -14.68 -1.74
N LYS A 500 -23.48 -15.49 -0.74
CA LYS A 500 -22.54 -15.15 0.31
C LYS A 500 -21.65 -16.33 0.60
N LEU A 501 -20.34 -16.11 0.60
CA LEU A 501 -19.37 -17.18 0.80
C LEU A 501 -18.38 -16.72 1.84
N VAL A 502 -18.12 -17.55 2.84
CA VAL A 502 -17.29 -17.21 3.98
C VAL A 502 -16.25 -18.30 4.19
N GLU A 503 -14.98 -17.90 4.25
CA GLU A 503 -13.90 -18.83 4.49
C GLU A 503 -13.19 -18.45 5.77
N VAL A 504 -12.95 -19.44 6.63
CA VAL A 504 -12.28 -19.23 7.90
C VAL A 504 -10.92 -19.90 7.84
N ALA A 505 -9.86 -19.10 7.92
CA ALA A 505 -8.52 -19.64 7.78
C ALA A 505 -7.60 -18.90 8.73
N HIS A 506 -6.50 -19.57 9.06
CA HIS A 506 -5.55 -19.00 10.00
C HIS A 506 -4.91 -17.77 9.40
N ASN A 507 -4.71 -16.75 10.21
CA ASN A 507 -3.99 -15.58 9.74
C ASN A 507 -2.58 -15.96 9.36
N GLN A 508 -1.99 -15.20 8.44
CA GLN A 508 -0.63 -15.48 8.02
C GLN A 508 0.31 -15.43 9.21
N GLY A 509 1.15 -16.45 9.30
CA GLY A 509 2.14 -16.47 10.34
C GLY A 509 1.61 -16.62 11.73
N THR A 510 0.38 -17.09 11.91
CA THR A 510 -0.06 -17.48 13.24
C THR A 510 -0.63 -18.88 13.18
N ARG A 511 -0.64 -19.52 14.33
CA ARG A 511 -1.28 -20.81 14.50
C ARG A 511 -2.43 -20.78 15.49
N ASP A 512 -2.80 -19.60 16.00
CA ASP A 512 -3.79 -19.49 17.05
C ASP A 512 -4.92 -18.52 16.73
N THR A 513 -4.94 -17.92 15.55
CA THR A 513 -5.96 -16.95 15.23
C THR A 513 -6.45 -17.15 13.80
N VAL A 514 -7.76 -17.08 13.62
CA VAL A 514 -8.40 -17.26 12.33
C VAL A 514 -9.14 -15.99 11.97
N ASN A 515 -9.37 -15.79 10.69
CA ASN A 515 -10.20 -14.71 10.17
C ASN A 515 -11.44 -15.26 9.47
N CYS A 516 -12.40 -14.39 9.21
CA CYS A 516 -13.60 -14.73 8.45
C CYS A 516 -13.66 -13.81 7.26
N LYS A 517 -13.23 -14.30 6.11
CA LYS A 517 -13.14 -13.45 4.93
C LYS A 517 -14.39 -13.65 4.10
N ALA A 518 -15.38 -12.80 4.33
CA ALA A 518 -16.66 -12.92 3.64
C ALA A 518 -16.59 -12.30 2.25
N SER A 519 -17.24 -12.96 1.30
CA SER A 519 -17.31 -12.51 -0.09
C SER A 519 -18.77 -12.46 -0.49
N PHE A 520 -19.11 -11.56 -1.41
CA PHE A 520 -20.51 -11.30 -1.68
C PHE A 520 -20.71 -11.12 -3.17
N LEU A 521 -21.89 -11.53 -3.64
CA LEU A 521 -22.48 -10.99 -4.84
C LEU A 521 -23.83 -10.44 -4.47
N ASN A 522 -24.06 -9.18 -4.74
CA ASN A 522 -25.39 -8.66 -4.51
C ASN A 522 -26.33 -8.97 -5.64
N THR A 523 -25.82 -9.42 -6.77
CA THR A 523 -26.62 -9.53 -7.97
C THR A 523 -25.94 -10.49 -8.92
N SER A 524 -26.57 -10.72 -10.06
CA SER A 524 -26.02 -11.55 -11.11
C SER A 524 -26.13 -10.74 -12.39
N PRO A 525 -25.37 -11.07 -13.41
CA PRO A 525 -25.39 -10.25 -14.62
C PRO A 525 -26.77 -10.00 -15.20
N SER A 526 -27.71 -10.93 -15.04
CA SER A 526 -29.06 -10.63 -15.47
C SER A 526 -29.71 -9.60 -14.58
N GLY A 527 -29.35 -9.56 -13.31
CA GLY A 527 -29.87 -8.51 -12.45
C GLY A 527 -29.32 -7.15 -12.82
N VAL A 528 -28.05 -7.10 -13.20
CA VAL A 528 -27.46 -5.85 -13.65
C VAL A 528 -28.14 -5.36 -14.92
N LEU A 529 -28.36 -6.26 -15.87
CA LEU A 529 -29.00 -5.88 -17.11
C LEU A 529 -30.41 -5.37 -16.88
N ALA A 530 -31.16 -6.02 -15.99
CA ALA A 530 -32.51 -5.55 -15.71
C ALA A 530 -32.48 -4.23 -14.98
N ASP A 531 -31.50 -4.00 -14.10
CA ASP A 531 -31.40 -2.68 -13.48
C ASP A 531 -31.12 -1.61 -14.51
N MET A 532 -30.27 -1.91 -15.47
CA MET A 532 -29.96 -0.93 -16.50
C MET A 532 -31.20 -0.56 -17.29
N VAL A 533 -32.06 -1.53 -17.55
CA VAL A 533 -33.31 -1.21 -18.24
C VAL A 533 -34.23 -0.40 -17.34
N ASP A 534 -34.33 -0.77 -16.07
CA ASP A 534 -35.23 -0.05 -15.18
C ASP A 534 -34.79 1.38 -14.95
N ALA A 535 -33.50 1.67 -15.06
CA ALA A 535 -33.09 3.07 -15.00
C ALA A 535 -33.35 3.81 -16.29
N GLY A 536 -33.92 3.17 -17.29
CA GLY A 536 -34.39 3.86 -18.47
C GLY A 536 -33.55 3.72 -19.71
N ALA A 537 -32.49 2.94 -19.68
CA ALA A 537 -31.69 2.76 -20.87
C ALA A 537 -32.48 2.00 -21.92
N VAL A 538 -32.17 2.25 -23.18
CA VAL A 538 -32.73 1.49 -24.28
C VAL A 538 -31.61 0.64 -24.85
N ILE A 539 -31.70 -0.66 -24.71
CA ILE A 539 -30.61 -1.55 -25.04
C ILE A 539 -30.96 -2.33 -26.29
N LEU A 540 -30.04 -2.38 -27.24
CA LEU A 540 -30.18 -3.25 -28.39
C LEU A 540 -29.12 -4.33 -28.32
N GLY A 541 -29.55 -5.56 -28.17
CA GLY A 541 -28.63 -6.67 -28.10
C GLY A 541 -28.35 -7.37 -29.40
N ILE A 542 -27.61 -6.79 -30.33
CA ILE A 542 -27.38 -7.48 -31.58
C ILE A 542 -26.48 -8.67 -31.32
N SER A 543 -26.97 -9.87 -31.59
CA SER A 543 -26.15 -11.07 -31.52
C SER A 543 -26.90 -12.20 -32.18
N ALA A 544 -26.19 -13.02 -32.94
CA ALA A 544 -26.83 -14.08 -33.70
C ALA A 544 -27.52 -15.10 -32.82
N THR A 545 -27.16 -15.16 -31.55
CA THR A 545 -27.75 -16.08 -30.60
C THR A 545 -28.19 -15.38 -29.34
N ALA A 546 -28.72 -14.16 -29.47
CA ALA A 546 -29.04 -13.36 -28.30
C ALA A 546 -30.02 -14.06 -27.38
N ARG A 547 -30.80 -14.99 -27.90
CA ARG A 547 -31.78 -15.68 -27.08
C ARG A 547 -31.51 -17.17 -27.01
N ALA A 548 -30.25 -17.55 -26.90
CA ALA A 548 -29.92 -18.94 -26.64
C ALA A 548 -30.52 -19.35 -25.31
N ASP A 549 -31.07 -20.55 -25.25
CA ASP A 549 -31.78 -20.94 -24.05
C ASP A 549 -30.81 -21.49 -23.02
N THR A 550 -29.82 -20.72 -22.65
CA THR A 550 -28.91 -21.12 -21.60
C THR A 550 -28.83 -20.00 -20.59
N VAL A 551 -28.41 -20.36 -19.38
CA VAL A 551 -28.31 -19.41 -18.30
C VAL A 551 -26.89 -19.33 -17.79
N ILE A 552 -26.00 -20.13 -18.35
CA ILE A 552 -24.58 -20.04 -18.08
C ILE A 552 -23.89 -19.13 -19.07
N HIS A 553 -24.21 -19.29 -20.35
CA HIS A 553 -23.54 -18.59 -21.42
C HIS A 553 -24.38 -17.48 -22.01
N ASN A 554 -25.38 -17.02 -21.27
CA ASN A 554 -26.30 -16.00 -21.73
C ASN A 554 -27.04 -15.47 -20.52
N PHE A 555 -27.74 -14.37 -20.68
CA PHE A 555 -28.56 -13.89 -19.58
C PHE A 555 -29.77 -14.81 -19.40
N ASP A 556 -30.43 -14.65 -18.26
CA ASP A 556 -31.52 -15.54 -17.88
C ASP A 556 -32.80 -14.91 -18.39
N PHE A 557 -33.14 -15.16 -19.64
CA PHE A 557 -34.26 -14.43 -20.23
C PHE A 557 -35.60 -14.79 -19.66
N LYS A 558 -35.71 -15.88 -18.91
CA LYS A 558 -36.93 -16.10 -18.15
C LYS A 558 -37.08 -15.05 -17.08
N TYR A 559 -36.00 -14.79 -16.34
CA TYR A 559 -36.03 -13.75 -15.32
C TYR A 559 -36.25 -12.38 -15.92
N LEU A 560 -35.54 -12.08 -17.00
CA LEU A 560 -35.69 -10.77 -17.61
C LEU A 560 -37.09 -10.56 -18.13
N ASN A 561 -37.67 -11.59 -18.73
CA ASN A 561 -39.05 -11.50 -19.16
C ASN A 561 -39.98 -11.24 -18.00
N GLU A 562 -39.75 -11.89 -16.87
CA GLU A 562 -40.61 -11.68 -15.72
C GLU A 562 -40.44 -10.30 -15.13
N ARG A 563 -39.21 -9.86 -14.95
CA ARG A 563 -39.01 -8.59 -14.26
C ARG A 563 -39.37 -7.40 -15.13
N LEU A 564 -39.01 -7.45 -16.40
CA LEU A 564 -39.28 -6.34 -17.28
C LEU A 564 -40.70 -6.36 -17.82
N GLY A 565 -41.31 -7.52 -17.88
CA GLY A 565 -42.64 -7.57 -18.44
C GLY A 565 -42.60 -7.24 -19.91
N ASN A 566 -43.41 -6.27 -20.31
CA ASN A 566 -43.44 -5.86 -21.71
C ASN A 566 -42.39 -4.82 -22.07
N LYS A 567 -41.45 -4.51 -21.17
CA LYS A 567 -40.28 -3.78 -21.62
C LYS A 567 -39.29 -4.65 -22.36
N LEU A 568 -39.30 -5.95 -22.15
CA LEU A 568 -38.48 -6.85 -22.95
C LEU A 568 -39.19 -7.01 -24.27
N LEU A 569 -38.75 -6.24 -25.26
CA LEU A 569 -39.37 -6.28 -26.58
C LEU A 569 -38.98 -7.55 -27.29
N SER A 570 -39.70 -7.87 -28.35
CA SER A 570 -39.40 -9.05 -29.12
C SER A 570 -39.88 -8.86 -30.55
N LEU A 571 -39.25 -9.58 -31.46
CA LEU A 571 -39.68 -9.52 -32.84
C LEU A 571 -40.98 -10.29 -33.02
N SER A 572 -41.98 -9.61 -33.57
CA SER A 572 -43.22 -10.27 -33.92
C SER A 572 -42.98 -11.34 -34.97
N ARG A 573 -43.93 -12.26 -35.11
CA ARG A 573 -43.77 -13.32 -36.09
C ARG A 573 -43.68 -12.77 -37.49
N GLU A 574 -44.43 -11.70 -37.78
CA GLU A 574 -44.31 -11.02 -39.06
C GLU A 574 -42.88 -10.59 -39.31
N GLN A 575 -42.29 -9.91 -38.33
CA GLN A 575 -40.96 -9.35 -38.52
C GLN A 575 -39.93 -10.44 -38.68
N LYS A 576 -40.04 -11.52 -37.91
CA LYS A 576 -39.13 -12.64 -38.10
C LYS A 576 -39.24 -13.21 -39.49
N GLN A 577 -40.47 -13.31 -39.99
CA GLN A 577 -40.65 -13.81 -41.35
C GLN A 577 -40.00 -12.87 -42.36
N ARG A 578 -40.17 -11.57 -42.16
CA ARG A 578 -39.59 -10.60 -43.08
C ARG A 578 -38.07 -10.67 -43.07
N VAL A 579 -37.47 -10.78 -41.87
CA VAL A 579 -36.03 -10.92 -41.78
C VAL A 579 -35.57 -12.21 -42.43
N ASN A 580 -36.34 -13.28 -42.29
CA ASN A 580 -35.99 -14.52 -42.97
C ASN A 580 -35.97 -14.35 -44.48
N ASN A 581 -36.98 -13.66 -45.01
CA ASN A 581 -37.01 -13.41 -46.44
C ASN A 581 -35.79 -12.64 -46.89
N TYR A 582 -35.45 -11.60 -46.14
CA TYR A 582 -34.28 -10.78 -46.47
C TYR A 582 -33.02 -11.61 -46.43
N TYR A 583 -32.90 -12.47 -45.42
CA TYR A 583 -31.72 -13.31 -45.31
C TYR A 583 -31.62 -14.24 -46.51
N HIS A 584 -32.73 -14.83 -46.93
CA HIS A 584 -32.69 -15.64 -48.14
C HIS A 584 -32.31 -14.81 -49.36
N SER A 585 -32.74 -13.55 -49.41
CA SER A 585 -32.35 -12.72 -50.53
C SER A 585 -30.84 -12.51 -50.56
N ARG A 586 -30.23 -12.30 -49.40
CA ARG A 586 -28.79 -12.06 -49.38
C ARG A 586 -27.98 -13.33 -49.52
N ARG A 587 -28.51 -14.48 -49.11
CA ARG A 587 -27.74 -15.72 -49.11
C ARG A 587 -28.57 -16.87 -49.68
N ASN A 588 -29.16 -16.66 -50.86
CA ASN A 588 -29.97 -17.69 -51.50
C ASN A 588 -29.06 -18.83 -51.95
N TYR A 589 -28.84 -19.77 -51.04
CA TYR A 589 -28.04 -20.95 -51.40
C TYR A 589 -28.73 -21.80 -52.44
N LYS A 590 -30.04 -21.94 -52.31
CA LYS A 590 -30.75 -22.97 -53.06
C LYS A 590 -30.81 -22.64 -54.54
N ASP A 591 -31.20 -21.41 -54.88
CA ASP A 591 -31.42 -21.07 -56.28
C ASP A 591 -30.15 -21.01 -57.08
N ASN A 592 -29.01 -20.76 -56.44
CA ASN A 592 -27.75 -20.77 -57.15
C ASN A 592 -27.04 -22.11 -57.08
N GLY A 593 -27.70 -23.12 -56.51
CA GLY A 593 -27.18 -24.47 -56.60
C GLY A 593 -26.06 -24.83 -55.65
N VAL A 594 -25.99 -24.21 -54.47
CA VAL A 594 -25.00 -24.60 -53.48
C VAL A 594 -25.51 -25.79 -52.70
N VAL A 595 -24.67 -26.81 -52.55
CA VAL A 595 -25.01 -28.07 -51.90
C VAL A 595 -24.27 -28.16 -50.58
N LEU A 596 -25.02 -28.42 -49.51
CA LEU A 596 -24.45 -28.57 -48.17
C LEU A 596 -24.38 -30.05 -47.81
N THR A 597 -23.19 -30.57 -47.60
CA THR A 597 -22.98 -31.98 -47.28
C THR A 597 -22.54 -32.12 -45.83
N VAL A 598 -23.25 -32.93 -45.08
CA VAL A 598 -22.98 -33.16 -43.67
C VAL A 598 -22.72 -34.64 -43.46
N LYS A 599 -21.61 -34.95 -42.81
CA LYS A 599 -21.33 -36.32 -42.37
C LYS A 599 -20.89 -36.29 -40.93
N TYR A 600 -21.34 -37.28 -40.17
CA TYR A 600 -21.00 -37.39 -38.77
C TYR A 600 -19.97 -38.49 -38.61
N LEU A 601 -18.87 -38.18 -37.91
CA LEU A 601 -17.67 -39.00 -37.96
C LEU A 601 -17.51 -39.78 -36.67
N ASN A 602 -17.55 -41.10 -36.77
CA ASN A 602 -17.29 -41.96 -35.65
C ASN A 602 -15.79 -42.18 -35.50
N SER A 603 -15.39 -42.66 -34.33
CA SER A 603 -14.03 -43.14 -34.18
C SER A 603 -13.87 -44.44 -34.97
N ARG A 604 -12.82 -44.50 -35.78
CA ARG A 604 -12.60 -45.60 -36.69
C ARG A 604 -11.21 -46.14 -36.37
N ASP A 605 -11.13 -47.06 -35.41
CA ASP A 605 -9.84 -47.39 -34.80
C ASP A 605 -8.91 -48.08 -35.79
N ALA A 606 -9.43 -49.01 -36.59
CA ALA A 606 -8.57 -49.73 -37.53
C ALA A 606 -7.96 -48.79 -38.57
N PHE A 607 -8.77 -47.83 -39.02
CA PHE A 607 -8.31 -46.81 -39.96
C PHE A 607 -7.11 -46.05 -39.40
N LEU A 608 -7.23 -45.59 -38.15
CA LEU A 608 -6.12 -44.92 -37.49
C LEU A 608 -4.93 -45.86 -37.33
N ASP A 609 -5.18 -47.12 -36.98
CA ASP A 609 -4.08 -48.06 -36.78
C ASP A 609 -3.30 -48.27 -38.07
N ALA A 610 -4.01 -48.41 -39.19
CA ALA A 610 -3.35 -48.59 -40.46
C ALA A 610 -2.45 -47.41 -40.78
N LEU A 611 -3.00 -46.20 -40.69
CA LEU A 611 -2.21 -45.01 -41.00
C LEU A 611 -1.04 -44.85 -40.04
N LEU A 612 -1.27 -45.10 -38.75
CA LEU A 612 -0.22 -44.89 -37.77
C LEU A 612 0.94 -45.83 -38.02
N GLU A 613 0.65 -47.10 -38.25
CA GLU A 613 1.74 -48.04 -38.47
C GLU A 613 2.40 -47.81 -39.81
N GLU A 614 1.73 -47.15 -40.74
CA GLU A 614 2.44 -46.70 -41.94
C GLU A 614 3.40 -45.57 -41.61
N TYR A 615 3.06 -44.74 -40.63
CA TYR A 615 3.97 -43.68 -40.20
C TYR A 615 5.22 -44.27 -39.56
N LYS A 616 5.09 -45.40 -38.87
CA LYS A 616 6.23 -46.07 -38.24
C LYS A 616 6.16 -47.56 -38.54
N PRO A 617 6.53 -47.95 -39.77
CA PRO A 617 6.47 -49.37 -40.13
C PRO A 617 7.45 -50.24 -39.37
N GLU A 618 8.52 -49.67 -38.82
CA GLU A 618 9.53 -50.45 -38.11
C GLU A 618 9.13 -50.79 -36.68
N ALA A 619 8.11 -50.14 -36.14
CA ALA A 619 7.81 -50.23 -34.72
C ALA A 619 6.96 -51.45 -34.39
N ARG A 620 6.72 -51.63 -33.10
CA ARG A 620 6.04 -52.83 -32.62
C ARG A 620 4.56 -52.81 -32.98
N SER A 621 3.84 -51.81 -32.49
CA SER A 621 2.39 -51.79 -32.59
C SER A 621 1.92 -50.34 -32.53
N SER A 622 0.67 -50.14 -32.93
CA SER A 622 0.12 -48.78 -32.98
C SER A 622 0.16 -48.12 -31.61
N HIS A 623 -0.34 -48.81 -30.58
CA HIS A 623 -0.35 -48.22 -29.24
C HIS A 623 1.06 -47.97 -28.74
N PHE A 624 2.00 -48.86 -29.11
CA PHE A 624 3.40 -48.58 -28.86
C PHE A 624 3.81 -47.27 -29.51
N ILE A 625 3.32 -46.99 -30.71
CA ILE A 625 3.72 -45.77 -31.41
C ILE A 625 3.13 -44.55 -30.72
N LEU A 626 1.86 -44.64 -30.29
CA LEU A 626 1.25 -43.55 -29.53
C LEU A 626 2.06 -43.26 -28.27
N ASN A 627 2.49 -44.32 -27.58
CA ASN A 627 3.23 -44.12 -26.35
C ASN A 627 4.64 -43.61 -26.62
N HIS A 628 5.31 -44.22 -27.58
CA HIS A 628 6.73 -43.99 -27.82
C HIS A 628 6.97 -42.75 -28.65
N TYR A 629 6.47 -42.72 -29.88
CA TYR A 629 6.80 -41.66 -30.82
C TYR A 629 5.93 -40.43 -30.61
N LEU A 630 4.65 -40.62 -30.29
CA LEU A 630 3.75 -39.49 -30.09
C LEU A 630 3.70 -39.01 -28.64
N GLY A 631 4.16 -39.81 -27.69
CA GLY A 631 4.18 -39.38 -26.31
C GLY A 631 2.87 -39.51 -25.58
N ILE A 632 1.90 -40.22 -26.14
CA ILE A 632 0.58 -40.35 -25.52
C ILE A 632 0.64 -41.46 -24.48
N ALA A 633 0.45 -41.11 -23.22
CA ALA A 633 0.31 -42.12 -22.17
C ALA A 633 -0.90 -42.99 -22.45
N GLU A 634 -0.76 -44.29 -22.12
CA GLU A 634 -1.84 -45.23 -22.40
C GLU A 634 -3.10 -44.91 -21.62
N SER A 635 -3.00 -44.11 -20.56
CA SER A 635 -4.19 -43.62 -19.89
C SER A 635 -5.00 -42.72 -20.81
N GLU A 636 -4.35 -41.99 -21.70
CA GLU A 636 -5.02 -41.08 -22.60
C GLU A 636 -5.29 -41.67 -23.97
N GLN A 637 -4.70 -42.83 -24.26
CA GLN A 637 -4.62 -43.29 -25.64
C GLN A 637 -5.99 -43.60 -26.22
N ALA A 638 -6.89 -44.16 -25.42
CA ALA A 638 -8.23 -44.42 -25.94
C ALA A 638 -8.92 -43.12 -26.33
N PHE A 639 -8.82 -42.10 -25.48
CA PHE A 639 -9.41 -40.80 -25.78
C PHE A 639 -8.76 -40.17 -27.02
N VAL A 640 -7.44 -40.20 -27.07
CA VAL A 640 -6.73 -39.57 -28.16
C VAL A 640 -7.06 -40.26 -29.47
N ARG A 641 -7.19 -41.58 -29.46
CA ARG A 641 -7.61 -42.29 -30.65
C ARG A 641 -8.98 -41.84 -31.11
N SER A 642 -9.94 -41.78 -30.17
CA SER A 642 -11.31 -41.46 -30.55
C SER A 642 -11.38 -40.07 -31.14
N TRP A 643 -10.63 -39.15 -30.58
CA TRP A 643 -10.36 -37.86 -31.19
C TRP A 643 -9.72 -37.94 -32.57
N LEU A 644 -8.49 -38.44 -32.63
CA LEU A 644 -7.64 -38.19 -33.77
C LEU A 644 -8.15 -38.91 -35.00
N SER A 645 -8.78 -40.06 -34.83
CA SER A 645 -9.32 -40.77 -35.98
C SER A 645 -10.40 -39.96 -36.66
N LYS A 646 -11.26 -39.31 -35.87
CA LYS A 646 -12.29 -38.47 -36.47
C LYS A 646 -11.66 -37.31 -37.21
N LEU A 647 -10.65 -36.68 -36.63
CA LEU A 647 -10.01 -35.56 -37.28
C LEU A 647 -9.39 -35.98 -38.61
N LEU A 648 -8.63 -37.08 -38.60
CA LEU A 648 -7.97 -37.54 -39.81
C LEU A 648 -8.97 -37.97 -40.87
N ALA A 649 -10.07 -38.59 -40.45
CA ALA A 649 -11.09 -38.98 -41.42
C ALA A 649 -11.67 -37.77 -42.12
N SER A 650 -11.93 -36.70 -41.36
CA SER A 650 -12.42 -35.48 -41.98
C SER A 650 -11.41 -34.92 -42.96
N ILE A 651 -10.13 -34.91 -42.57
CA ILE A 651 -9.09 -34.38 -43.44
C ILE A 651 -9.03 -35.14 -44.74
N LYS A 652 -9.01 -36.47 -44.66
CA LYS A 652 -8.94 -37.29 -45.86
C LYS A 652 -10.12 -37.03 -46.78
N ALA A 653 -11.31 -36.88 -46.22
CA ALA A 653 -12.46 -36.58 -47.06
C ALA A 653 -12.34 -35.21 -47.71
N PHE A 654 -11.76 -34.25 -46.99
CA PHE A 654 -11.53 -32.93 -47.58
C PHE A 654 -10.56 -33.00 -48.74
N ILE A 655 -9.46 -33.72 -48.57
CA ILE A 655 -8.45 -33.77 -49.62
C ILE A 655 -9.01 -34.42 -50.87
N SER A 656 -9.82 -35.46 -50.69
CA SER A 656 -10.43 -36.13 -51.83
C SER A 656 -11.40 -35.25 -52.59
N SER A 657 -12.01 -34.27 -51.95
CA SER A 657 -12.95 -33.45 -52.66
C SER A 657 -12.22 -32.62 -53.69
N PRO A 658 -12.73 -32.55 -54.90
CA PRO A 658 -12.06 -31.75 -55.94
C PRO A 658 -12.02 -30.26 -55.64
N ASP A 659 -13.20 -29.66 -55.47
CA ASP A 659 -13.30 -28.21 -55.57
C ASP A 659 -12.80 -27.50 -54.33
N ASN A 660 -12.88 -28.16 -53.18
CA ASN A 660 -12.68 -27.46 -51.92
C ASN A 660 -11.20 -27.20 -51.69
N ARG A 661 -10.88 -26.01 -51.18
CA ARG A 661 -9.50 -25.64 -50.92
C ARG A 661 -9.25 -25.10 -49.53
N TYR A 662 -10.28 -24.83 -48.74
CA TYR A 662 -10.15 -24.09 -47.50
C TYR A 662 -10.91 -24.86 -46.42
N MET A 663 -10.23 -25.69 -45.65
CA MET A 663 -10.88 -26.40 -44.55
C MET A 663 -10.42 -25.85 -43.22
N LEU A 664 -11.38 -25.50 -42.38
CA LEU A 664 -11.13 -24.97 -41.04
C LEU A 664 -11.49 -26.01 -40.01
N SER A 665 -10.53 -26.41 -39.20
CA SER A 665 -10.73 -27.41 -38.18
C SER A 665 -10.87 -26.71 -36.84
N LEU A 666 -11.98 -26.96 -36.17
CA LEU A 666 -12.25 -26.34 -34.88
C LEU A 666 -12.13 -27.41 -33.80
N LEU A 667 -11.00 -27.41 -33.12
CA LEU A 667 -10.80 -28.32 -32.01
C LEU A 667 -11.05 -27.59 -30.70
N ASN A 668 -11.11 -28.35 -29.63
CA ASN A 668 -11.14 -27.71 -28.33
C ASN A 668 -9.78 -27.21 -27.92
N ARG A 669 -8.73 -27.73 -28.54
CA ARG A 669 -7.36 -27.60 -28.07
C ARG A 669 -6.45 -27.16 -29.20
N THR A 670 -5.35 -26.52 -28.84
CA THR A 670 -4.43 -25.95 -29.81
C THR A 670 -3.41 -27.00 -30.23
N LEU A 671 -3.39 -27.32 -31.52
CA LEU A 671 -2.35 -28.17 -32.08
C LEU A 671 -1.12 -27.31 -32.37
N ASP A 672 -0.26 -27.19 -31.38
CA ASP A 672 0.95 -26.40 -31.50
C ASP A 672 2.17 -27.27 -31.22
N THR A 673 3.30 -26.60 -31.03
CA THR A 673 4.57 -27.29 -30.79
C THR A 673 4.56 -28.16 -29.54
N THR A 674 3.69 -27.87 -28.57
CA THR A 674 3.62 -28.75 -27.41
C THR A 674 2.93 -30.07 -27.74
N ARG A 675 2.28 -30.14 -28.89
CA ARG A 675 1.79 -31.40 -29.44
C ARG A 675 2.44 -31.67 -30.78
N GLN A 676 3.72 -31.33 -30.89
CA GLN A 676 4.40 -31.33 -32.19
C GLN A 676 4.47 -32.73 -32.78
N ASN A 677 4.57 -33.75 -31.94
CA ASN A 677 4.58 -35.13 -32.45
C ASN A 677 3.30 -35.43 -33.20
N ILE A 678 2.17 -35.02 -32.62
CA ILE A 678 0.88 -35.19 -33.28
C ILE A 678 0.86 -34.40 -34.58
N ASN A 679 1.42 -33.19 -34.56
CA ASN A 679 1.49 -32.38 -35.76
C ASN A 679 2.25 -33.13 -36.84
N ASP A 680 3.36 -33.76 -36.46
CA ASP A 680 4.17 -34.48 -37.43
C ASP A 680 3.41 -35.65 -38.03
N PHE A 681 2.71 -36.40 -37.19
CA PHE A 681 1.96 -37.54 -37.70
C PHE A 681 0.82 -37.07 -38.60
N ILE A 682 0.15 -36.00 -38.20
CA ILE A 682 -0.91 -35.45 -39.03
C ILE A 682 -0.34 -34.98 -40.35
N GLN A 683 0.84 -34.36 -40.30
CA GLN A 683 1.50 -33.92 -41.53
C GLN A 683 1.78 -35.11 -42.43
N PHE A 684 2.20 -36.23 -41.84
CA PHE A 684 2.42 -37.45 -42.60
C PHE A 684 1.14 -37.92 -43.29
N CYS A 685 0.02 -37.94 -42.56
CA CYS A 685 -1.23 -38.38 -43.17
C CYS A 685 -1.67 -37.43 -44.27
N CYS A 686 -1.48 -36.13 -44.04
CA CYS A 686 -1.76 -35.14 -45.08
C CYS A 686 -0.92 -35.40 -46.31
N ASP A 687 0.36 -35.70 -46.12
CA ASP A 687 1.25 -35.99 -47.24
C ASP A 687 0.78 -37.22 -48.00
N LYS A 688 0.42 -38.27 -47.28
CA LYS A 688 -0.06 -39.49 -47.92
C LYS A 688 -1.25 -39.21 -48.81
N TRP A 689 -2.23 -38.50 -48.29
CA TRP A 689 -3.41 -38.22 -49.10
C TRP A 689 -3.13 -37.17 -50.15
N ALA A 690 -2.14 -36.32 -49.93
CA ALA A 690 -1.75 -35.35 -50.95
C ALA A 690 -1.20 -36.05 -52.17
N LYS A 691 -0.25 -36.97 -51.96
CA LYS A 691 0.28 -37.77 -53.06
C LYS A 691 -0.81 -38.62 -53.68
N GLU A 692 -1.61 -39.28 -52.84
CA GLU A 692 -2.62 -40.21 -53.35
C GLU A 692 -3.66 -39.48 -54.18
N PHE A 693 -4.04 -38.29 -53.77
CA PHE A 693 -5.11 -37.56 -54.44
C PHE A 693 -4.56 -36.52 -55.39
N ASN A 694 -3.24 -36.39 -55.48
CA ASN A 694 -2.56 -35.53 -56.44
C ASN A 694 -3.01 -34.08 -56.30
N VAL A 695 -3.09 -33.62 -55.06
CA VAL A 695 -3.35 -32.21 -54.78
C VAL A 695 -2.41 -31.77 -53.68
N LYS A 696 -1.81 -30.61 -53.86
CA LYS A 696 -0.93 -30.09 -52.82
C LYS A 696 -1.76 -29.63 -51.63
N THR A 697 -1.15 -29.68 -50.45
CA THR A 697 -1.83 -29.29 -49.23
C THR A 697 -0.92 -28.41 -48.40
N LYS A 698 -1.46 -27.32 -47.90
CA LYS A 698 -0.76 -26.45 -46.97
C LYS A 698 -1.43 -26.54 -45.61
N THR A 699 -0.64 -26.77 -44.57
CA THR A 699 -1.15 -27.01 -43.24
C THR A 699 -0.72 -25.90 -42.31
N PHE A 700 -1.69 -25.29 -41.62
CA PHE A 700 -1.41 -24.24 -40.63
C PHE A 700 -1.69 -24.80 -39.25
N PHE A 701 -0.67 -25.37 -38.62
CA PHE A 701 -0.84 -25.74 -37.23
C PHE A 701 -0.77 -24.51 -36.34
N GLY A 702 -1.31 -24.66 -35.12
CA GLY A 702 -1.13 -23.66 -34.11
C GLY A 702 -1.80 -22.33 -34.36
N VAL A 703 -2.95 -22.30 -35.02
CA VAL A 703 -3.60 -21.03 -35.31
C VAL A 703 -4.39 -20.64 -34.08
N ASN A 704 -3.69 -20.08 -33.10
CA ASN A 704 -4.33 -19.52 -31.93
C ASN A 704 -4.33 -18.00 -32.05
N ALA A 705 -4.99 -17.35 -31.10
CA ALA A 705 -5.35 -15.95 -31.29
C ALA A 705 -4.14 -15.04 -31.34
N ASP A 706 -3.12 -15.31 -30.54
CA ASP A 706 -1.95 -14.45 -30.57
C ASP A 706 -1.16 -14.64 -31.86
N TRP A 707 -1.14 -15.86 -32.39
CA TRP A 707 -0.60 -16.09 -33.72
C TRP A 707 -1.36 -15.29 -34.75
N MET A 708 -2.68 -15.24 -34.63
CA MET A 708 -3.49 -14.46 -35.56
C MET A 708 -3.14 -12.99 -35.48
N ARG A 709 -2.96 -12.47 -34.27
CA ARG A 709 -2.69 -11.05 -34.12
C ARG A 709 -1.30 -10.69 -34.58
N LEU A 710 -0.32 -11.50 -34.19
CA LEU A 710 1.07 -11.05 -34.26
C LEU A 710 1.82 -11.58 -35.47
N VAL A 711 1.39 -12.69 -36.06
CA VAL A 711 2.25 -13.32 -37.05
C VAL A 711 1.55 -13.43 -38.40
N GLY A 712 0.41 -14.11 -38.42
CA GLY A 712 0.07 -14.71 -39.69
C GLY A 712 -1.35 -14.83 -40.18
N TYR A 713 -2.25 -13.97 -39.74
CA TYR A 713 -3.63 -14.08 -40.19
C TYR A 713 -3.77 -14.01 -41.70
N ASP A 714 -3.01 -13.14 -42.36
CA ASP A 714 -3.30 -12.85 -43.76
C ASP A 714 -2.83 -13.92 -44.72
N GLU A 715 -1.70 -14.61 -44.44
CA GLU A 715 -1.13 -15.42 -45.50
C GLU A 715 -1.92 -16.70 -45.75
N ILE A 716 -2.85 -17.06 -44.88
CA ILE A 716 -3.82 -18.08 -45.28
C ILE A 716 -4.63 -17.58 -46.47
N SER A 717 -5.10 -16.34 -46.37
CA SER A 717 -5.77 -15.71 -47.51
C SER A 717 -4.83 -15.60 -48.70
N LYS A 718 -3.59 -15.17 -48.45
CA LYS A 718 -2.62 -15.04 -49.54
C LYS A 718 -2.42 -16.38 -50.25
N HIS A 719 -2.19 -17.43 -49.47
CA HIS A 719 -1.96 -18.76 -50.02
C HIS A 719 -3.14 -19.22 -50.85
N LEU A 720 -4.34 -18.84 -50.44
CA LEU A 720 -5.50 -19.08 -51.28
C LEU A 720 -5.45 -18.25 -52.55
N ASN A 721 -4.93 -17.03 -52.48
CA ASN A 721 -4.91 -16.18 -53.66
C ASN A 721 -3.85 -16.60 -54.67
N THR A 722 -2.85 -17.38 -54.26
CA THR A 722 -1.66 -17.53 -55.06
C THR A 722 -1.30 -18.94 -55.45
N GLU A 723 -1.96 -19.96 -54.90
CA GLU A 723 -1.55 -21.33 -55.17
C GLU A 723 -2.76 -22.22 -55.41
N LEU A 724 -2.50 -23.37 -56.03
CA LEU A 724 -3.55 -24.32 -56.33
C LEU A 724 -3.76 -25.35 -55.22
N GLY A 725 -2.81 -25.47 -54.29
CA GLY A 725 -2.94 -26.47 -53.24
C GLY A 725 -4.04 -26.15 -52.26
N LYS A 726 -4.50 -27.19 -51.57
CA LYS A 726 -5.52 -27.04 -50.55
C LYS A 726 -4.92 -26.56 -49.24
N VAL A 727 -5.74 -25.89 -48.45
CA VAL A 727 -5.33 -25.35 -47.16
C VAL A 727 -6.14 -26.00 -46.05
N VAL A 728 -5.45 -26.48 -45.03
CA VAL A 728 -6.07 -27.02 -43.83
C VAL A 728 -5.63 -26.18 -42.64
N VAL A 729 -6.58 -25.62 -41.92
CA VAL A 729 -6.29 -24.76 -40.78
C VAL A 729 -6.76 -25.46 -39.51
N PHE A 730 -5.90 -25.55 -38.52
CA PHE A 730 -6.25 -26.16 -37.25
C PHE A 730 -6.37 -25.08 -36.20
N SER A 731 -7.56 -24.95 -35.61
CA SER A 731 -7.82 -23.86 -34.68
C SER A 731 -8.85 -24.31 -33.66
N THR A 732 -9.32 -23.38 -32.84
CA THR A 732 -10.22 -23.70 -31.76
C THR A 732 -11.43 -22.77 -31.82
N TYR A 733 -12.48 -23.16 -31.10
CA TYR A 733 -13.65 -22.30 -30.97
C TYR A 733 -13.29 -20.97 -30.31
N ALA A 734 -12.50 -21.03 -29.24
CA ALA A 734 -12.11 -19.81 -28.55
C ALA A 734 -11.32 -18.90 -29.47
N SER A 735 -10.37 -19.46 -30.18
CA SER A 735 -9.53 -18.67 -31.06
C SER A 735 -10.22 -18.23 -32.29
N MET A 736 -11.48 -18.54 -32.49
CA MET A 736 -12.25 -18.00 -33.60
C MET A 736 -13.39 -17.11 -33.18
N GLY A 737 -13.88 -17.23 -31.95
CA GLY A 737 -14.80 -16.23 -31.48
C GLY A 737 -14.17 -14.85 -31.47
N ALA A 738 -12.91 -14.78 -31.07
CA ALA A 738 -12.13 -13.56 -31.13
C ALA A 738 -11.18 -13.71 -32.30
N GLY A 739 -11.57 -13.15 -33.44
CA GLY A 739 -10.86 -13.37 -34.69
C GLY A 739 -11.58 -12.74 -35.85
N LYS A 740 -10.84 -12.46 -36.91
CA LYS A 740 -11.34 -11.64 -38.00
C LYS A 740 -12.32 -12.42 -38.85
N ASN A 741 -12.85 -11.74 -39.87
CA ASN A 741 -13.60 -12.38 -40.92
C ASN A 741 -12.71 -13.42 -41.59
N PRO A 742 -12.96 -14.71 -41.42
CA PRO A 742 -11.99 -15.69 -41.91
C PRO A 742 -12.19 -15.97 -43.39
N ASP A 743 -11.80 -15.02 -44.23
CA ASP A 743 -12.08 -15.06 -45.64
C ASP A 743 -10.85 -14.67 -46.45
N TYR A 744 -10.94 -14.84 -47.76
CA TYR A 744 -9.82 -14.57 -48.64
C TYR A 744 -10.31 -13.86 -49.89
N ALA A 745 -9.36 -13.35 -50.67
CA ALA A 745 -9.68 -12.59 -51.88
C ALA A 745 -9.73 -13.54 -53.07
N VAL A 746 -10.85 -13.53 -53.79
CA VAL A 746 -11.06 -14.51 -54.85
C VAL A 746 -10.04 -14.28 -55.96
N ASN A 747 -9.24 -15.30 -56.23
CA ASN A 747 -8.39 -15.34 -57.42
C ASN A 747 -9.09 -16.26 -58.43
N LEU A 748 -9.88 -15.68 -59.32
CA LEU A 748 -10.68 -16.48 -60.24
C LEU A 748 -9.85 -17.38 -61.13
N ALA A 749 -8.57 -17.07 -61.31
CA ALA A 749 -7.72 -17.95 -62.11
C ALA A 749 -7.50 -19.28 -61.41
N LEU A 750 -7.48 -19.28 -60.08
CA LEU A 750 -7.29 -20.52 -59.34
C LEU A 750 -8.59 -21.23 -59.01
N GLU A 751 -9.67 -20.48 -58.87
CA GLU A 751 -10.88 -21.00 -58.23
C GLU A 751 -12.17 -20.66 -58.93
N GLY A 752 -12.13 -19.93 -60.06
CA GLY A 752 -13.34 -19.47 -60.71
C GLY A 752 -14.24 -20.58 -61.23
N GLU A 753 -13.74 -21.80 -61.32
CA GLU A 753 -14.56 -22.93 -61.70
C GLU A 753 -15.52 -23.33 -60.59
N SER A 754 -15.12 -23.19 -59.33
CA SER A 754 -15.91 -23.72 -58.23
C SER A 754 -16.79 -22.68 -57.54
N LEU A 755 -16.63 -21.40 -57.82
CA LEU A 755 -17.33 -20.37 -57.06
C LEU A 755 -18.58 -19.90 -57.76
N ILE A 756 -19.60 -19.57 -56.96
CA ILE A 756 -20.85 -19.02 -57.44
C ILE A 756 -21.18 -17.80 -56.59
N SER A 757 -21.85 -16.82 -57.20
CA SER A 757 -22.53 -15.82 -56.40
C SER A 757 -23.81 -16.43 -55.85
N VAL A 758 -23.98 -16.34 -54.52
CA VAL A 758 -25.22 -16.78 -53.89
C VAL A 758 -26.12 -15.62 -53.54
N ALA A 759 -25.68 -14.41 -53.82
CA ALA A 759 -26.37 -13.21 -53.39
C ALA A 759 -27.06 -12.57 -54.57
N ASP A 760 -28.22 -11.98 -54.32
CA ASP A 760 -28.90 -11.15 -55.31
C ASP A 760 -28.65 -9.66 -55.10
N VAL A 761 -27.50 -9.29 -54.53
CA VAL A 761 -27.21 -7.91 -54.22
C VAL A 761 -26.97 -7.14 -55.51
N GLN A 766 -14.51 -5.82 -54.11
CA GLN A 766 -13.63 -6.97 -54.13
C GLN A 766 -14.34 -8.30 -53.91
N LEU A 767 -14.14 -9.21 -54.85
CA LEU A 767 -14.70 -10.55 -54.72
C LEU A 767 -13.95 -11.34 -53.65
N ARG A 768 -14.67 -11.77 -52.62
CA ARG A 768 -14.09 -12.51 -51.53
C ARG A 768 -14.89 -13.79 -51.30
N SER A 769 -14.20 -14.81 -50.81
CA SER A 769 -14.81 -16.09 -50.50
C SER A 769 -14.29 -16.56 -49.16
N ASP A 770 -14.96 -17.56 -48.60
CA ASP A 770 -14.74 -17.96 -47.23
C ASP A 770 -14.58 -19.46 -47.14
N ILE A 771 -14.50 -19.94 -45.91
CA ILE A 771 -14.29 -21.34 -45.55
C ILE A 771 -15.25 -22.22 -46.31
N ASP A 772 -14.75 -23.31 -46.86
CA ASP A 772 -15.57 -24.21 -47.64
C ASP A 772 -15.82 -25.56 -46.97
N SER A 773 -15.00 -25.96 -46.01
CA SER A 773 -15.24 -27.20 -45.28
C SER A 773 -14.84 -27.01 -43.84
N ILE A 774 -15.66 -27.51 -42.92
CA ILE A 774 -15.44 -27.30 -41.50
C ILE A 774 -15.54 -28.62 -40.79
N TYR A 775 -14.60 -28.87 -39.89
CA TYR A 775 -14.71 -29.98 -38.94
C TYR A 775 -14.96 -29.44 -37.54
N LEU A 776 -15.99 -29.95 -36.89
CA LEU A 776 -16.50 -29.37 -35.66
C LEU A 776 -16.33 -30.38 -34.54
N GLU A 777 -15.20 -30.34 -33.85
CA GLU A 777 -15.04 -31.19 -32.68
C GLU A 777 -15.98 -30.71 -31.59
N LYS A 778 -16.49 -31.65 -30.81
CA LYS A 778 -17.49 -31.35 -29.79
C LYS A 778 -16.93 -30.38 -28.76
N PRO A 779 -17.60 -29.27 -28.48
CA PRO A 779 -17.10 -28.32 -27.48
C PRO A 779 -17.05 -29.01 -26.13
N THR A 780 -16.00 -28.72 -25.37
CA THR A 780 -15.78 -29.51 -24.16
C THR A 780 -15.94 -28.73 -22.87
N GLN A 781 -15.05 -27.80 -22.55
CA GLN A 781 -15.12 -27.21 -21.22
C GLN A 781 -16.00 -25.97 -21.22
N LEU A 782 -17.28 -26.22 -20.94
CA LEU A 782 -18.33 -25.21 -21.06
C LEU A 782 -18.64 -24.48 -19.77
N LEU A 783 -18.24 -24.97 -18.61
CA LEU A 783 -18.45 -24.16 -17.41
C LEU A 783 -17.50 -22.98 -17.41
N LEU A 784 -18.03 -21.83 -17.02
CA LEU A 784 -17.18 -20.67 -16.89
C LEU A 784 -16.25 -20.85 -15.71
N SER A 785 -15.09 -20.23 -15.80
CA SER A 785 -14.15 -20.24 -14.69
C SER A 785 -13.35 -18.97 -14.73
N ASP A 786 -13.01 -18.44 -13.57
CA ASP A 786 -12.33 -17.17 -13.45
C ASP A 786 -10.93 -17.40 -12.93
N ASP A 787 -9.95 -16.82 -13.61
CA ASP A 787 -8.55 -17.00 -13.28
C ASP A 787 -8.02 -15.92 -12.35
N TYR A 788 -8.83 -14.91 -12.05
CA TYR A 788 -8.33 -13.75 -11.32
C TYR A 788 -7.79 -14.13 -9.95
N SER A 789 -8.51 -14.97 -9.23
CA SER A 789 -8.03 -15.48 -7.96
C SER A 789 -8.85 -16.70 -7.61
N HIS A 790 -8.44 -17.39 -6.56
CA HIS A 790 -9.19 -18.55 -6.12
C HIS A 790 -10.55 -18.14 -5.58
N THR A 791 -10.62 -17.00 -4.90
CA THR A 791 -11.89 -16.52 -4.41
C THR A 791 -12.86 -16.24 -5.55
N ALA A 792 -12.41 -15.49 -6.54
CA ALA A 792 -13.25 -15.15 -7.67
C ALA A 792 -13.69 -16.39 -8.42
N ASN A 793 -12.82 -17.38 -8.51
CA ASN A 793 -13.23 -18.62 -9.13
C ASN A 793 -14.34 -19.30 -8.35
N GLN A 794 -14.27 -19.26 -7.03
CA GLN A 794 -15.34 -19.87 -6.25
C GLN A 794 -16.64 -19.14 -6.44
N LEU A 795 -16.60 -17.82 -6.50
CA LEU A 795 -17.83 -17.08 -6.75
C LEU A 795 -18.40 -17.41 -8.11
N CYS A 796 -17.56 -17.54 -9.12
CA CYS A 796 -18.03 -17.95 -10.43
C CYS A 796 -18.71 -19.30 -10.39
N GLN A 797 -18.12 -20.25 -9.66
CA GLN A 797 -18.71 -21.58 -9.59
C GLN A 797 -20.07 -21.56 -8.91
N PHE A 798 -20.17 -20.87 -7.79
CA PHE A 798 -21.44 -20.88 -7.09
C PHE A 798 -22.50 -20.11 -7.83
N HIS A 799 -22.11 -19.04 -8.52
CA HIS A 799 -23.06 -18.36 -9.37
C HIS A 799 -23.64 -19.29 -10.40
N GLN A 800 -22.81 -20.12 -11.01
CA GLN A 800 -23.33 -21.00 -12.04
C GLN A 800 -24.26 -22.04 -11.46
N ILE A 801 -23.94 -22.58 -10.30
CA ILE A 801 -24.81 -23.56 -9.69
C ILE A 801 -26.15 -22.95 -9.33
N LEU A 802 -26.14 -21.77 -8.72
CA LEU A 802 -27.40 -21.17 -8.32
C LEU A 802 -28.21 -20.73 -9.52
N SER A 803 -27.58 -20.29 -10.60
CA SER A 803 -28.36 -19.90 -11.76
C SER A 803 -29.03 -21.09 -12.38
N LEU A 804 -28.36 -22.23 -12.40
CA LEU A 804 -29.01 -23.42 -12.92
C LEU A 804 -30.17 -23.85 -12.04
N GLN A 805 -30.05 -23.68 -10.73
CA GLN A 805 -31.16 -23.99 -9.85
C GLN A 805 -32.31 -23.04 -10.06
N GLU A 806 -31.99 -21.76 -10.30
CA GLU A 806 -32.98 -20.72 -10.51
C GLU A 806 -33.96 -21.07 -11.60
N ASN A 807 -33.48 -21.62 -12.71
CA ASN A 807 -34.35 -22.01 -13.80
C ASN A 807 -35.07 -23.31 -13.56
N GLY A 808 -34.78 -24.01 -12.48
CA GLY A 808 -35.31 -25.35 -12.44
C GLY A 808 -34.59 -26.29 -13.35
N GLU A 809 -33.39 -25.95 -13.78
CA GLU A 809 -32.56 -26.92 -14.48
C GLU A 809 -32.11 -28.03 -13.55
N LEU A 810 -31.82 -27.68 -12.30
CA LEU A 810 -31.48 -28.63 -11.26
C LEU A 810 -32.55 -28.62 -10.19
N SER A 811 -32.91 -29.78 -9.68
CA SER A 811 -33.75 -29.83 -8.51
C SER A 811 -32.96 -29.28 -7.33
N PRO A 812 -33.63 -28.86 -6.27
CA PRO A 812 -32.87 -28.36 -5.11
C PRO A 812 -31.96 -29.39 -4.50
N LYS A 813 -32.31 -30.67 -4.58
CA LYS A 813 -31.44 -31.72 -4.07
C LYS A 813 -30.12 -31.75 -4.82
N SER A 814 -30.17 -31.78 -6.15
CA SER A 814 -28.96 -31.78 -6.93
C SER A 814 -28.17 -30.51 -6.73
N ALA A 815 -28.87 -29.39 -6.59
CA ALA A 815 -28.17 -28.13 -6.42
C ALA A 815 -27.43 -28.08 -5.11
N GLU A 816 -27.99 -28.64 -4.03
CA GLU A 816 -27.26 -28.67 -2.78
C GLU A 816 -26.06 -29.60 -2.85
N ASN A 817 -26.21 -30.79 -3.43
CA ASN A 817 -25.04 -31.66 -3.53
C ASN A 817 -23.94 -30.99 -4.31
N TRP A 818 -24.29 -30.33 -5.40
CA TRP A 818 -23.27 -29.67 -6.18
C TRP A 818 -22.65 -28.51 -5.42
N CYS A 819 -23.45 -27.71 -4.72
CA CYS A 819 -22.87 -26.61 -3.95
C CYS A 819 -21.96 -27.16 -2.86
N ARG A 820 -22.40 -28.20 -2.17
CA ARG A 820 -21.61 -28.76 -1.09
C ARG A 820 -20.28 -29.25 -1.60
N GLN A 821 -20.30 -30.06 -2.65
CA GLN A 821 -19.08 -30.62 -3.16
C GLN A 821 -18.17 -29.55 -3.72
N GLN A 822 -18.72 -28.42 -4.15
CA GLN A 822 -17.88 -27.26 -4.42
C GLN A 822 -17.17 -26.74 -3.18
N LEU A 823 -17.86 -26.68 -2.04
CA LEU A 823 -17.14 -26.27 -0.84
C LEU A 823 -16.04 -27.25 -0.49
N MET A 824 -16.31 -28.52 -0.62
CA MET A 824 -15.33 -29.54 -0.30
C MET A 824 -14.32 -29.75 -1.41
N GLY A 825 -14.13 -28.78 -2.29
CA GLY A 825 -13.04 -28.87 -3.25
C GLY A 825 -13.26 -29.81 -4.41
N MET A 826 -14.43 -29.77 -5.02
CA MET A 826 -14.72 -30.51 -6.25
C MET A 826 -13.62 -30.35 -7.29
N SER A 827 -13.27 -31.46 -7.94
CA SER A 827 -12.41 -31.44 -9.09
C SER A 827 -13.16 -30.99 -10.33
N ARG A 828 -12.44 -30.30 -11.21
CA ARG A 828 -13.04 -29.60 -12.34
C ARG A 828 -13.77 -30.58 -13.25
N GLU A 829 -13.29 -31.81 -13.33
CA GLU A 829 -13.96 -32.80 -14.17
C GLU A 829 -15.24 -33.30 -13.55
N ARG A 830 -15.34 -33.30 -12.22
CA ARG A 830 -16.62 -33.68 -11.65
C ARG A 830 -17.65 -32.55 -11.70
N SER A 831 -17.19 -31.30 -11.69
CA SER A 831 -18.13 -30.23 -11.98
C SER A 831 -18.65 -30.37 -13.39
N LEU A 832 -17.79 -30.74 -14.32
CA LEU A 832 -18.27 -30.99 -15.66
C LEU A 832 -19.22 -32.18 -15.71
N GLN A 833 -19.04 -33.18 -14.83
CA GLN A 833 -20.08 -34.20 -14.73
C GLN A 833 -21.42 -33.62 -14.37
N GLN A 834 -21.44 -32.79 -13.32
CA GLN A 834 -22.70 -32.27 -12.84
C GLN A 834 -23.38 -31.46 -13.91
N TYR A 835 -22.61 -30.65 -14.63
CA TYR A 835 -23.19 -29.79 -15.64
C TYR A 835 -23.72 -30.58 -16.81
N HIS A 836 -22.99 -31.61 -17.25
CA HIS A 836 -23.41 -32.35 -18.42
C HIS A 836 -24.77 -33.00 -18.26
N GLN A 837 -25.22 -33.21 -17.05
CA GLN A 837 -26.51 -33.84 -16.89
C GLN A 837 -27.67 -32.88 -17.06
N THR A 838 -27.41 -31.58 -17.10
CA THR A 838 -28.48 -30.64 -17.34
C THR A 838 -28.80 -30.57 -18.81
N SER A 839 -29.94 -29.97 -19.12
CA SER A 839 -30.25 -29.67 -20.50
C SER A 839 -29.66 -28.36 -20.94
N ASP A 840 -29.28 -27.52 -19.99
CA ASP A 840 -28.59 -26.29 -20.31
C ASP A 840 -27.29 -26.59 -21.02
N TYR A 841 -26.66 -27.71 -20.70
CA TYR A 841 -25.50 -28.15 -21.46
C TYR A 841 -25.82 -28.37 -22.92
N GLN A 842 -26.96 -28.98 -23.22
CA GLN A 842 -27.36 -29.14 -24.60
C GLN A 842 -27.48 -27.80 -25.29
N SER A 843 -28.09 -26.84 -24.63
CA SER A 843 -28.29 -25.55 -25.27
C SER A 843 -27.00 -24.79 -25.44
N ALA A 844 -26.07 -24.92 -24.50
CA ALA A 844 -24.80 -24.22 -24.65
C ALA A 844 -23.98 -24.82 -25.78
N VAL A 845 -23.99 -26.14 -25.92
CA VAL A 845 -23.29 -26.77 -27.03
C VAL A 845 -23.87 -26.31 -28.35
N ARG A 846 -25.19 -26.30 -28.46
CA ARG A 846 -25.80 -25.87 -29.70
C ARG A 846 -25.51 -24.41 -29.97
N LYS A 847 -25.30 -23.62 -28.92
CA LYS A 847 -24.89 -22.25 -29.13
C LYS A 847 -23.54 -22.17 -29.81
N TYR A 848 -22.58 -22.98 -29.39
CA TYR A 848 -21.26 -22.90 -30.00
C TYR A 848 -21.27 -23.38 -31.44
N ILE A 849 -22.00 -24.45 -31.72
CA ILE A 849 -22.10 -24.90 -33.10
C ILE A 849 -22.77 -23.85 -33.96
N GLU A 850 -23.82 -23.21 -33.44
CA GLU A 850 -24.49 -22.19 -34.22
C GLU A 850 -23.59 -20.99 -34.46
N GLN A 851 -22.80 -20.61 -33.48
CA GLN A 851 -21.89 -19.48 -33.70
C GLN A 851 -20.74 -19.86 -34.60
N ALA A 852 -20.25 -21.08 -34.51
CA ALA A 852 -19.12 -21.48 -35.34
C ALA A 852 -19.49 -21.39 -36.81
N VAL A 853 -20.53 -22.09 -37.22
CA VAL A 853 -20.87 -22.10 -38.64
C VAL A 853 -21.43 -20.78 -39.09
N GLY A 854 -21.83 -19.91 -38.18
CA GLY A 854 -22.21 -18.57 -38.59
C GLY A 854 -21.03 -17.72 -38.96
N ARG A 855 -19.96 -17.80 -38.16
CA ARG A 855 -18.78 -16.99 -38.39
C ARG A 855 -18.13 -17.32 -39.73
N ALA A 856 -18.21 -18.58 -40.16
CA ALA A 856 -17.62 -18.98 -41.42
C ALA A 856 -18.46 -18.61 -42.63
N GLY A 857 -19.64 -18.05 -42.45
CA GLY A 857 -20.56 -17.82 -43.53
C GLY A 857 -20.67 -16.41 -44.04
N ARG A 858 -19.68 -15.54 -43.80
CA ARG A 858 -19.89 -14.11 -44.04
C ARG A 858 -20.00 -13.77 -45.53
N THR A 859 -19.14 -14.33 -46.37
CA THR A 859 -19.06 -13.83 -47.73
C THR A 859 -20.21 -14.34 -48.58
N SER A 860 -20.41 -13.71 -49.74
CA SER A 860 -21.48 -14.10 -50.65
C SER A 860 -21.00 -14.92 -51.84
N LEU A 861 -19.76 -15.35 -51.88
CA LEU A 861 -19.28 -16.25 -52.92
C LEU A 861 -18.91 -17.60 -52.30
N LYS A 862 -19.57 -18.65 -52.77
CA LYS A 862 -19.47 -19.96 -52.15
C LYS A 862 -18.99 -20.97 -53.17
N ARG A 863 -18.46 -22.09 -52.70
CA ARG A 863 -18.32 -23.24 -53.57
C ARG A 863 -19.68 -23.73 -54.02
N LYS A 864 -19.68 -24.56 -55.06
CA LYS A 864 -20.87 -25.38 -55.31
C LYS A 864 -21.16 -26.26 -54.12
N GLN A 865 -20.12 -26.88 -53.56
CA GLN A 865 -20.29 -27.89 -52.54
C GLN A 865 -19.57 -27.45 -51.27
N ILE A 866 -20.29 -27.44 -50.15
CA ILE A 866 -19.73 -27.16 -48.84
C ILE A 866 -19.79 -28.44 -48.03
N LEU A 867 -18.68 -28.79 -47.38
CA LEU A 867 -18.55 -30.02 -46.62
C LEU A 867 -18.58 -29.69 -45.14
N LEU A 868 -19.43 -30.37 -44.38
CA LEU A 868 -19.55 -30.13 -42.95
C LEU A 868 -19.33 -31.46 -42.24
N PHE A 869 -18.21 -31.60 -41.56
CA PHE A 869 -17.90 -32.81 -40.82
C PHE A 869 -18.05 -32.56 -39.33
N VAL A 870 -18.92 -33.33 -38.70
CA VAL A 870 -19.32 -33.09 -37.33
C VAL A 870 -18.96 -34.31 -36.52
N ASP A 871 -18.38 -34.08 -35.36
CA ASP A 871 -18.11 -35.17 -34.43
C ASP A 871 -19.41 -35.87 -34.11
N SER A 872 -19.37 -37.21 -34.09
CA SER A 872 -20.58 -38.00 -33.91
C SER A 872 -21.21 -37.78 -32.56
N GLY A 873 -20.43 -37.34 -31.57
CA GLY A 873 -21.02 -37.00 -30.29
C GLY A 873 -22.02 -35.89 -30.39
N LEU A 874 -21.84 -34.98 -31.34
CA LEU A 874 -22.75 -33.88 -31.51
C LEU A 874 -24.04 -34.29 -32.18
N LYS A 875 -24.15 -35.53 -32.65
CA LYS A 875 -25.31 -35.91 -33.44
C LYS A 875 -26.57 -35.87 -32.61
N GLU A 876 -26.53 -36.41 -31.40
CA GLU A 876 -27.72 -36.42 -30.55
C GLU A 876 -28.04 -35.03 -30.03
N ILE A 877 -27.02 -34.29 -29.62
CA ILE A 877 -27.25 -32.95 -29.08
C ILE A 877 -27.88 -32.06 -30.13
N LEU A 878 -27.42 -32.16 -31.36
CA LEU A 878 -28.01 -31.36 -32.43
C LEU A 878 -29.38 -31.89 -32.81
N ALA A 879 -29.57 -33.20 -32.68
CA ALA A 879 -30.88 -33.77 -33.00
C ALA A 879 -31.97 -33.19 -32.13
N GLU A 880 -31.62 -32.81 -30.91
CA GLU A 880 -32.62 -32.32 -29.98
C GLU A 880 -33.07 -30.91 -30.28
N GLU A 881 -32.44 -30.23 -31.24
CA GLU A 881 -32.78 -28.84 -31.51
C GLU A 881 -34.23 -28.72 -31.94
N SER A 882 -34.94 -27.81 -31.30
CA SER A 882 -36.37 -27.72 -31.54
C SER A 882 -36.90 -26.31 -31.66
N ARG A 883 -36.07 -25.28 -31.54
CA ARG A 883 -36.53 -23.91 -31.63
C ARG A 883 -37.11 -23.61 -33.00
N ASP A 884 -37.74 -22.45 -33.11
CA ASP A 884 -38.25 -21.99 -34.39
C ASP A 884 -37.06 -21.76 -35.31
N PRO A 885 -36.95 -22.48 -36.42
CA PRO A 885 -35.76 -22.38 -37.27
C PRO A 885 -35.74 -21.18 -38.19
N SER A 886 -36.69 -20.25 -38.07
CA SER A 886 -36.82 -19.21 -39.07
C SER A 886 -35.63 -18.28 -39.15
N LEU A 887 -34.83 -18.16 -38.10
CA LEU A 887 -33.69 -17.27 -38.15
C LEU A 887 -32.37 -18.00 -38.17
N PHE A 888 -32.38 -19.31 -38.29
CA PHE A 888 -31.12 -20.03 -38.28
C PHE A 888 -30.32 -19.74 -39.54
N SER A 889 -29.05 -20.07 -39.47
CA SER A 889 -28.21 -20.05 -40.65
C SER A 889 -28.48 -21.31 -41.45
N HIS A 890 -28.19 -21.23 -42.75
CA HIS A 890 -28.44 -22.37 -43.62
C HIS A 890 -27.56 -23.55 -43.25
N GLU A 891 -26.32 -23.28 -42.86
CA GLU A 891 -25.42 -24.36 -42.45
C GLU A 891 -25.95 -25.07 -41.21
N TYR A 892 -26.41 -24.31 -40.23
CA TYR A 892 -26.94 -24.91 -39.02
C TYR A 892 -28.17 -25.75 -39.32
N VAL A 893 -29.06 -25.24 -40.17
CA VAL A 893 -30.24 -26.02 -40.53
C VAL A 893 -29.83 -27.30 -41.22
N ALA A 894 -28.77 -27.26 -42.02
CA ALA A 894 -28.26 -28.48 -42.61
C ALA A 894 -27.78 -29.45 -41.55
N LEU A 895 -27.06 -28.93 -40.54
CA LEU A 895 -26.56 -29.79 -39.47
C LEU A 895 -27.69 -30.46 -38.72
N VAL A 896 -28.70 -29.69 -38.35
CA VAL A 896 -29.84 -30.26 -37.63
C VAL A 896 -30.54 -31.29 -38.48
N ASN A 897 -30.82 -30.96 -39.74
CA ASN A 897 -31.63 -31.84 -40.57
C ASN A 897 -30.89 -33.13 -40.90
N LYS A 898 -29.56 -33.08 -41.00
CA LYS A 898 -28.82 -34.31 -41.14
C LYS A 898 -28.85 -35.14 -39.86
N ALA A 899 -28.70 -34.48 -38.71
CA ALA A 899 -28.70 -35.22 -37.46
C ALA A 899 -30.06 -35.83 -37.16
N LYS A 900 -31.13 -35.06 -37.32
CA LYS A 900 -32.47 -35.58 -37.09
C LYS A 900 -32.84 -36.68 -38.06
N SER A 901 -32.17 -36.76 -39.21
CA SER A 901 -32.48 -37.79 -40.20
C SER A 901 -32.26 -39.19 -39.67
N ALA A 902 -31.46 -39.36 -38.63
CA ALA A 902 -31.35 -40.63 -37.96
C ALA A 902 -32.66 -40.94 -37.25
N ARG A 910 -38.82 -30.86 -22.27
CA ARG A 910 -38.07 -30.78 -21.03
C ARG A 910 -38.63 -29.70 -20.14
N ALA A 911 -39.59 -28.96 -20.68
CA ALA A 911 -40.32 -28.03 -19.84
C ALA A 911 -41.02 -28.76 -18.70
N VAL A 912 -41.36 -30.02 -18.89
CA VAL A 912 -41.95 -30.80 -17.82
C VAL A 912 -40.95 -31.01 -16.68
N ARG A 913 -39.76 -31.50 -17.00
CA ARG A 913 -38.70 -31.61 -16.02
C ARG A 913 -38.46 -30.29 -15.32
N ARG A 914 -38.41 -29.22 -16.11
CA ARG A 914 -38.14 -27.90 -15.58
C ARG A 914 -39.23 -27.51 -14.60
N LEU A 915 -40.46 -27.84 -14.94
CA LEU A 915 -41.60 -27.44 -14.13
C LEU A 915 -41.62 -28.20 -12.82
N PHE A 916 -41.24 -29.47 -12.86
CA PHE A 916 -41.17 -30.28 -11.66
C PHE A 916 -40.13 -29.74 -10.69
N ASN A 917 -38.96 -29.38 -11.20
CA ASN A 917 -37.91 -28.83 -10.34
C ASN A 917 -38.31 -27.49 -9.76
N LEU A 918 -38.97 -26.65 -10.53
CA LEU A 918 -39.38 -25.37 -9.99
C LEU A 918 -40.42 -25.56 -8.91
N ALA A 919 -41.25 -26.58 -9.03
CA ALA A 919 -42.20 -26.87 -7.97
C ALA A 919 -41.48 -27.16 -6.67
N GLN A 920 -40.45 -27.99 -6.71
CA GLN A 920 -39.71 -28.27 -5.48
C GLN A 920 -39.00 -27.05 -4.95
N ARG A 921 -38.42 -26.24 -5.83
CA ARG A 921 -37.77 -25.01 -5.38
C ARG A 921 -38.74 -24.06 -4.70
N ASN A 922 -39.90 -23.82 -5.29
CA ASN A 922 -40.86 -22.94 -4.67
C ASN A 922 -41.34 -23.49 -3.35
N ASN A 923 -41.56 -24.80 -3.28
CA ASN A 923 -41.94 -25.40 -2.01
C ASN A 923 -40.85 -25.26 -0.97
N LYS A 924 -39.61 -25.53 -1.35
CA LYS A 924 -38.51 -25.41 -0.40
C LYS A 924 -38.37 -24.00 0.10
N ASP A 925 -38.51 -23.03 -0.79
CA ASP A 925 -38.35 -21.65 -0.37
C ASP A 925 -39.48 -21.23 0.54
N GLY A 926 -40.71 -21.59 0.21
CA GLY A 926 -41.80 -21.31 1.11
C GLY A 926 -41.56 -21.92 2.48
N MET A 927 -41.09 -23.15 2.52
CA MET A 927 -41.05 -23.86 3.78
C MET A 927 -39.95 -23.32 4.68
N LEU A 928 -38.76 -23.06 4.15
CA LEU A 928 -37.77 -22.48 5.05
C LEU A 928 -38.06 -21.03 5.37
N SER A 929 -38.70 -20.28 4.49
CA SER A 929 -39.00 -18.90 4.82
C SER A 929 -40.08 -18.80 5.89
N ILE A 930 -41.09 -19.65 5.82
CA ILE A 930 -42.09 -19.65 6.88
C ILE A 930 -41.49 -20.07 8.20
N LYS A 931 -40.59 -21.07 8.19
CA LYS A 931 -39.96 -21.43 9.44
C LYS A 931 -39.21 -20.26 10.05
N ALA A 932 -38.43 -19.54 9.24
CA ALA A 932 -37.71 -18.40 9.77
C ALA A 932 -38.65 -17.33 10.28
N LEU A 933 -39.71 -17.05 9.52
CA LEU A 933 -40.64 -16.00 9.89
C LEU A 933 -41.34 -16.32 11.19
N VAL A 934 -41.88 -17.54 11.30
CA VAL A 934 -42.60 -17.93 12.50
C VAL A 934 -41.68 -17.90 13.70
N HIS A 935 -40.45 -18.39 13.53
CA HIS A 935 -39.48 -18.29 14.62
C HIS A 935 -39.24 -16.85 15.02
N ARG A 936 -39.18 -15.92 14.07
CA ARG A 936 -39.00 -14.53 14.45
C ARG A 936 -40.23 -13.97 15.14
N LEU A 937 -41.41 -14.50 14.84
CA LEU A 937 -42.58 -14.08 15.60
C LEU A 937 -42.48 -14.56 17.05
N HIS A 938 -41.97 -15.76 17.26
CA HIS A 938 -41.70 -16.20 18.62
C HIS A 938 -40.47 -15.54 19.22
N ASN A 939 -39.63 -14.89 18.42
CA ASN A 939 -38.48 -14.17 18.93
C ASN A 939 -39.05 -12.93 19.61
N GLN A 940 -39.54 -13.16 20.81
CA GLN A 940 -40.45 -12.24 21.44
C GLN A 940 -39.66 -11.01 21.87
N PRO A 941 -40.10 -9.79 21.53
CA PRO A 941 -41.25 -9.31 20.76
C PRO A 941 -41.11 -9.34 19.23
N ALA A 942 -42.25 -9.57 18.59
CA ALA A 942 -42.33 -9.49 17.13
C ALA A 942 -42.14 -8.06 16.66
N SER A 943 -41.34 -7.91 15.61
CA SER A 943 -41.21 -6.61 14.96
C SER A 943 -42.48 -6.29 14.20
N LYS A 944 -42.65 -5.00 13.89
CA LYS A 944 -43.78 -4.60 13.08
C LYS A 944 -43.73 -5.21 11.69
N SER A 945 -42.55 -5.24 11.07
CA SER A 945 -42.43 -5.73 9.71
C SER A 945 -42.81 -7.19 9.60
N ASP A 946 -42.36 -8.00 10.56
CA ASP A 946 -42.73 -9.41 10.56
C ASP A 946 -44.23 -9.58 10.72
N ILE A 947 -44.83 -8.80 11.62
CA ILE A 947 -46.27 -8.89 11.83
C ILE A 947 -47.00 -8.57 10.55
N GLN A 948 -46.60 -7.49 9.90
CA GLN A 948 -47.28 -7.07 8.69
C GLN A 948 -47.09 -8.07 7.57
N GLU A 949 -45.88 -8.61 7.44
CA GLU A 949 -45.63 -9.58 6.39
C GLU A 949 -46.45 -10.84 6.62
N TRP A 950 -46.64 -11.22 7.87
CA TRP A 950 -47.51 -12.35 8.18
C TRP A 950 -48.93 -12.09 7.71
N GLN A 951 -49.47 -10.92 8.04
CA GLN A 951 -50.82 -10.62 7.59
C GLN A 951 -50.91 -10.50 6.08
N ASP A 952 -49.83 -10.03 5.44
CA ASP A 952 -49.82 -9.88 4.00
C ASP A 952 -49.86 -11.23 3.31
N ILE A 953 -49.05 -12.17 3.77
CA ILE A 953 -49.07 -13.52 3.22
C ILE A 953 -50.45 -14.10 3.36
N ARG A 954 -51.04 -13.96 4.54
CA ARG A 954 -52.36 -14.54 4.77
C ARG A 954 -53.40 -13.89 3.87
N THR A 955 -53.37 -12.56 3.75
CA THR A 955 -54.35 -11.89 2.92
C THR A 955 -54.22 -12.30 1.47
N GLN A 956 -52.98 -12.39 0.97
CA GLN A 956 -52.75 -12.83 -0.39
C GLN A 956 -53.31 -14.21 -0.64
N LEU A 957 -53.05 -15.13 0.28
CA LEU A 957 -53.52 -16.49 0.07
C LEU A 957 -55.03 -16.56 0.14
N LEU A 958 -55.64 -15.75 0.99
CA LEU A 958 -57.09 -15.76 1.08
C LEU A 958 -57.71 -15.18 -0.18
N ARG A 959 -57.17 -14.08 -0.67
CA ARG A 959 -57.79 -13.42 -1.82
C ARG A 959 -57.49 -14.17 -3.11
N TYR A 960 -56.30 -14.72 -3.23
CA TYR A 960 -55.84 -15.33 -4.48
C TYR A 960 -55.30 -16.71 -4.21
N PRO A 961 -56.16 -17.67 -3.91
CA PRO A 961 -55.70 -19.04 -3.79
C PRO A 961 -55.13 -19.57 -5.09
N THR A 962 -55.60 -19.09 -6.23
CA THR A 962 -54.94 -19.35 -7.50
C THR A 962 -54.89 -18.06 -8.29
N VAL A 963 -53.93 -17.97 -9.20
CA VAL A 963 -53.82 -16.82 -10.08
C VAL A 963 -53.47 -17.31 -11.47
N ALA A 964 -53.84 -16.51 -12.47
CA ALA A 964 -53.55 -16.89 -13.85
C ALA A 964 -52.09 -16.67 -14.21
N PHE A 965 -51.45 -15.67 -13.62
CA PHE A 965 -50.04 -15.43 -13.87
C PHE A 965 -49.36 -15.26 -12.54
N GLN A 966 -48.15 -15.78 -12.42
CA GLN A 966 -47.48 -15.71 -11.14
C GLN A 966 -47.18 -14.26 -10.83
N PRO A 967 -47.74 -13.71 -9.77
CA PRO A 967 -47.66 -12.27 -9.57
C PRO A 967 -46.25 -11.89 -9.21
N GLU A 968 -45.84 -10.69 -9.60
CA GLU A 968 -44.51 -10.23 -9.27
C GLU A 968 -44.29 -10.26 -7.76
N ARG A 969 -45.21 -9.71 -6.99
CA ARG A 969 -44.92 -9.51 -5.58
C ARG A 969 -44.96 -10.77 -4.74
N PHE A 970 -45.72 -11.78 -5.13
CA PHE A 970 -45.73 -13.00 -4.33
C PHE A 970 -45.34 -14.19 -5.19
N ASN A 971 -44.20 -14.07 -5.88
CA ASN A 971 -43.88 -14.97 -6.97
C ASN A 971 -43.70 -16.40 -6.51
N ARG A 972 -43.31 -16.64 -5.28
CA ARG A 972 -43.18 -18.02 -4.87
C ARG A 972 -43.81 -18.28 -3.54
N LEU A 973 -45.05 -17.82 -3.40
CA LEU A 973 -46.03 -18.53 -2.62
C LEU A 973 -46.63 -19.64 -3.45
N TYR A 974 -46.69 -19.44 -4.74
CA TYR A 974 -47.36 -20.32 -5.69
C TYR A 974 -46.37 -21.23 -6.41
N LEU A 975 -46.90 -22.32 -6.93
CA LEU A 975 -46.18 -23.16 -7.86
C LEU A 975 -47.04 -23.40 -9.08
N GLN A 976 -46.39 -23.58 -10.22
CA GLN A 976 -47.12 -23.83 -11.45
C GLN A 976 -47.46 -25.31 -11.57
N SER A 977 -48.72 -25.61 -11.82
CA SER A 977 -49.18 -26.98 -11.91
C SER A 977 -49.23 -27.46 -13.34
N MET A 978 -49.11 -28.77 -13.52
CA MET A 978 -49.46 -29.33 -14.82
C MET A 978 -50.94 -29.58 -14.96
N THR A 979 -51.73 -29.27 -13.93
CA THR A 979 -53.17 -29.47 -14.03
C THR A 979 -53.83 -28.31 -13.32
N LYS A 980 -54.72 -27.60 -14.00
CA LYS A 980 -55.22 -26.35 -13.47
C LYS A 980 -56.11 -26.55 -12.26
N GLY A 981 -55.96 -25.68 -11.27
CA GLY A 981 -56.82 -25.64 -10.11
C GLY A 981 -56.48 -26.59 -8.99
N TYR A 982 -55.74 -27.66 -9.26
CA TYR A 982 -55.39 -28.61 -8.22
C TYR A 982 -54.19 -29.42 -8.67
N TYR A 983 -53.51 -30.02 -7.70
CA TYR A 983 -52.36 -30.87 -8.01
C TYR A 983 -52.08 -31.79 -6.84
N ARG A 984 -51.31 -32.81 -7.11
CA ARG A 984 -50.92 -33.77 -6.10
C ARG A 984 -49.47 -33.59 -5.70
N TYR A 985 -49.18 -33.87 -4.43
CA TYR A 985 -47.83 -33.78 -3.95
C TYR A 985 -47.62 -34.85 -2.92
N GLN A 986 -46.37 -35.12 -2.61
CA GLN A 986 -46.02 -36.02 -1.54
C GLN A 986 -44.78 -35.50 -0.85
N GLY A 987 -44.77 -35.57 0.46
CA GLY A 987 -43.62 -35.11 1.20
C GLY A 987 -43.98 -34.93 2.64
N ASN A 988 -42.96 -34.70 3.45
CA ASN A 988 -43.14 -34.48 4.87
C ASN A 988 -42.97 -32.99 5.12
N LEU A 989 -44.04 -32.34 5.53
CA LEU A 989 -43.98 -30.90 5.74
C LEU A 989 -43.13 -30.52 6.94
N ASP A 990 -42.89 -31.45 7.85
CA ASP A 990 -41.88 -31.23 8.87
C ASP A 990 -40.52 -31.73 8.43
N GLY A 991 -40.49 -32.49 7.34
CA GLY A 991 -39.32 -33.26 6.96
C GLY A 991 -38.41 -32.52 6.01
N ASP A 992 -37.71 -33.27 5.22
CA ASP A 992 -36.68 -32.69 4.40
C ASP A 992 -37.36 -32.00 3.23
N PRO A 993 -37.13 -30.71 3.00
CA PRO A 993 -37.69 -30.06 1.83
C PRO A 993 -37.20 -30.60 0.51
N ASN A 994 -36.03 -31.23 0.46
CA ASN A 994 -35.53 -31.74 -0.80
C ASN A 994 -36.28 -32.97 -1.28
N SER A 995 -37.06 -33.61 -0.41
CA SER A 995 -37.63 -34.89 -0.75
C SER A 995 -39.02 -34.83 -1.38
N PHE A 996 -39.63 -33.65 -1.47
CA PHE A 996 -40.98 -33.57 -2.03
C PHE A 996 -41.03 -34.03 -3.47
N GLU A 997 -42.14 -34.65 -3.85
CA GLU A 997 -42.39 -35.00 -5.23
C GLU A 997 -43.81 -34.65 -5.59
N PHE A 998 -44.03 -34.35 -6.86
CA PHE A 998 -45.25 -33.70 -7.29
C PHE A 998 -45.89 -34.44 -8.45
N PHE A 999 -46.56 -33.67 -9.30
CA PHE A 999 -47.80 -33.95 -10.00
C PHE A 999 -47.90 -35.40 -10.47
N ASP A 1000 -47.08 -35.83 -11.43
CA ASP A 1000 -47.26 -37.17 -12.00
C ASP A 1000 -46.54 -38.21 -11.19
N ARG A 1001 -45.38 -37.86 -10.65
CA ARG A 1001 -44.55 -38.83 -9.96
C ARG A 1001 -45.18 -39.26 -8.65
N VAL A 1002 -46.26 -38.61 -8.23
CA VAL A 1002 -47.06 -39.01 -7.10
C VAL A 1002 -48.51 -39.10 -7.57
N PRO A 1003 -48.89 -40.16 -8.29
CA PRO A 1003 -50.30 -40.31 -8.65
C PRO A 1003 -51.18 -40.50 -7.44
N TYR A 1004 -50.65 -41.09 -6.37
CA TYR A 1004 -51.35 -41.26 -5.12
C TYR A 1004 -50.57 -40.57 -4.03
N GLY A 1005 -51.20 -39.61 -3.39
CA GLY A 1005 -50.55 -38.79 -2.39
C GLY A 1005 -51.51 -37.69 -1.98
N ASP A 1006 -50.97 -36.68 -1.34
CA ASP A 1006 -51.87 -35.65 -0.92
C ASP A 1006 -52.34 -34.86 -2.14
N MET A 1007 -53.45 -34.16 -1.99
CA MET A 1007 -53.93 -33.28 -3.03
C MET A 1007 -54.23 -31.92 -2.43
N VAL A 1008 -53.76 -30.89 -3.10
CA VAL A 1008 -54.13 -29.52 -2.78
C VAL A 1008 -55.20 -29.13 -3.77
N SER A 1009 -56.37 -28.76 -3.27
CA SER A 1009 -57.49 -28.47 -4.12
C SER A 1009 -58.49 -27.63 -3.36
N GLU A 1010 -59.46 -27.08 -4.08
CA GLU A 1010 -60.57 -26.42 -3.43
C GLU A 1010 -61.30 -27.36 -2.50
N GLU A 1011 -61.32 -28.64 -2.83
CA GLU A 1011 -62.11 -29.60 -2.08
C GLU A 1011 -61.44 -30.01 -0.78
N ASP A 1012 -60.12 -30.17 -0.79
CA ASP A 1012 -59.44 -30.65 0.40
C ASP A 1012 -59.41 -29.63 1.53
N CYS A 1013 -59.81 -28.38 1.31
CA CYS A 1013 -59.92 -27.43 2.39
C CYS A 1013 -61.36 -27.19 2.79
N SER A 1014 -62.30 -27.90 2.19
CA SER A 1014 -63.72 -27.82 2.49
C SER A 1014 -64.26 -26.41 2.33
N LEU A 1015 -63.67 -25.63 1.42
CA LEU A 1015 -64.06 -24.23 1.28
C LEU A 1015 -65.49 -24.09 0.81
N ALA A 1016 -65.87 -24.87 -0.21
CA ALA A 1016 -67.22 -24.76 -0.76
C ALA A 1016 -68.27 -25.14 0.25
N THR A 1017 -67.96 -26.06 1.15
CA THR A 1017 -68.84 -26.30 2.28
C THR A 1017 -68.89 -25.09 3.18
N LEU A 1018 -67.75 -24.47 3.41
CA LEU A 1018 -67.64 -23.42 4.42
C LEU A 1018 -68.47 -22.19 4.06
N VAL A 1019 -68.41 -21.75 2.80
CA VAL A 1019 -68.99 -20.46 2.43
C VAL A 1019 -70.51 -20.50 2.42
N GLN A 1020 -71.11 -21.68 2.55
CA GLN A 1020 -72.56 -21.76 2.53
C GLN A 1020 -73.17 -21.18 3.81
N ASN A 1021 -72.39 -21.08 4.87
CA ASN A 1021 -72.88 -20.51 6.11
C ASN A 1021 -73.29 -19.06 5.93
N GLN A 1022 -74.47 -18.71 6.46
CA GLN A 1022 -75.05 -17.40 6.25
C GLN A 1022 -74.25 -16.28 6.90
N TYR A 1023 -73.35 -16.59 7.82
CA TYR A 1023 -72.52 -15.55 8.42
C TYR A 1023 -71.19 -15.38 7.73
N VAL A 1024 -70.54 -16.47 7.34
CA VAL A 1024 -69.19 -16.38 6.81
C VAL A 1024 -69.20 -15.73 5.43
N ARG A 1025 -70.18 -16.07 4.60
CA ARG A 1025 -70.19 -15.60 3.23
C ARG A 1025 -70.26 -14.08 3.12
N PRO A 1026 -71.12 -13.37 3.86
CA PRO A 1026 -70.99 -11.91 3.87
C PRO A 1026 -69.62 -11.44 4.31
N TRP A 1027 -69.01 -12.13 5.27
CA TRP A 1027 -67.71 -11.72 5.76
C TRP A 1027 -66.66 -11.82 4.67
N PHE A 1028 -66.62 -12.94 3.96
CA PHE A 1028 -65.67 -13.09 2.87
C PHE A 1028 -65.92 -12.10 1.76
N GLU A 1029 -67.18 -11.95 1.37
CA GLU A 1029 -67.47 -11.12 0.22
C GLU A 1029 -67.23 -9.64 0.53
N ARG A 1030 -67.39 -9.24 1.79
CA ARG A 1030 -66.91 -7.93 2.21
C ARG A 1030 -65.40 -7.88 2.14
N LYS A 1031 -64.73 -8.90 2.66
CA LYS A 1031 -63.29 -8.95 2.62
C LYS A 1031 -62.76 -9.23 1.22
N GLY A 1032 -63.61 -9.72 0.33
CA GLY A 1032 -63.16 -10.03 -1.00
C GLY A 1032 -62.36 -11.30 -1.11
N PHE A 1033 -62.34 -12.13 -0.09
CA PHE A 1033 -61.67 -13.41 -0.20
C PHE A 1033 -62.35 -14.23 -1.26
N ALA A 1034 -61.57 -15.02 -1.98
CA ALA A 1034 -62.15 -15.84 -3.03
C ALA A 1034 -62.96 -16.95 -2.40
N CYS A 1035 -64.26 -16.93 -2.61
CA CYS A 1035 -65.10 -18.00 -2.09
C CYS A 1035 -64.97 -19.28 -2.90
N SER A 1036 -64.31 -19.24 -4.05
CA SER A 1036 -64.08 -20.44 -4.81
C SER A 1036 -62.76 -20.30 -5.56
N TRP A 1037 -62.10 -21.42 -5.79
CA TRP A 1037 -60.79 -21.40 -6.44
C TRP A 1037 -60.94 -21.32 -7.95
N GLN A 1038 -60.32 -20.30 -8.53
CA GLN A 1038 -60.24 -20.22 -9.99
C GLN A 1038 -59.38 -21.36 -10.50
N LYS A 1039 -59.81 -21.99 -11.59
CA LYS A 1039 -59.07 -23.12 -12.15
C LYS A 1039 -57.93 -22.60 -13.02
N GLU A 1040 -56.91 -22.08 -12.35
CA GLU A 1040 -55.74 -21.50 -13.03
C GLU A 1040 -54.56 -22.44 -12.95
N ALA A 1041 -53.49 -22.08 -13.66
CA ALA A 1041 -52.28 -22.90 -13.63
C ALA A 1041 -51.47 -22.69 -12.37
N ASN A 1042 -51.35 -21.45 -11.89
CA ASN A 1042 -50.52 -21.17 -10.73
C ASN A 1042 -51.34 -21.38 -9.48
N VAL A 1043 -50.88 -22.30 -8.63
CA VAL A 1043 -51.60 -22.72 -7.45
C VAL A 1043 -50.64 -22.59 -6.28
N MET A 1044 -51.19 -22.36 -5.11
CA MET A 1044 -50.40 -22.16 -3.90
C MET A 1044 -49.67 -23.43 -3.48
N THR A 1045 -48.46 -23.25 -2.97
CA THR A 1045 -47.57 -24.38 -2.69
C THR A 1045 -48.07 -25.18 -1.50
N PRO A 1046 -47.66 -26.44 -1.37
CA PRO A 1046 -48.20 -27.26 -0.29
C PRO A 1046 -47.93 -26.72 1.09
N ILE A 1047 -46.76 -26.16 1.37
CA ILE A 1047 -46.53 -25.62 2.69
C ILE A 1047 -47.47 -24.47 2.97
N MET A 1048 -47.76 -23.65 1.96
CA MET A 1048 -48.73 -22.59 2.17
C MET A 1048 -50.10 -23.17 2.42
N PHE A 1049 -50.43 -24.25 1.72
CA PHE A 1049 -51.76 -24.82 1.84
C PHE A 1049 -51.99 -25.40 3.22
N THR A 1050 -51.07 -26.20 3.69
CA THR A 1050 -51.29 -26.82 4.98
C THR A 1050 -51.07 -25.87 6.13
N ASN A 1051 -49.99 -25.11 6.13
CA ASN A 1051 -49.74 -24.29 7.30
C ASN A 1051 -50.60 -23.03 7.29
N ILE A 1052 -50.54 -22.26 6.23
CA ILE A 1052 -51.09 -20.92 6.29
C ILE A 1052 -52.56 -20.90 5.93
N TYR A 1053 -52.89 -21.45 4.77
CA TYR A 1053 -54.19 -21.15 4.18
C TYR A 1053 -55.31 -21.73 5.00
N LYS A 1054 -55.21 -23.00 5.39
CA LYS A 1054 -56.25 -23.58 6.23
C LYS A 1054 -56.37 -22.84 7.56
N GLY A 1055 -55.25 -22.53 8.19
CA GLY A 1055 -55.27 -21.86 9.47
C GLY A 1055 -55.92 -20.50 9.39
N ALA A 1056 -55.49 -19.69 8.42
CA ALA A 1056 -56.09 -18.38 8.22
C ALA A 1056 -57.54 -18.50 7.84
N LEU A 1057 -57.89 -19.50 7.04
CA LEU A 1057 -59.26 -19.67 6.61
C LEU A 1057 -60.15 -20.00 7.80
N GLY A 1058 -59.68 -20.86 8.68
CA GLY A 1058 -60.44 -21.15 9.88
C GLY A 1058 -60.60 -19.94 10.76
N GLU A 1059 -59.54 -19.17 10.95
CA GLU A 1059 -59.62 -17.99 11.80
C GLU A 1059 -60.60 -16.97 11.24
N GLN A 1060 -60.61 -16.80 9.91
CA GLN A 1060 -61.58 -15.89 9.33
C GLN A 1060 -62.99 -16.41 9.50
N ALA A 1061 -63.19 -17.72 9.40
CA ALA A 1061 -64.53 -18.26 9.59
C ALA A 1061 -65.01 -18.05 11.02
N VAL A 1062 -64.15 -18.32 12.01
CA VAL A 1062 -64.57 -18.19 13.39
C VAL A 1062 -64.89 -16.74 13.72
N GLU A 1063 -64.07 -15.81 13.22
CA GLU A 1063 -64.41 -14.39 13.42
C GLU A 1063 -65.71 -14.05 12.71
N ALA A 1064 -65.93 -14.64 11.54
CA ALA A 1064 -67.13 -14.34 10.76
C ALA A 1064 -68.38 -14.69 11.54
N VAL A 1065 -68.47 -15.92 12.03
CA VAL A 1065 -69.66 -16.35 12.76
C VAL A 1065 -69.80 -15.58 14.07
N LEU A 1066 -68.73 -15.57 14.86
CA LEU A 1066 -68.84 -15.07 16.21
C LEU A 1066 -69.12 -13.57 16.27
N THR A 1067 -68.73 -12.83 15.24
CA THR A 1067 -68.87 -11.38 15.32
C THR A 1067 -70.32 -10.95 15.44
N ALA A 1068 -71.22 -11.64 14.75
CA ALA A 1068 -72.62 -11.25 14.81
C ALA A 1068 -73.26 -11.57 16.16
N PHE A 1069 -72.58 -12.32 17.01
CA PHE A 1069 -73.01 -12.49 18.39
C PHE A 1069 -72.18 -11.59 19.30
N ASP A 1070 -71.94 -10.37 18.82
CA ASP A 1070 -71.33 -9.27 19.56
C ASP A 1070 -69.91 -9.56 20.01
N PHE A 1071 -69.31 -10.65 19.57
CA PHE A 1071 -67.92 -10.87 19.89
C PHE A 1071 -67.08 -9.87 19.10
N THR A 1072 -66.25 -9.11 19.80
CA THR A 1072 -65.44 -8.10 19.17
C THR A 1072 -63.99 -8.52 19.28
N PHE A 1073 -63.29 -8.46 18.15
CA PHE A 1073 -61.99 -9.08 18.02
C PHE A 1073 -60.94 -8.02 17.84
N GLU A 1074 -59.83 -8.18 18.56
CA GLU A 1074 -58.73 -7.25 18.46
C GLU A 1074 -57.42 -8.02 18.35
N GLU A 1075 -56.44 -7.34 17.78
CA GLU A 1075 -55.17 -7.96 17.43
C GLU A 1075 -54.43 -8.36 18.69
N VAL A 1076 -53.88 -9.57 18.68
CA VAL A 1076 -53.15 -10.08 19.84
C VAL A 1076 -51.91 -9.24 20.09
N PRO A 1077 -51.70 -8.72 21.29
CA PRO A 1077 -50.61 -7.77 21.54
C PRO A 1077 -49.25 -8.36 21.20
N ASN A 1078 -48.35 -7.46 20.80
CA ASN A 1078 -47.09 -7.87 20.19
C ASN A 1078 -46.21 -8.64 21.14
N SER A 1079 -46.51 -8.58 22.45
CA SER A 1079 -45.79 -9.33 23.46
C SER A 1079 -46.15 -10.81 23.48
N ILE A 1080 -47.20 -11.24 22.76
CA ILE A 1080 -47.55 -12.65 22.67
C ILE A 1080 -47.95 -13.04 21.25
N TYR A 1081 -47.37 -12.38 20.24
CA TYR A 1081 -47.99 -12.40 18.91
C TYR A 1081 -47.99 -13.79 18.30
N GLU A 1082 -49.15 -14.15 17.73
CA GLU A 1082 -49.56 -15.45 17.18
C GLU A 1082 -49.23 -16.62 18.13
N ARG A 1083 -48.93 -16.34 19.38
CA ARG A 1083 -48.97 -17.41 20.38
C ARG A 1083 -50.42 -17.88 20.50
N PHE A 1084 -51.35 -16.95 20.26
CA PHE A 1084 -52.77 -17.22 20.07
C PHE A 1084 -53.25 -16.50 18.82
N ASP A 1085 -54.54 -16.67 18.53
CA ASP A 1085 -55.09 -16.10 17.31
C ASP A 1085 -55.63 -14.69 17.54
N ASN A 1086 -56.57 -14.52 18.45
CA ASN A 1086 -57.21 -13.23 18.60
C ASN A 1086 -57.55 -12.99 20.06
N ARG A 1087 -57.29 -11.75 20.50
CA ARG A 1087 -57.84 -11.29 21.76
C ARG A 1087 -59.24 -10.76 21.47
N VAL A 1088 -60.15 -11.01 22.41
CA VAL A 1088 -61.58 -10.89 22.13
C VAL A 1088 -62.24 -10.14 23.28
N ILE A 1089 -63.26 -9.36 22.96
CA ILE A 1089 -64.07 -8.66 23.93
C ILE A 1089 -65.53 -8.91 23.56
N PHE A 1090 -66.22 -9.70 24.38
CA PHE A 1090 -67.68 -9.80 24.30
C PHE A 1090 -68.37 -8.77 25.16
N ALA A 1091 -69.20 -7.94 24.51
CA ALA A 1091 -70.23 -7.13 25.15
C ALA A 1091 -69.69 -6.32 26.33
N GLY A 1092 -68.42 -5.93 26.26
CA GLY A 1092 -67.83 -5.15 27.32
C GLY A 1092 -67.44 -5.90 28.58
N ILE A 1093 -67.43 -7.23 28.54
CA ILE A 1093 -66.89 -7.98 29.67
C ILE A 1093 -65.40 -7.69 29.77
N GLU A 1094 -64.96 -7.34 30.98
CA GLU A 1094 -63.65 -6.71 31.14
C GLU A 1094 -62.49 -7.69 31.19
N GLN A 1095 -62.74 -8.94 31.56
CA GLN A 1095 -61.65 -9.89 31.68
C GLN A 1095 -61.11 -10.29 30.30
N PRO A 1096 -59.83 -10.64 30.21
CA PRO A 1096 -59.24 -10.97 28.89
C PRO A 1096 -59.77 -12.30 28.35
N ILE A 1097 -59.93 -12.34 27.03
CA ILE A 1097 -60.45 -13.50 26.31
C ILE A 1097 -59.48 -13.84 25.18
N TRP A 1098 -59.23 -15.13 24.97
CA TRP A 1098 -58.26 -15.56 23.97
C TRP A 1098 -58.79 -16.70 23.12
N LEU A 1099 -58.48 -16.65 21.82
CA LEU A 1099 -58.79 -17.69 20.85
C LEU A 1099 -57.53 -18.32 20.25
N ASP A 1100 -57.58 -19.64 20.14
CA ASP A 1100 -56.73 -20.40 19.24
C ASP A 1100 -57.67 -21.23 18.40
N SER A 1101 -57.44 -21.26 17.09
CA SER A 1101 -58.31 -21.97 16.16
C SER A 1101 -57.56 -23.07 15.44
N LYS A 1102 -58.24 -24.17 15.17
CA LYS A 1102 -57.75 -25.22 14.27
C LYS A 1102 -58.47 -25.17 12.93
N SER A 1112 -50.82 -31.10 26.89
CA SER A 1112 -51.74 -30.21 27.59
C SER A 1112 -51.01 -29.33 28.59
N GLU A 1113 -49.90 -29.85 29.13
CA GLU A 1113 -49.09 -29.07 30.05
C GLU A 1113 -48.24 -28.03 29.33
N GLY A 1114 -47.79 -28.33 28.10
CA GLY A 1114 -47.16 -27.29 27.30
C GLY A 1114 -48.14 -26.17 26.96
N TYR A 1115 -49.35 -26.54 26.55
CA TYR A 1115 -50.38 -25.53 26.32
C TYR A 1115 -50.71 -24.79 27.59
N SER A 1116 -50.67 -25.50 28.73
CA SER A 1116 -50.77 -24.83 30.02
C SER A 1116 -49.62 -23.86 30.24
N SER A 1117 -48.44 -24.18 29.69
CA SER A 1117 -47.32 -23.25 29.82
C SER A 1117 -47.58 -21.98 29.02
N LYS A 1118 -48.15 -22.11 27.83
CA LYS A 1118 -48.57 -20.89 27.15
C LYS A 1118 -49.64 -20.14 27.93
N ILE A 1119 -50.61 -20.88 28.47
CA ILE A 1119 -51.68 -20.29 29.28
C ILE A 1119 -51.09 -19.50 30.44
N ALA A 1120 -50.15 -20.11 31.16
CA ALA A 1120 -49.52 -19.46 32.30
C ALA A 1120 -48.69 -18.27 31.86
N LEU A 1121 -48.03 -18.40 30.69
CA LEU A 1121 -47.28 -17.28 30.15
C LEU A 1121 -48.18 -16.09 29.88
N VAL A 1122 -49.37 -16.35 29.35
CA VAL A 1122 -50.33 -15.27 29.10
C VAL A 1122 -50.81 -14.68 30.42
N GLU A 1123 -51.26 -15.53 31.34
CA GLU A 1123 -51.81 -15.03 32.59
C GLU A 1123 -50.75 -14.41 33.47
N GLU A 1124 -49.48 -14.66 33.18
CA GLU A 1124 -48.43 -13.97 33.91
C GLU A 1124 -48.44 -12.48 33.59
N GLU A 1125 -48.77 -12.11 32.35
CA GLU A 1125 -48.67 -10.73 31.88
C GLU A 1125 -50.00 -10.07 31.51
N PHE A 1126 -51.10 -10.82 31.49
CA PHE A 1126 -52.42 -10.21 31.56
C PHE A 1126 -53.30 -10.77 32.67
N GLY A 1127 -52.77 -11.56 33.59
CA GLY A 1127 -53.56 -12.00 34.72
C GLY A 1127 -54.57 -13.03 34.30
N PRO A 1128 -55.50 -13.36 35.20
CA PRO A 1128 -56.51 -14.38 34.89
C PRO A 1128 -57.27 -14.10 33.60
N SER A 1129 -57.36 -15.12 32.76
CA SER A 1129 -57.83 -14.93 31.39
C SER A 1129 -58.64 -16.15 30.95
N LYS A 1130 -59.45 -15.95 29.91
CA LYS A 1130 -60.37 -16.96 29.42
C LYS A 1130 -59.89 -17.45 28.06
N PHE A 1131 -59.74 -18.77 27.93
CA PHE A 1131 -59.11 -19.40 26.77
C PHE A 1131 -60.11 -20.27 26.03
N ILE A 1132 -60.27 -20.01 24.74
CA ILE A 1132 -61.25 -20.69 23.91
C ILE A 1132 -60.53 -21.43 22.79
N TYR A 1133 -60.67 -22.75 22.76
CA TYR A 1133 -60.13 -23.60 21.71
C TYR A 1133 -61.27 -24.11 20.86
N VAL A 1134 -61.25 -23.79 19.57
CA VAL A 1134 -62.39 -24.09 18.71
C VAL A 1134 -61.89 -24.55 17.34
N ASN A 1135 -62.50 -25.61 16.84
CA ASN A 1135 -62.34 -25.99 15.45
C ASN A 1135 -63.48 -25.39 14.66
N ALA A 1136 -63.15 -24.63 13.63
CA ALA A 1136 -64.16 -23.86 12.91
C ALA A 1136 -65.19 -24.75 12.24
N LEU A 1137 -64.75 -25.87 11.71
CA LEU A 1137 -65.60 -26.76 10.95
C LEU A 1137 -65.53 -28.15 11.57
N GLY A 1138 -66.66 -28.84 11.60
CA GLY A 1138 -66.69 -30.18 12.17
C GLY A 1138 -68.10 -30.62 12.47
N ASP A 1139 -68.21 -31.53 13.44
CA ASP A 1139 -69.48 -32.08 13.88
C ASP A 1139 -69.99 -31.22 15.04
N THR A 1140 -71.05 -30.45 14.79
CA THR A 1140 -71.62 -29.60 15.82
C THR A 1140 -72.38 -30.36 16.89
N SER A 1141 -72.60 -31.67 16.72
CA SER A 1141 -73.31 -32.42 17.74
C SER A 1141 -72.43 -32.76 18.93
N LYS A 1142 -71.12 -32.71 18.77
CA LYS A 1142 -70.22 -33.11 19.84
C LYS A 1142 -70.29 -32.12 21.00
N PRO A 1143 -70.03 -32.58 22.22
CA PRO A 1143 -70.28 -31.72 23.38
C PRO A 1143 -69.22 -30.66 23.58
N ILE A 1144 -69.66 -29.50 24.06
CA ILE A 1144 -68.74 -28.49 24.54
C ILE A 1144 -68.08 -28.98 25.83
N ARG A 1145 -66.78 -28.76 25.95
CA ARG A 1145 -66.04 -29.18 27.13
C ARG A 1145 -65.45 -27.97 27.83
N TYR A 1146 -65.66 -27.90 29.14
CA TYR A 1146 -65.09 -26.87 29.98
C TYR A 1146 -63.88 -27.45 30.70
N LEU A 1147 -62.72 -26.82 30.56
CA LEU A 1147 -61.47 -27.44 30.97
C LEU A 1147 -60.68 -26.56 31.91
N ASN A 1148 -59.82 -27.21 32.69
CA ASN A 1148 -58.79 -26.52 33.44
C ASN A 1148 -57.64 -26.11 32.53
N SER A 1149 -56.56 -25.64 33.16
CA SER A 1149 -55.34 -25.34 32.43
C SER A 1149 -54.77 -26.58 31.75
N CYS A 1150 -54.76 -27.71 32.44
CA CYS A 1150 -54.20 -28.95 31.92
C CYS A 1150 -55.15 -29.67 30.98
N PHE A 1151 -56.15 -28.97 30.44
CA PHE A 1151 -57.16 -29.53 29.55
C PHE A 1151 -57.98 -30.61 30.24
N VAL A 1152 -58.16 -30.51 31.54
CA VAL A 1152 -58.94 -31.47 32.31
C VAL A 1152 -60.27 -30.84 32.63
N GLU A 1153 -61.33 -31.62 32.48
CA GLU A 1153 -62.68 -31.10 32.65
C GLU A 1153 -62.95 -30.66 34.07
N THR A 1154 -63.67 -29.55 34.20
CA THR A 1154 -64.02 -28.99 35.49
C THR A 1154 -65.29 -28.16 35.33
N SER A 1155 -65.74 -27.58 36.43
CA SER A 1155 -66.96 -26.78 36.43
C SER A 1155 -66.76 -25.52 35.58
N PRO A 1156 -67.84 -25.00 35.00
CA PRO A 1156 -67.72 -23.75 34.23
C PRO A 1156 -67.18 -22.58 35.02
N GLN A 1157 -67.46 -22.53 36.32
CA GLN A 1157 -66.90 -21.47 37.16
C GLN A 1157 -65.40 -21.67 37.36
N LEU A 1158 -64.93 -22.92 37.34
CA LEU A 1158 -63.50 -23.17 37.42
C LEU A 1158 -62.84 -23.20 36.05
N ALA A 1159 -63.61 -23.43 34.99
CA ALA A 1159 -63.03 -23.63 33.67
C ALA A 1159 -62.47 -22.33 33.13
N LYS A 1160 -61.15 -22.19 33.17
CA LYS A 1160 -60.49 -21.12 32.43
C LYS A 1160 -60.43 -21.42 30.94
N VAL A 1161 -60.60 -22.68 30.55
CA VAL A 1161 -60.43 -23.12 29.16
C VAL A 1161 -61.70 -23.81 28.71
N ILE A 1162 -62.09 -23.56 27.46
CA ILE A 1162 -63.21 -24.24 26.84
C ILE A 1162 -62.70 -24.86 25.53
N GLU A 1163 -63.24 -26.01 25.18
CA GLU A 1163 -62.93 -26.65 23.91
C GLU A 1163 -64.22 -26.86 23.15
N ILE A 1164 -64.33 -26.23 21.99
CA ILE A 1164 -65.52 -26.32 21.17
C ILE A 1164 -65.20 -27.16 19.94
N PRO A 1165 -65.86 -28.30 19.75
CA PRO A 1165 -65.52 -29.16 18.63
C PRO A 1165 -65.87 -28.58 17.27
N ALA A 1166 -66.94 -27.79 17.17
CA ALA A 1166 -67.38 -27.33 15.86
C ALA A 1166 -68.36 -26.17 15.99
N LEU A 1167 -68.11 -25.11 15.24
CA LEU A 1167 -69.10 -24.06 15.07
C LEU A 1167 -69.94 -24.25 13.83
N ILE A 1168 -69.39 -24.89 12.81
CA ILE A 1168 -70.06 -25.03 11.53
C ILE A 1168 -70.24 -26.51 11.26
N ASP A 1169 -71.41 -26.90 10.79
CA ASP A 1169 -71.65 -28.31 10.51
C ASP A 1169 -71.31 -28.67 9.08
N ASP A 1174 -74.16 -25.02 8.92
CA ASP A 1174 -75.06 -24.73 10.03
C ASP A 1174 -74.31 -24.19 11.22
N THR A 1175 -74.76 -23.04 11.73
CA THR A 1175 -74.08 -22.46 12.87
C THR A 1175 -74.38 -23.26 14.12
N ASN A 1176 -73.35 -23.54 14.92
CA ASN A 1176 -73.54 -24.11 16.25
C ASN A 1176 -73.86 -22.98 17.22
N ARG A 1177 -75.05 -22.40 17.03
CA ARG A 1177 -75.53 -21.32 17.88
C ARG A 1177 -75.56 -21.74 19.35
N THR A 1178 -75.78 -23.03 19.59
CA THR A 1178 -75.75 -23.55 20.95
C THR A 1178 -74.43 -23.22 21.62
N ALA A 1179 -73.34 -23.75 21.06
CA ALA A 1179 -72.02 -23.60 21.65
C ALA A 1179 -71.68 -22.13 21.86
N VAL A 1180 -72.15 -21.26 20.97
CA VAL A 1180 -72.04 -19.83 21.20
C VAL A 1180 -72.73 -19.46 22.51
N GLN A 1181 -73.92 -20.02 22.75
CA GLN A 1181 -74.69 -19.61 23.92
C GLN A 1181 -74.04 -20.09 25.20
N GLU A 1182 -73.61 -21.36 25.26
CA GLU A 1182 -72.92 -21.79 26.47
C GLU A 1182 -71.58 -21.10 26.64
N LEU A 1183 -70.94 -20.70 25.55
CA LEU A 1183 -69.74 -19.90 25.70
C LEU A 1183 -70.06 -18.58 26.39
N ILE A 1184 -71.13 -17.94 25.94
CA ILE A 1184 -71.56 -16.69 26.56
C ILE A 1184 -71.82 -16.91 28.04
N LYS A 1185 -72.51 -18.01 28.37
CA LYS A 1185 -72.76 -18.33 29.76
C LYS A 1185 -71.48 -18.65 30.52
N TRP A 1186 -70.55 -19.35 29.87
CA TRP A 1186 -69.34 -19.75 30.55
C TRP A 1186 -68.51 -18.52 30.93
N LEU A 1187 -68.55 -17.50 30.08
CA LEU A 1187 -68.01 -16.21 30.48
C LEU A 1187 -68.82 -15.60 31.61
N HIS A 1188 -70.14 -15.79 31.59
CA HIS A 1188 -70.96 -15.26 32.67
C HIS A 1188 -70.63 -15.91 34.01
N HIS A 1189 -70.19 -17.17 33.99
CA HIS A 1189 -69.85 -17.86 35.23
C HIS A 1189 -68.53 -17.38 35.84
N SER A 1190 -67.86 -16.41 35.23
CA SER A 1190 -66.64 -15.86 35.78
C SER A 1190 -66.94 -15.00 36.99
N MET C 1 37.72 -23.38 -10.54
CA MET C 1 37.86 -24.57 -9.70
C MET C 1 37.39 -24.31 -8.27
N ASN C 2 36.94 -25.37 -7.60
CA ASN C 2 36.60 -25.30 -6.18
C ASN C 2 37.86 -25.49 -5.36
N VAL C 3 38.75 -24.50 -5.43
CA VAL C 3 40.03 -24.60 -4.76
C VAL C 3 39.87 -24.61 -3.26
N SER C 4 40.53 -25.58 -2.63
CA SER C 4 40.58 -25.66 -1.18
C SER C 4 41.72 -24.84 -0.61
N ILE C 5 41.61 -24.54 0.67
CA ILE C 5 42.59 -23.76 1.42
C ILE C 5 43.98 -24.39 1.38
N GLU C 6 44.02 -25.69 1.09
CA GLU C 6 45.26 -26.44 1.14
C GLU C 6 46.31 -25.95 0.14
N GLU C 7 45.91 -25.15 -0.85
CA GLU C 7 46.88 -24.55 -1.75
C GLU C 7 47.87 -23.65 -1.02
N PHE C 8 47.51 -23.12 0.13
CA PHE C 8 48.43 -22.28 0.86
C PHE C 8 49.25 -23.07 1.87
N THR C 9 49.17 -24.40 1.84
CA THR C 9 49.85 -25.21 2.84
C THR C 9 51.35 -24.97 2.80
N HIS C 10 51.92 -24.77 1.61
CA HIS C 10 53.33 -24.48 1.49
C HIS C 10 53.60 -23.00 1.33
N PHE C 11 52.56 -22.17 1.42
CA PHE C 11 52.78 -20.74 1.30
C PHE C 11 53.49 -20.21 2.54
N ASP C 12 54.41 -19.29 2.33
CA ASP C 12 55.19 -18.70 3.42
C ASP C 12 54.55 -17.38 3.81
N PHE C 13 53.72 -17.41 4.86
CA PHE C 13 53.05 -16.20 5.30
C PHE C 13 54.02 -15.16 5.84
N GLN C 14 55.27 -15.53 6.12
CA GLN C 14 56.27 -14.54 6.50
C GLN C 14 56.79 -13.75 5.32
N LEU C 15 56.57 -14.23 4.11
CA LEU C 15 57.17 -13.61 2.93
C LEU C 15 56.32 -12.43 2.49
N VAL C 16 56.48 -11.32 3.20
CA VAL C 16 55.74 -10.10 2.91
C VAL C 16 56.53 -9.27 1.90
N PRO C 17 55.89 -8.40 1.12
CA PRO C 17 56.66 -7.44 0.33
C PRO C 17 57.35 -6.44 1.24
N GLU C 18 58.27 -5.70 0.67
CA GLU C 18 58.91 -4.62 1.43
C GLU C 18 57.85 -3.57 1.75
N PRO C 19 57.69 -3.20 3.01
CA PRO C 19 56.61 -2.27 3.36
C PRO C 19 56.99 -0.84 3.08
N SER C 20 56.07 -0.12 2.46
CA SER C 20 56.21 1.31 2.30
C SER C 20 55.97 1.95 3.66
N PRO C 21 56.40 3.21 3.86
CA PRO C 21 56.23 3.83 5.17
C PRO C 21 54.81 3.81 5.69
N LEU C 22 53.84 3.94 4.80
CA LEU C 22 52.45 3.97 5.24
C LEU C 22 52.03 2.63 5.81
N ASP C 23 52.49 1.53 5.23
CA ASP C 23 52.16 0.24 5.78
C ASP C 23 52.77 0.05 7.15
N LEU C 24 53.99 0.56 7.34
CA LEU C 24 54.59 0.54 8.67
C LEU C 24 53.76 1.33 9.65
N VAL C 25 53.33 2.52 9.24
CA VAL C 25 52.54 3.37 10.12
C VAL C 25 51.28 2.65 10.57
N ILE C 26 50.59 2.02 9.64
CA ILE C 26 49.35 1.33 9.98
C ILE C 26 49.64 0.15 10.89
N THR C 27 50.68 -0.62 10.57
CA THR C 27 51.00 -1.78 11.39
C THR C 27 51.41 -1.38 12.80
N GLU C 28 52.21 -0.32 12.92
CA GLU C 28 52.63 0.16 14.22
C GLU C 28 51.45 0.58 15.06
N SER C 29 50.55 1.38 14.49
CA SER C 29 49.44 1.91 15.28
C SER C 29 48.49 0.79 15.69
N LEU C 30 48.25 -0.17 14.81
CA LEU C 30 47.40 -1.28 15.24
C LEU C 30 48.10 -2.13 16.28
N LYS C 31 49.42 -2.22 16.22
CA LYS C 31 50.16 -2.92 17.25
C LYS C 31 50.02 -2.22 18.59
N ASN C 32 50.19 -0.89 18.59
CA ASN C 32 50.00 -0.09 19.79
C ASN C 32 48.60 -0.28 20.34
N HIS C 33 47.61 -0.29 19.46
CA HIS C 33 46.25 -0.53 19.90
C HIS C 33 46.14 -1.85 20.62
N ILE C 34 46.69 -2.90 20.04
CA ILE C 34 46.58 -4.23 20.64
C ILE C 34 47.17 -4.22 22.04
N GLU C 35 48.22 -3.43 22.23
CA GLU C 35 48.84 -3.33 23.54
C GLU C 35 47.91 -2.65 24.54
N VAL C 36 47.35 -1.51 24.15
CA VAL C 36 46.46 -0.74 25.01
C VAL C 36 45.05 -1.23 24.73
N ASN C 37 44.67 -2.31 25.42
CA ASN C 37 43.44 -3.08 25.65
C ASN C 37 43.07 -3.91 24.43
N GLY C 38 43.91 -3.86 23.41
CA GLY C 38 43.40 -3.99 22.06
C GLY C 38 42.88 -5.34 21.65
N VAL C 39 43.26 -6.41 22.34
CA VAL C 39 42.76 -7.71 21.93
C VAL C 39 41.26 -7.72 22.14
N LYS C 40 40.52 -8.04 21.08
CA LYS C 40 39.07 -8.07 21.10
C LYS C 40 38.51 -6.70 21.50
N SER C 41 39.15 -5.64 21.00
CA SER C 41 38.76 -4.27 21.29
C SER C 41 38.69 -3.46 20.03
N GLY C 42 37.65 -2.66 19.90
CA GLY C 42 37.48 -1.82 18.73
C GLY C 42 38.53 -0.75 18.64
N ALA C 43 38.46 0.04 17.57
CA ALA C 43 39.36 1.16 17.39
C ALA C 43 38.79 2.07 16.33
N LEU C 44 39.45 3.20 16.14
CA LEU C 44 39.18 4.10 15.03
C LEU C 44 40.45 4.85 14.73
N LEU C 45 40.95 4.73 13.50
CA LEU C 45 42.25 5.25 13.13
C LEU C 45 42.10 6.18 11.94
N PRO C 46 41.92 7.47 12.17
CA PRO C 46 41.88 8.40 11.04
C PRO C 46 43.25 8.56 10.42
N LEU C 47 43.31 8.43 9.10
CA LEU C 47 44.57 8.39 8.37
C LEU C 47 44.58 9.51 7.34
N PRO C 48 45.13 10.63 7.66
CA PRO C 48 45.13 11.74 6.70
C PRO C 48 46.22 11.67 5.64
N PHE C 49 46.27 10.56 4.91
CA PHE C 49 47.18 10.42 3.79
C PHE C 49 46.78 11.31 2.63
N GLN C 50 47.72 12.05 2.08
CA GLN C 50 47.41 12.88 0.91
C GLN C 50 47.16 11.99 -0.29
N THR C 51 46.31 12.47 -1.18
CA THR C 51 46.08 11.74 -2.41
C THR C 51 47.32 11.78 -3.28
N GLY C 52 47.66 10.65 -3.89
CA GLY C 52 48.87 10.55 -4.68
C GLY C 52 50.07 10.04 -3.93
N ILE C 53 49.97 9.85 -2.62
CA ILE C 53 51.02 9.14 -1.91
C ILE C 53 50.82 7.64 -2.06
N GLY C 54 49.67 7.22 -2.60
CA GLY C 54 49.31 5.82 -2.66
C GLY C 54 48.37 5.41 -1.54
N LYS C 55 47.30 6.16 -1.35
CA LYS C 55 46.31 5.83 -0.34
C LYS C 55 45.70 4.47 -0.59
N THR C 56 45.08 4.31 -1.75
CA THR C 56 44.33 3.09 -2.03
C THR C 56 45.26 1.89 -2.11
N TYR C 57 46.43 2.07 -2.70
CA TYR C 57 47.39 0.97 -2.75
C TYR C 57 47.73 0.50 -1.35
N THR C 58 47.94 1.44 -0.44
CA THR C 58 48.26 1.08 0.93
C THR C 58 47.11 0.34 1.59
N ALA C 59 45.90 0.84 1.42
CA ALA C 59 44.75 0.24 2.08
C ALA C 59 44.47 -1.15 1.54
N LEU C 60 44.55 -1.32 0.23
CA LEU C 60 44.30 -2.63 -0.35
C LEU C 60 45.37 -3.62 0.04
N ASN C 61 46.62 -3.17 0.10
CA ASN C 61 47.67 -4.05 0.57
C ASN C 61 47.42 -4.48 2.00
N PHE C 62 46.95 -3.55 2.84
CA PHE C 62 46.60 -3.91 4.20
C PHE C 62 45.49 -4.95 4.22
N LEU C 63 44.47 -4.74 3.40
CA LEU C 63 43.36 -5.67 3.37
C LEU C 63 43.83 -7.05 2.93
N LEU C 64 44.77 -7.08 1.99
CA LEU C 64 45.32 -8.34 1.53
C LEU C 64 46.04 -9.06 2.66
N GLN C 65 46.80 -8.32 3.47
CA GLN C 65 47.42 -8.95 4.63
C GLN C 65 46.41 -9.55 5.56
N GLN C 66 45.27 -8.89 5.75
CA GLN C 66 44.26 -9.48 6.61
C GLN C 66 43.71 -10.78 6.02
N MET C 67 43.58 -10.85 4.69
CA MET C 67 43.14 -12.10 4.08
C MET C 67 44.16 -13.20 4.30
N LEU C 68 45.43 -12.91 4.05
CA LEU C 68 46.46 -13.93 4.24
C LEU C 68 46.51 -14.37 5.69
N GLU C 69 46.35 -13.43 6.61
CA GLU C 69 46.34 -13.79 8.01
C GLU C 69 45.16 -14.69 8.34
N GLN C 70 44.00 -14.42 7.74
CA GLN C 70 42.84 -15.28 7.97
C GLN C 70 43.08 -16.69 7.48
N VAL C 71 43.67 -16.83 6.30
CA VAL C 71 43.95 -18.16 5.75
C VAL C 71 44.97 -18.89 6.61
N ARG C 72 46.03 -18.19 6.98
CA ARG C 72 47.01 -18.72 7.92
C ARG C 72 46.34 -19.24 9.17
N SER C 73 45.40 -18.47 9.70
CA SER C 73 44.69 -18.89 10.90
C SER C 73 43.88 -20.16 10.65
N GLU C 74 43.15 -20.20 9.54
CA GLU C 74 42.27 -21.34 9.30
C GLU C 74 43.06 -22.61 9.03
N LEU C 75 44.30 -22.50 8.54
CA LEU C 75 45.12 -23.69 8.40
C LEU C 75 45.51 -24.29 9.74
N LYS C 76 45.42 -23.53 10.82
CA LYS C 76 45.88 -23.98 12.11
C LYS C 76 44.77 -24.12 13.14
N GLU C 77 43.69 -23.34 13.00
CA GLU C 77 42.58 -23.40 13.93
C GLU C 77 41.62 -24.56 13.68
N GLU C 78 41.90 -25.41 12.69
CA GLU C 78 41.08 -26.61 12.51
C GLU C 78 41.11 -27.50 13.75
N ASN C 79 42.15 -27.35 14.57
CA ASN C 79 42.16 -27.97 15.89
C ASN C 79 41.04 -27.45 16.77
N THR C 80 40.50 -26.27 16.47
CA THR C 80 39.41 -25.68 17.24
C THR C 80 38.09 -25.69 16.50
N GLY C 81 38.04 -26.27 15.30
CA GLY C 81 36.85 -26.20 14.48
C GLY C 81 36.73 -24.86 13.79
N LYS C 82 35.72 -24.74 12.92
CA LYS C 82 35.55 -23.51 12.14
C LYS C 82 34.88 -22.45 13.01
N LYS C 83 35.64 -21.43 13.38
CA LYS C 83 35.11 -20.33 14.15
C LYS C 83 34.34 -19.37 13.27
N SER C 84 33.63 -18.45 13.91
CA SER C 84 32.93 -17.39 13.17
C SER C 84 33.93 -16.55 12.40
N LYS C 85 33.61 -16.30 11.13
CA LYS C 85 34.54 -15.57 10.27
C LYS C 85 34.74 -14.14 10.75
N ARG C 86 35.96 -13.66 10.54
CA ARG C 86 36.35 -12.29 10.78
C ARG C 86 36.14 -11.52 9.50
N LEU C 87 34.97 -10.91 9.35
CA LEU C 87 34.63 -10.20 8.12
C LEU C 87 35.51 -8.98 7.91
N LEU C 88 35.84 -8.71 6.67
CA LEU C 88 36.57 -7.51 6.31
C LEU C 88 35.70 -6.76 5.33
N TYR C 89 35.60 -5.46 5.49
CA TYR C 89 34.80 -4.65 4.59
C TYR C 89 35.65 -3.59 3.94
N TYR C 90 35.19 -3.10 2.82
CA TYR C 90 35.70 -1.85 2.27
C TYR C 90 34.48 -1.06 1.87
N VAL C 91 34.29 0.10 2.48
CA VAL C 91 33.12 0.89 2.17
C VAL C 91 33.56 2.27 1.75
N THR C 92 32.81 2.85 0.83
CA THR C 92 32.98 4.24 0.46
C THR C 92 31.65 4.73 -0.09
N ASP C 93 31.53 6.04 -0.16
CA ASP C 93 30.26 6.68 -0.50
C ASP C 93 29.77 6.32 -1.90
N SER C 94 30.68 6.16 -2.85
CA SER C 94 30.34 6.15 -4.27
C SER C 94 30.56 4.80 -4.91
N VAL C 95 29.62 4.37 -5.75
CA VAL C 95 29.70 3.07 -6.39
C VAL C 95 30.90 3.00 -7.33
N ASP C 96 31.20 4.11 -7.99
CA ASP C 96 32.29 4.14 -8.95
C ASP C 96 33.61 3.79 -8.29
N ASN C 97 33.75 4.12 -7.02
CA ASN C 97 34.97 3.82 -6.29
C ASN C 97 34.95 2.45 -5.66
N VAL C 98 33.79 1.96 -5.25
CA VAL C 98 33.72 0.59 -4.76
C VAL C 98 34.14 -0.38 -5.84
N VAL C 99 33.62 -0.21 -7.04
CA VAL C 99 33.98 -1.14 -8.10
C VAL C 99 35.44 -0.96 -8.52
N SER C 100 35.88 0.28 -8.60
CA SER C 100 37.28 0.53 -8.95
C SER C 100 38.22 -0.08 -7.94
N ALA C 101 37.93 0.07 -6.65
CA ALA C 101 38.79 -0.47 -5.62
C ALA C 101 38.79 -1.98 -5.66
N LYS C 102 37.63 -2.60 -5.88
CA LYS C 102 37.61 -4.06 -5.96
C LYS C 102 38.48 -4.55 -7.10
N ALA C 103 38.36 -3.91 -8.25
CA ALA C 103 39.16 -4.32 -9.39
C ALA C 103 40.64 -4.15 -9.11
N ASP C 104 41.02 -3.07 -8.42
CA ASP C 104 42.41 -2.91 -8.07
C ASP C 104 42.88 -4.01 -7.13
N LEU C 105 42.03 -4.45 -6.23
CA LEU C 105 42.44 -5.52 -5.34
C LEU C 105 42.68 -6.80 -6.12
N LEU C 106 41.79 -7.13 -7.05
CA LEU C 106 42.01 -8.32 -7.85
C LEU C 106 43.28 -8.19 -8.68
N LYS C 107 43.52 -7.01 -9.22
CA LYS C 107 44.75 -6.78 -9.98
C LYS C 107 45.97 -6.97 -9.10
N LEU C 108 45.90 -6.49 -7.86
CA LEU C 108 47.00 -6.64 -6.93
C LEU C 108 47.25 -8.10 -6.62
N ILE C 109 46.18 -8.87 -6.42
CA ILE C 109 46.34 -10.30 -6.21
C ILE C 109 47.00 -10.95 -7.40
N GLU C 110 46.67 -10.49 -8.61
CA GLU C 110 47.31 -11.02 -9.81
C GLU C 110 48.80 -10.76 -9.84
N LYS C 111 49.20 -9.52 -9.64
CA LYS C 111 50.53 -9.11 -10.05
C LYS C 111 51.45 -8.73 -8.91
N GLN C 112 51.10 -9.03 -7.67
CA GLN C 112 52.03 -8.78 -6.58
C GLN C 112 53.18 -9.76 -6.64
N THR C 113 54.39 -9.24 -6.60
CA THR C 113 55.60 -10.05 -6.68
C THR C 113 56.47 -9.82 -5.46
N VAL C 114 57.13 -10.89 -5.01
CA VAL C 114 58.12 -10.82 -3.95
C VAL C 114 59.40 -11.44 -4.49
N LYS C 115 60.54 -10.83 -4.14
CA LYS C 115 61.87 -11.14 -4.68
C LYS C 115 61.85 -11.35 -6.20
N GLY C 116 60.98 -10.63 -6.90
CA GLY C 116 60.87 -10.79 -8.33
C GLY C 116 60.09 -11.98 -8.79
N GLU C 117 59.42 -12.71 -7.90
CA GLU C 117 58.58 -13.78 -8.40
C GLU C 117 57.13 -13.57 -7.97
N PRO C 118 56.17 -13.97 -8.79
CA PRO C 118 54.76 -13.68 -8.49
C PRO C 118 54.31 -14.39 -7.22
N ARG C 119 53.70 -13.62 -6.33
CA ARG C 119 53.55 -14.08 -4.95
C ARG C 119 52.63 -15.29 -4.84
N PHE C 120 51.67 -15.43 -5.74
CA PHE C 120 50.66 -16.46 -5.60
C PHE C 120 50.57 -17.34 -6.83
N THR C 121 50.39 -18.63 -6.61
CA THR C 121 50.09 -19.54 -7.69
C THR C 121 48.67 -19.35 -8.19
N LEU C 122 48.37 -19.95 -9.33
CA LEU C 122 47.06 -19.75 -9.95
C LEU C 122 45.94 -20.29 -9.09
N GLU C 123 46.12 -21.45 -8.46
CA GLU C 123 45.08 -21.94 -7.58
C GLU C 123 44.96 -21.05 -6.36
N GLN C 124 46.07 -20.52 -5.89
CA GLN C 124 46.02 -19.55 -4.81
C GLN C 124 45.27 -18.29 -5.24
N GLN C 125 45.60 -17.75 -6.41
CA GLN C 125 44.95 -16.54 -6.87
C GLN C 125 43.47 -16.76 -7.06
N GLU C 126 43.07 -17.94 -7.50
CA GLU C 126 41.65 -18.20 -7.60
C GLU C 126 41.05 -18.33 -6.20
N TYR C 127 41.82 -18.85 -5.25
CA TYR C 127 41.33 -18.92 -3.88
C TYR C 127 41.03 -17.56 -3.30
N LEU C 128 41.98 -16.64 -3.37
CA LEU C 128 41.76 -15.34 -2.78
C LEU C 128 40.61 -14.63 -3.47
N LYS C 129 40.60 -14.63 -4.80
CA LYS C 129 39.52 -14.01 -5.53
C LYS C 129 38.18 -14.65 -5.21
N ALA C 130 38.18 -15.91 -4.79
CA ALA C 130 36.93 -16.50 -4.37
C ALA C 130 36.41 -15.82 -3.13
N GLN C 131 37.30 -15.36 -2.25
CA GLN C 131 36.87 -14.80 -0.97
C GLN C 131 36.25 -13.44 -1.12
N ILE C 132 36.61 -12.69 -2.12
CA ILE C 132 36.11 -11.34 -2.27
C ILE C 132 34.74 -11.40 -2.89
N VAL C 133 33.84 -10.54 -2.43
CA VAL C 133 32.50 -10.48 -2.96
C VAL C 133 32.17 -9.00 -3.07
N HIS C 134 31.24 -8.66 -3.94
CA HIS C 134 30.85 -7.27 -4.14
C HIS C 134 29.34 -7.20 -4.18
N LEU C 135 28.78 -6.17 -3.55
CA LEU C 135 27.37 -6.15 -3.20
C LEU C 135 26.67 -4.91 -3.72
N PRO C 136 26.32 -4.87 -5.00
CA PRO C 136 25.67 -3.68 -5.54
C PRO C 136 24.26 -3.52 -5.05
N ASN C 137 23.57 -2.48 -5.51
CA ASN C 137 22.15 -2.37 -5.23
C ASN C 137 21.42 -3.49 -5.91
N GLN C 138 20.18 -3.70 -5.49
CA GLN C 138 19.45 -4.87 -5.94
C GLN C 138 19.28 -4.91 -7.44
N SER C 139 18.88 -3.79 -8.05
CA SER C 139 18.56 -3.80 -9.46
C SER C 139 19.78 -4.15 -10.30
N GLU C 140 20.92 -3.55 -9.99
CA GLU C 140 22.10 -3.91 -10.73
C GLU C 140 22.52 -5.34 -10.43
N GLN C 141 22.29 -5.79 -9.21
CA GLN C 141 22.59 -7.17 -8.87
C GLN C 141 21.82 -8.13 -9.73
N LEU C 142 20.55 -7.84 -9.99
CA LEU C 142 19.77 -8.64 -10.89
C LEU C 142 20.33 -8.60 -12.30
N LEU C 143 20.60 -7.40 -12.81
CA LEU C 143 21.01 -7.29 -14.19
C LEU C 143 22.36 -7.92 -14.45
N GLN C 144 23.16 -8.16 -13.42
CA GLN C 144 24.39 -8.90 -13.63
C GLN C 144 24.16 -10.36 -13.90
N CYS C 145 23.08 -10.94 -13.39
CA CYS C 145 22.91 -12.38 -13.45
C CYS C 145 22.53 -12.80 -14.86
N SER C 146 23.29 -13.75 -15.41
CA SER C 146 22.99 -14.26 -16.73
C SER C 146 21.68 -15.02 -16.72
N ASP C 147 21.06 -15.11 -17.89
CA ASP C 147 19.75 -15.76 -18.00
C ASP C 147 19.80 -17.21 -17.55
N ALA C 148 20.92 -17.89 -17.85
CA ALA C 148 21.04 -19.28 -17.45
C ALA C 148 20.99 -19.42 -15.94
N VAL C 149 21.70 -18.55 -15.24
CA VAL C 149 21.73 -18.61 -13.78
C VAL C 149 20.35 -18.37 -13.21
N LEU C 150 19.67 -17.34 -13.68
CA LEU C 150 18.40 -17.00 -13.09
C LEU C 150 17.34 -18.04 -13.43
N ASN C 151 17.39 -18.58 -14.65
CA ASN C 151 16.51 -19.69 -14.99
C ASN C 151 16.79 -20.90 -14.12
N ASP C 152 18.06 -21.18 -13.85
CA ASP C 152 18.40 -22.27 -12.94
C ASP C 152 17.82 -22.05 -11.55
N VAL C 153 17.90 -20.81 -11.07
CA VAL C 153 17.33 -20.50 -9.77
C VAL C 153 15.82 -20.69 -9.77
N LEU C 154 15.16 -20.19 -10.83
CA LEU C 154 13.71 -20.32 -10.92
C LEU C 154 13.29 -21.77 -10.94
N ILE C 155 14.06 -22.61 -11.64
CA ILE C 155 13.76 -24.04 -11.66
C ILE C 155 13.99 -24.67 -10.30
N GLY C 156 15.15 -24.39 -9.70
CA GLY C 156 15.50 -25.04 -8.45
C GLY C 156 14.53 -24.76 -7.33
N PHE C 157 13.99 -23.55 -7.31
CA PHE C 157 12.96 -23.20 -6.35
C PHE C 157 11.57 -23.32 -6.93
N ASN C 158 11.43 -23.97 -8.09
CA ASN C 158 10.22 -24.20 -8.87
C ASN C 158 9.43 -22.91 -9.10
N LEU C 159 10.04 -21.74 -8.87
CA LEU C 159 9.37 -20.48 -9.12
C LEU C 159 9.17 -20.24 -10.60
N ASN C 160 9.74 -21.10 -11.45
CA ASN C 160 9.45 -21.10 -12.87
C ASN C 160 7.98 -21.32 -13.18
N ALA C 161 7.22 -21.86 -12.22
CA ALA C 161 5.87 -22.31 -12.50
C ALA C 161 4.83 -21.21 -12.49
N GLU C 162 4.97 -20.18 -11.68
CA GLU C 162 3.88 -19.26 -11.43
C GLU C 162 3.95 -18.06 -12.36
N ARG C 163 2.76 -17.57 -12.73
CA ARG C 163 2.61 -16.71 -13.90
C ARG C 163 3.30 -15.37 -13.75
N ASP C 164 3.14 -14.73 -12.59
CA ASP C 164 3.65 -13.36 -12.41
C ASP C 164 5.15 -13.33 -12.58
N VAL C 165 5.84 -14.32 -12.01
CA VAL C 165 7.28 -14.43 -12.18
C VAL C 165 7.64 -14.54 -13.66
N GLN C 166 6.95 -15.42 -14.38
CA GLN C 166 7.32 -15.67 -15.77
C GLN C 166 7.07 -14.45 -16.64
N ALA C 167 5.94 -13.78 -16.45
CA ALA C 167 5.68 -12.57 -17.22
C ALA C 167 6.74 -11.53 -16.93
N GLU C 168 6.98 -11.28 -15.65
CA GLU C 168 7.92 -10.26 -15.24
C GLU C 168 9.33 -10.57 -15.73
N TRP C 169 9.78 -11.80 -15.51
CA TRP C 169 11.12 -12.19 -15.92
C TRP C 169 11.26 -12.18 -17.42
N SER C 170 10.19 -12.50 -18.15
CA SER C 170 10.26 -12.44 -19.59
C SER C 170 10.47 -11.02 -20.05
N ALA C 171 9.72 -10.08 -19.48
CA ALA C 171 9.85 -8.68 -19.87
C ALA C 171 11.27 -8.20 -19.59
N ILE C 172 11.78 -8.49 -18.40
CA ILE C 172 13.12 -8.06 -18.05
C ILE C 172 14.15 -8.72 -18.94
N SER C 173 14.01 -10.04 -19.16
CA SER C 173 14.93 -10.76 -20.02
C SER C 173 14.98 -10.15 -21.40
N GLY C 174 13.89 -9.53 -21.81
CA GLY C 174 13.89 -8.85 -23.06
C GLY C 174 14.66 -7.55 -23.09
N LEU C 175 14.28 -6.64 -22.19
CA LEU C 175 14.78 -5.27 -22.23
C LEU C 175 16.29 -5.21 -22.21
N ARG C 176 16.94 -6.17 -21.53
CA ARG C 176 18.39 -6.29 -21.50
C ARG C 176 18.98 -6.14 -22.88
N ARG C 177 18.36 -6.81 -23.85
CA ARG C 177 18.91 -6.88 -25.19
C ARG C 177 18.90 -5.53 -25.87
N HIS C 178 18.02 -4.62 -25.43
CA HIS C 178 18.04 -3.27 -25.94
C HIS C 178 18.20 -2.25 -24.84
N ALA C 179 18.99 -2.58 -23.81
CA ALA C 179 19.35 -1.62 -22.77
C ALA C 179 20.33 -0.57 -23.25
N SER C 180 20.76 -0.63 -24.52
CA SER C 180 21.68 0.36 -25.04
C SER C 180 21.10 1.76 -25.00
N ASN C 181 19.80 1.89 -25.16
CA ASN C 181 19.16 3.17 -24.95
C ASN C 181 19.14 3.45 -23.46
N PRO C 182 19.70 4.58 -23.01
CA PRO C 182 19.68 4.89 -21.58
C PRO C 182 18.29 4.97 -21.00
N GLU C 183 17.34 5.37 -21.83
CA GLU C 183 15.94 5.43 -21.45
C GLU C 183 15.40 4.05 -21.11
N VAL C 184 15.72 3.07 -21.96
CA VAL C 184 15.42 1.68 -21.65
C VAL C 184 16.10 1.30 -20.35
N LYS C 185 17.32 1.78 -20.14
CA LYS C 185 18.05 1.46 -18.92
C LYS C 185 17.31 1.97 -17.69
N ILE C 186 16.75 3.17 -17.76
CA ILE C 186 16.06 3.74 -16.61
C ILE C 186 14.88 2.86 -16.22
N SER C 187 14.04 2.56 -17.21
CA SER C 187 12.86 1.73 -16.92
C SER C 187 13.28 0.34 -16.47
N LEU C 188 14.30 -0.21 -17.13
CA LEU C 188 14.79 -1.54 -16.80
C LEU C 188 15.28 -1.60 -15.38
N ASN C 189 16.01 -0.57 -14.94
CA ASN C 189 16.53 -0.55 -13.58
C ASN C 189 15.41 -0.60 -12.57
N ARG C 190 14.43 0.28 -12.71
CA ARG C 190 13.35 0.31 -11.73
C ARG C 190 12.60 -1.01 -11.70
N GLN C 191 12.28 -1.53 -12.88
CA GLN C 191 11.54 -2.78 -12.96
C GLN C 191 12.35 -3.94 -12.39
N ALA C 192 13.64 -3.98 -12.69
CA ALA C 192 14.50 -5.04 -12.20
C ALA C 192 14.58 -5.02 -10.68
N GLY C 193 14.58 -3.83 -10.10
CA GLY C 193 14.60 -3.74 -8.65
C GLY C 193 13.39 -4.39 -8.03
N TYR C 194 12.21 -4.06 -8.54
CA TYR C 194 11.00 -4.64 -7.96
C TYR C 194 10.99 -6.15 -8.11
N PHE C 195 11.41 -6.65 -9.27
CA PHE C 195 11.52 -8.08 -9.46
C PHE C 195 12.48 -8.71 -8.47
N TYR C 196 13.62 -8.07 -8.22
CA TYR C 196 14.59 -8.66 -7.31
C TYR C 196 14.02 -8.78 -5.92
N ARG C 197 13.26 -7.77 -5.49
CA ARG C 197 12.61 -7.85 -4.20
C ARG C 197 11.69 -9.05 -4.12
N ASN C 198 10.77 -9.17 -5.08
CA ASN C 198 9.78 -10.24 -5.02
C ASN C 198 10.45 -11.59 -5.07
N LEU C 199 11.45 -11.73 -5.92
CA LEU C 199 12.12 -12.99 -6.09
C LEU C 199 12.78 -13.42 -4.80
N ILE C 200 13.60 -12.55 -4.21
CA ILE C 200 14.33 -12.93 -3.01
C ILE C 200 13.38 -13.14 -1.86
N ASP C 201 12.25 -12.43 -1.86
CA ASP C 201 11.20 -12.70 -0.90
C ASP C 201 10.79 -14.17 -0.95
N ARG C 202 10.52 -14.68 -2.15
CA ARG C 202 10.05 -16.06 -2.23
C ARG C 202 11.15 -17.07 -1.92
N LEU C 203 12.40 -16.80 -2.33
CA LEU C 203 13.46 -17.73 -1.96
C LEU C 203 13.58 -17.86 -0.45
N GLN C 204 13.71 -16.75 0.25
CA GLN C 204 13.96 -16.91 1.67
C GLN C 204 12.71 -17.33 2.40
N LYS C 205 11.53 -17.07 1.82
CA LYS C 205 10.30 -17.63 2.37
C LYS C 205 10.37 -19.15 2.43
N LYS C 206 10.70 -19.78 1.30
CA LYS C 206 10.83 -21.23 1.28
C LYS C 206 11.97 -21.69 2.16
N GLN C 207 13.08 -20.96 2.17
CA GLN C 207 14.24 -21.38 2.91
C GLN C 207 14.00 -21.40 4.42
N LYS C 208 13.17 -20.48 4.93
CA LYS C 208 12.91 -20.50 6.37
C LYS C 208 12.16 -21.76 6.78
N GLY C 209 11.19 -22.19 5.96
CA GLY C 209 10.36 -23.32 6.29
C GLY C 209 10.96 -24.63 5.84
N ALA C 210 10.18 -25.69 6.03
CA ALA C 210 10.59 -27.02 5.60
C ALA C 210 10.62 -27.17 4.09
N ASP C 211 10.04 -26.21 3.36
CA ASP C 211 10.06 -26.23 1.91
C ASP C 211 11.43 -25.93 1.33
N ARG C 212 12.42 -25.67 2.18
CA ARG C 212 13.74 -25.28 1.76
C ARG C 212 14.38 -26.31 0.84
N VAL C 213 14.87 -25.85 -0.29
CA VAL C 213 15.70 -26.65 -1.17
C VAL C 213 17.08 -26.74 -0.55
N LEU C 214 17.63 -27.93 -0.49
CA LEU C 214 18.99 -28.07 0.01
C LEU C 214 19.94 -27.60 -1.10
N LEU C 215 20.62 -26.49 -0.85
CA LEU C 215 21.51 -25.90 -1.84
C LEU C 215 22.81 -26.69 -1.94
N SER C 216 23.21 -27.02 -3.16
CA SER C 216 24.52 -27.60 -3.40
C SER C 216 24.85 -27.45 -4.88
N GLY C 217 26.14 -27.61 -5.19
CA GLY C 217 26.60 -27.73 -6.56
C GLY C 217 26.20 -26.56 -7.43
N SER C 218 25.69 -26.89 -8.62
CA SER C 218 25.35 -25.88 -9.61
C SER C 218 24.25 -24.95 -9.10
N LEU C 219 23.25 -25.49 -8.40
CA LEU C 219 22.21 -24.63 -7.87
C LEU C 219 22.78 -23.67 -6.84
N LEU C 220 23.69 -24.17 -5.99
CA LEU C 220 24.34 -23.29 -5.03
C LEU C 220 25.11 -22.19 -5.73
N ALA C 221 25.90 -22.54 -6.74
CA ALA C 221 26.67 -21.54 -7.45
C ALA C 221 25.77 -20.51 -8.12
N SER C 222 24.64 -20.96 -8.64
CA SER C 222 23.71 -20.04 -9.27
C SER C 222 23.14 -19.07 -8.26
N VAL C 223 22.76 -19.58 -7.09
CA VAL C 223 22.21 -18.69 -6.06
C VAL C 223 23.28 -17.73 -5.58
N GLU C 224 24.47 -18.24 -5.29
CA GLU C 224 25.55 -17.40 -4.82
C GLU C 224 25.92 -16.33 -5.84
N THR C 225 25.60 -16.54 -7.10
CA THR C 225 25.76 -15.45 -8.04
C THR C 225 24.59 -14.49 -7.95
N LEU C 226 23.39 -15.00 -7.68
CA LEU C 226 22.27 -14.10 -7.51
C LEU C 226 22.29 -13.39 -6.16
N LEU C 227 22.74 -14.06 -5.10
CA LEU C 227 22.72 -13.51 -3.76
C LEU C 227 24.14 -13.57 -3.21
N PRO C 228 24.95 -12.57 -3.51
CA PRO C 228 26.34 -12.62 -3.07
C PRO C 228 26.51 -12.66 -1.58
N GLY C 229 25.52 -12.20 -0.82
CA GLY C 229 25.59 -12.31 0.63
C GLY C 229 25.58 -13.73 1.12
N GLU C 230 25.00 -14.65 0.34
CA GLU C 230 25.00 -16.05 0.72
C GLU C 230 26.40 -16.59 0.89
N LYS C 231 27.36 -16.10 0.11
CA LYS C 231 28.72 -16.55 0.32
C LYS C 231 29.24 -16.17 1.69
N ILE C 232 28.84 -15.01 2.21
CA ILE C 232 29.28 -14.63 3.53
C ILE C 232 28.60 -15.47 4.58
N ARG C 233 27.28 -15.59 4.49
CA ARG C 233 26.50 -16.31 5.50
C ARG C 233 26.98 -17.73 5.68
N ASN C 234 27.22 -18.44 4.59
CA ASN C 234 27.75 -19.79 4.67
C ASN C 234 29.26 -19.83 4.68
N GLY C 235 29.92 -18.72 4.86
CA GLY C 235 31.35 -18.75 5.07
C GLY C 235 32.18 -18.95 3.83
N SER C 236 31.57 -18.94 2.65
CA SER C 236 32.38 -19.01 1.44
C SER C 236 33.27 -17.80 1.30
N ALA C 237 32.73 -16.62 1.52
CA ALA C 237 33.43 -15.37 1.30
C ALA C 237 33.42 -14.56 2.58
N HIS C 238 34.47 -13.79 2.79
CA HIS C 238 34.51 -12.97 3.98
C HIS C 238 35.02 -11.56 3.76
N VAL C 239 35.33 -11.14 2.55
CA VAL C 239 35.67 -9.76 2.23
C VAL C 239 34.55 -9.19 1.39
N ALA C 240 33.99 -8.07 1.80
CA ALA C 240 32.86 -7.49 1.09
C ALA C 240 33.15 -6.05 0.70
N PHE C 241 32.91 -5.72 -0.55
CA PHE C 241 33.03 -4.37 -1.05
C PHE C 241 31.64 -3.82 -1.29
N LEU C 242 31.32 -2.69 -0.68
CA LEU C 242 29.98 -2.17 -0.80
C LEU C 242 29.99 -0.71 -0.41
N THR C 243 29.04 0.03 -0.95
CA THR C 243 28.94 1.43 -0.61
C THR C 243 28.40 1.60 0.80
N THR C 244 28.61 2.79 1.35
CA THR C 244 28.11 3.08 2.68
C THR C 244 26.62 2.89 2.75
N SER C 245 25.90 3.31 1.72
CA SER C 245 24.45 3.25 1.80
C SER C 245 23.96 1.82 1.78
N LYS C 246 24.59 0.96 0.99
CA LYS C 246 24.29 -0.45 1.09
C LYS C 246 24.64 -0.98 2.46
N PHE C 247 25.76 -0.55 3.00
CA PHE C 247 26.20 -1.02 4.30
C PHE C 247 25.21 -0.66 5.38
N LEU C 248 24.60 0.50 5.27
CA LEU C 248 23.60 0.88 6.24
C LEU C 248 22.31 0.12 6.04
N LYS C 249 21.95 -0.17 4.79
CA LYS C 249 20.71 -0.91 4.57
C LYS C 249 20.87 -2.41 4.67
N GLY C 250 22.09 -2.90 4.74
CA GLY C 250 22.30 -4.33 4.82
C GLY C 250 22.02 -4.99 3.48
N PHE C 251 22.24 -6.29 3.44
CA PHE C 251 22.16 -7.03 2.19
C PHE C 251 21.59 -8.40 2.44
N HIS C 252 20.91 -8.93 1.43
CA HIS C 252 20.23 -10.21 1.58
C HIS C 252 21.19 -11.37 1.47
N ASN C 253 20.90 -12.40 2.22
CA ASN C 253 21.34 -13.74 1.94
C ASN C 253 20.09 -14.60 1.77
N THR C 254 20.30 -15.90 1.66
CA THR C 254 19.21 -16.82 1.33
C THR C 254 18.17 -16.92 2.42
N ARG C 255 18.43 -16.38 3.61
CA ARG C 255 17.51 -16.56 4.73
C ARG C 255 16.91 -15.24 5.19
N SER C 256 17.73 -14.23 5.45
CA SER C 256 17.23 -12.97 5.97
C SER C 256 18.22 -11.88 5.63
N ARG C 257 17.77 -10.63 5.74
CA ARG C 257 18.60 -9.49 5.39
C ARG C 257 19.64 -9.26 6.47
N TYR C 258 20.84 -9.76 6.26
CA TYR C 258 21.92 -9.54 7.21
C TYR C 258 22.34 -8.09 7.19
N SER C 259 22.42 -7.47 8.36
CA SER C 259 22.72 -6.05 8.48
C SER C 259 24.02 -5.85 9.22
N PRO C 260 25.06 -5.36 8.57
CA PRO C 260 26.41 -5.48 9.13
C PRO C 260 26.61 -4.79 10.45
N LEU C 261 25.88 -3.71 10.74
CA LEU C 261 26.08 -2.98 11.98
C LEU C 261 25.77 -3.83 13.19
N ARG C 262 24.86 -4.78 13.07
CA ARG C 262 24.46 -5.59 14.20
C ARG C 262 25.52 -6.60 14.59
N ASP C 263 26.58 -6.77 13.81
CA ASP C 263 27.40 -7.96 13.98
C ASP C 263 28.89 -7.62 13.85
N LEU C 264 29.29 -6.43 14.29
CA LEU C 264 30.63 -5.95 13.99
C LEU C 264 31.73 -6.57 14.82
N SER C 265 31.42 -7.46 15.76
CA SER C 265 32.45 -7.91 16.68
C SER C 265 33.60 -8.56 15.94
N GLY C 266 34.75 -7.90 15.96
CA GLY C 266 35.94 -8.39 15.29
C GLY C 266 36.05 -8.03 13.83
N ALA C 267 35.06 -7.35 13.25
CA ALA C 267 35.17 -6.92 11.87
C ALA C 267 36.24 -5.86 11.72
N VAL C 268 37.01 -5.95 10.64
CA VAL C 268 37.88 -4.87 10.22
C VAL C 268 37.14 -4.16 9.12
N LEU C 269 37.28 -2.85 9.06
CA LEU C 269 36.33 -2.06 8.29
C LEU C 269 37.03 -0.83 7.74
N ILE C 270 37.48 -0.92 6.51
CA ILE C 270 38.15 0.21 5.89
C ILE C 270 37.11 1.13 5.32
N ILE C 271 37.17 2.39 5.68
CA ILE C 271 36.28 3.41 5.14
C ILE C 271 37.14 4.39 4.39
N ASP C 272 36.94 4.48 3.09
CA ASP C 272 37.65 5.45 2.30
C ASP C 272 36.85 6.73 2.27
N GLU C 273 37.55 7.86 2.26
CA GLU C 273 36.94 9.18 2.31
C GLU C 273 36.00 9.29 3.50
N ILE C 274 36.55 9.13 4.70
CA ILE C 274 35.72 8.89 5.87
C ILE C 274 34.84 10.08 6.19
N ASP C 275 35.36 11.28 6.02
CA ASP C 275 34.60 12.46 6.43
C ASP C 275 33.38 12.70 5.57
N LYS C 276 33.38 12.20 4.34
CA LYS C 276 32.19 12.29 3.53
C LYS C 276 31.08 11.41 4.07
N GLN C 277 31.42 10.35 4.81
CA GLN C 277 30.41 9.44 5.32
C GLN C 277 29.52 10.06 6.36
N ASN C 278 29.95 11.14 7.00
CA ASN C 278 29.08 11.82 7.95
C ASN C 278 27.80 12.26 7.28
N GLN C 279 27.92 12.87 6.12
CA GLN C 279 26.76 13.28 5.36
C GLN C 279 25.93 12.09 4.93
N VAL C 280 26.57 11.02 4.51
CA VAL C 280 25.84 9.88 3.99
C VAL C 280 25.05 9.20 5.09
N ILE C 281 25.65 9.02 6.26
CA ILE C 281 24.92 8.45 7.38
C ILE C 281 23.78 9.36 7.77
N LEU C 282 24.05 10.66 7.84
CA LEU C 282 23.00 11.61 8.19
C LEU C 282 21.85 11.51 7.22
N SER C 283 22.14 11.41 5.94
CA SER C 283 21.09 11.28 4.95
C SER C 283 20.30 10.00 5.16
N GLU C 284 20.91 8.99 5.75
CA GLU C 284 20.16 7.79 6.09
C GLU C 284 19.28 8.00 7.32
N LEU C 285 19.77 8.72 8.32
CA LEU C 285 19.01 8.89 9.55
C LEU C 285 17.79 9.75 9.31
N CYS C 286 17.94 10.81 8.50
CA CYS C 286 16.86 11.73 8.26
C CYS C 286 15.72 11.13 7.45
N LYS C 287 15.90 9.94 6.88
CA LYS C 287 14.81 9.33 6.13
C LYS C 287 13.73 8.76 7.02
N GLN C 288 13.89 8.79 8.32
CA GLN C 288 12.94 8.17 9.24
C GLN C 288 11.57 8.81 9.13
N GLN C 289 10.55 7.97 8.94
CA GLN C 289 9.18 8.43 8.71
C GLN C 289 8.48 8.78 10.01
N ALA C 290 7.63 9.80 9.93
CA ALA C 290 6.90 10.27 11.09
C ALA C 290 5.77 9.32 11.45
N GLN C 291 5.39 9.34 12.72
CA GLN C 291 4.24 8.59 13.20
C GLN C 291 3.23 9.57 13.77
N ASP C 292 1.99 9.49 13.32
CA ASP C 292 0.95 10.36 13.84
C ASP C 292 0.61 9.93 15.25
N LEU C 293 0.87 10.79 16.22
CA LEU C 293 0.68 10.37 17.60
C LEU C 293 -0.77 10.35 18.00
N ILE C 294 -1.59 11.23 17.44
CA ILE C 294 -2.99 11.26 17.82
C ILE C 294 -3.65 9.96 17.44
N TRP C 295 -3.48 9.55 16.19
CA TRP C 295 -4.02 8.28 15.74
C TRP C 295 -3.43 7.13 16.54
N ALA C 296 -2.14 7.19 16.82
CA ALA C 296 -1.47 6.09 17.49
C ALA C 296 -2.02 5.90 18.89
N ILE C 297 -2.13 6.98 19.65
CA ILE C 297 -2.58 6.84 21.02
C ILE C 297 -4.05 6.46 21.07
N ARG C 298 -4.88 7.04 20.21
CA ARG C 298 -6.28 6.68 20.25
C ARG C 298 -6.48 5.23 19.86
N THR C 299 -5.71 4.74 18.90
CA THR C 299 -5.78 3.34 18.54
C THR C 299 -5.34 2.45 19.69
N LEU C 300 -4.25 2.80 20.36
CA LEU C 300 -3.77 2.00 21.47
C LEU C 300 -4.76 2.01 22.62
N ARG C 301 -5.26 3.19 22.95
CA ARG C 301 -6.25 3.30 24.00
C ARG C 301 -7.48 2.47 23.71
N ALA C 302 -7.97 2.55 22.48
CA ALA C 302 -9.17 1.82 22.15
C ALA C 302 -8.96 0.33 22.24
N ASN C 303 -7.86 -0.16 21.69
CA ASN C 303 -7.70 -1.60 21.59
C ASN C 303 -7.29 -2.21 22.93
N PHE C 304 -6.47 -1.51 23.71
CA PHE C 304 -6.17 -1.99 25.04
C PHE C 304 -7.23 -1.62 26.05
N ARG C 305 -8.47 -2.03 25.84
CA ARG C 305 -9.37 -2.05 26.98
C ARG C 305 -9.72 -3.48 27.28
N ASP C 306 -10.24 -4.18 26.30
CA ASP C 306 -10.73 -5.51 26.54
C ASP C 306 -9.83 -6.59 26.02
N HIS C 307 -9.00 -6.29 25.04
CA HIS C 307 -8.39 -7.32 24.23
C HIS C 307 -7.41 -8.13 25.05
N GLN C 308 -7.58 -9.44 25.03
CA GLN C 308 -6.87 -10.36 25.91
C GLN C 308 -6.02 -11.30 25.09
N LEU C 309 -4.92 -11.74 25.65
CA LEU C 309 -4.14 -12.82 25.06
C LEU C 309 -4.61 -14.17 25.59
N GLU C 310 -4.34 -15.24 24.85
CA GLU C 310 -4.77 -16.52 25.39
C GLU C 310 -3.83 -16.93 26.51
N SER C 311 -4.36 -17.68 27.46
CA SER C 311 -3.63 -17.95 28.68
C SER C 311 -2.66 -19.11 28.57
N SER C 312 -2.55 -19.75 27.42
CA SER C 312 -1.88 -21.03 27.34
C SER C 312 -0.38 -20.92 27.56
N PRO C 313 0.26 -22.02 27.96
CA PRO C 313 1.71 -22.02 28.18
C PRO C 313 2.55 -21.66 26.98
N ARG C 314 1.95 -21.57 25.79
CA ARG C 314 2.68 -21.03 24.65
C ARG C 314 3.31 -19.69 24.97
N TYR C 315 2.57 -18.81 25.60
CA TYR C 315 3.14 -17.53 25.97
C TYR C 315 2.63 -17.03 27.31
N ASP C 316 2.69 -17.92 28.29
CA ASP C 316 2.18 -17.67 29.64
C ASP C 316 2.59 -16.33 30.21
N LYS C 317 3.85 -15.95 30.04
CA LYS C 317 4.34 -14.84 30.83
C LYS C 317 4.01 -13.48 30.25
N ILE C 318 3.60 -13.44 28.98
CA ILE C 318 3.68 -12.20 28.22
C ILE C 318 2.72 -11.15 28.76
N GLU C 319 1.48 -11.54 29.04
CA GLU C 319 0.43 -10.56 29.29
C GLU C 319 0.74 -9.68 30.48
N ASP C 320 1.54 -10.17 31.42
CA ASP C 320 1.91 -9.34 32.57
C ASP C 320 2.79 -8.17 32.17
N LEU C 321 3.46 -8.24 31.02
CA LEU C 321 4.25 -7.10 30.59
C LEU C 321 3.36 -5.92 30.25
N PHE C 322 2.11 -6.18 29.92
CA PHE C 322 1.28 -5.11 29.37
C PHE C 322 0.39 -4.45 30.39
N GLU C 323 0.19 -5.06 31.55
CA GLU C 323 -0.64 -4.42 32.57
C GLU C 323 -0.21 -3.00 32.93
N PRO C 324 1.07 -2.69 33.12
CA PRO C 324 1.41 -1.30 33.39
C PRO C 324 1.04 -0.39 32.26
N LEU C 325 1.30 -0.82 31.03
CA LEU C 325 1.01 0.00 29.87
C LEU C 325 -0.48 0.23 29.74
N ARG C 326 -1.25 -0.83 29.92
CA ARG C 326 -2.70 -0.73 29.79
C ARG C 326 -3.25 0.24 30.81
N GLU C 327 -2.77 0.16 32.05
CA GLU C 327 -3.20 1.09 33.08
C GLU C 327 -2.82 2.51 32.73
N ARG C 328 -1.61 2.69 32.19
CA ARG C 328 -1.20 4.02 31.79
C ARG C 328 -2.08 4.59 30.72
N LEU C 329 -2.47 3.77 29.74
CA LEU C 329 -3.32 4.28 28.68
C LEU C 329 -4.66 4.72 29.20
N GLU C 330 -5.25 3.96 30.12
CA GLU C 330 -6.53 4.42 30.67
C GLU C 330 -6.38 5.73 31.41
N GLU C 331 -5.32 5.86 32.20
CA GLU C 331 -5.08 7.11 32.89
C GLU C 331 -4.90 8.25 31.91
N PHE C 332 -4.12 8.01 30.87
CA PHE C 332 -3.82 9.05 29.89
C PHE C 332 -5.08 9.48 29.16
N GLY C 333 -5.87 8.53 28.71
CA GLY C 333 -7.07 8.85 27.95
C GLY C 333 -8.08 9.62 28.78
N THR C 334 -8.17 9.28 30.05
CA THR C 334 -9.07 10.03 30.92
C THR C 334 -8.54 11.43 31.17
N ASN C 335 -7.23 11.60 31.27
CA ASN C 335 -6.67 12.92 31.55
C ASN C 335 -6.95 13.89 30.42
N TRP C 336 -6.74 13.46 29.19
CA TRP C 336 -6.79 14.34 28.05
C TRP C 336 -8.06 14.20 27.23
N ASN C 337 -9.01 13.41 27.71
CA ASN C 337 -10.28 13.20 27.01
C ASN C 337 -10.04 12.74 25.58
N LEU C 338 -9.39 11.60 25.46
CA LEU C 338 -9.05 11.09 24.14
C LEU C 338 -10.26 10.65 23.35
N ALA C 339 -11.43 10.56 23.96
CA ALA C 339 -12.64 10.34 23.19
C ALA C 339 -12.80 11.41 22.13
N PHE C 340 -12.45 12.64 22.46
CA PHE C 340 -12.66 13.77 21.60
C PHE C 340 -11.51 13.89 20.61
N ALA C 341 -11.81 14.23 19.37
CA ALA C 341 -10.73 14.51 18.44
C ALA C 341 -10.12 15.88 18.75
N PHE C 342 -9.12 16.26 17.97
CA PHE C 342 -8.32 17.44 18.27
C PHE C 342 -8.44 18.47 17.15
N ASN C 343 -8.44 19.74 17.51
CA ASN C 343 -8.42 20.77 16.50
C ASN C 343 -7.79 22.03 17.05
N THR C 344 -7.25 22.84 16.15
CA THR C 344 -6.76 24.17 16.47
C THR C 344 -7.84 25.19 16.16
N GLU C 345 -7.66 26.40 16.66
CA GLU C 345 -8.63 27.44 16.39
C GLU C 345 -8.05 28.85 16.49
N ASN C 350 -4.17 28.58 12.68
CA ASN C 350 -4.91 27.82 11.69
C ASN C 350 -4.42 28.14 10.29
N GLU C 351 -3.54 29.13 10.18
CA GLU C 351 -2.99 29.51 8.88
C GLU C 351 -1.49 29.32 8.94
N ARG C 352 -0.94 29.73 10.03
CA ARG C 352 0.40 29.33 10.41
C ARG C 352 0.40 27.85 10.79
N PRO C 353 1.50 27.15 10.55
CA PRO C 353 1.63 25.80 11.10
C PRO C 353 2.03 25.88 12.55
N VAL C 354 1.62 24.90 13.33
CA VAL C 354 2.08 24.78 14.70
C VAL C 354 3.13 23.68 14.75
N ARG C 355 4.32 24.02 15.22
CA ARG C 355 5.43 23.09 15.25
C ARG C 355 6.11 23.19 16.59
N LEU C 356 6.64 22.08 17.04
CA LEU C 356 7.41 22.06 18.26
C LEU C 356 8.73 21.39 17.96
N PHE C 357 9.79 21.89 18.56
CA PHE C 357 11.09 21.27 18.37
C PHE C 357 11.76 21.18 19.72
N SER C 358 12.49 20.11 19.92
CA SER C 358 13.23 19.94 21.15
C SER C 358 14.32 18.94 20.91
N ASP C 359 15.54 19.28 21.27
CA ASP C 359 16.41 18.19 21.61
C ASP C 359 15.92 17.62 22.91
N ARG C 360 16.45 16.55 23.28
CA ARG C 360 15.82 16.06 24.46
C ARG C 360 16.33 16.71 25.71
N SER C 361 17.11 17.78 25.67
CA SER C 361 17.33 18.58 26.86
C SER C 361 17.69 20.01 26.49
N PHE C 362 17.06 20.93 27.20
CA PHE C 362 17.30 22.36 27.38
C PHE C 362 17.16 23.21 26.13
N THR C 363 16.92 22.66 24.96
CA THR C 363 16.79 23.55 23.82
C THR C 363 15.39 23.41 23.24
N HIS C 364 14.38 23.56 24.10
CA HIS C 364 13.01 23.49 23.66
C HIS C 364 12.59 24.79 22.98
N VAL C 365 11.89 24.67 21.86
CA VAL C 365 11.48 25.80 21.04
C VAL C 365 10.13 25.46 20.42
N SER C 366 9.30 26.48 20.22
CA SER C 366 7.99 26.29 19.60
C SER C 366 7.73 27.41 18.62
N SER C 367 6.91 27.11 17.60
CA SER C 367 6.68 28.10 16.55
C SER C 367 5.81 29.24 17.03
N ALA C 368 4.70 28.94 17.68
CA ALA C 368 3.81 30.00 18.14
C ALA C 368 4.43 30.73 19.32
N THR C 369 4.36 32.05 19.29
CA THR C 369 5.13 32.85 20.24
C THR C 369 4.66 32.64 21.66
N HIS C 370 3.36 32.56 21.88
CA HIS C 370 2.87 32.38 23.23
C HIS C 370 2.73 30.91 23.57
N LYS C 371 2.41 30.67 24.82
CA LYS C 371 2.26 29.33 25.36
C LYS C 371 1.14 28.61 24.64
N LEU C 372 1.37 27.37 24.23
CA LEU C 372 0.35 26.56 23.57
C LEU C 372 -0.38 25.72 24.61
N SER C 373 -1.66 26.00 24.79
CA SER C 373 -2.49 25.25 25.72
C SER C 373 -3.46 24.37 24.95
N LEU C 374 -4.07 23.44 25.68
CA LEU C 374 -4.92 22.42 25.06
C LEU C 374 -6.04 22.13 26.03
N LYS C 375 -7.27 22.50 25.71
CA LYS C 375 -8.37 22.33 26.64
C LYS C 375 -9.56 21.68 25.97
N SER C 376 -10.21 20.78 26.71
CA SER C 376 -11.33 20.01 26.21
C SER C 376 -12.60 20.84 26.30
N ASP C 377 -13.31 20.98 25.18
CA ASP C 377 -14.58 21.70 25.16
C ASP C 377 -15.71 20.70 25.10
N PHE C 378 -16.23 20.30 26.27
CA PHE C 378 -17.28 19.30 26.35
C PHE C 378 -18.53 19.70 25.59
N LEU C 379 -18.82 20.99 25.49
CA LEU C 379 -19.96 21.38 24.66
C LEU C 379 -19.73 21.09 23.21
N ARG C 380 -18.48 20.96 22.79
CA ARG C 380 -18.22 20.59 21.42
C ARG C 380 -17.54 19.26 21.27
N ARG C 381 -17.33 18.53 22.36
CA ARG C 381 -16.78 17.18 22.29
C ARG C 381 -15.48 17.12 21.50
N LYS C 382 -14.68 18.16 21.63
CA LYS C 382 -13.45 18.23 20.87
C LYS C 382 -12.39 19.00 21.65
N ASN C 383 -11.15 18.52 21.58
CA ASN C 383 -10.03 19.09 22.29
C ASN C 383 -9.38 20.17 21.44
N LEU C 384 -9.36 21.38 21.95
CA LEU C 384 -8.95 22.54 21.19
C LEU C 384 -7.57 22.99 21.62
N ILE C 385 -6.74 23.29 20.65
CA ILE C 385 -5.45 23.92 20.92
C ILE C 385 -5.62 25.43 20.88
N PHE C 386 -5.22 26.10 21.95
CA PHE C 386 -5.35 27.54 22.05
C PHE C 386 -4.00 28.19 21.86
N SER C 387 -4.02 29.50 21.71
CA SER C 387 -2.85 30.32 22.01
C SER C 387 -3.23 31.28 23.14
N ASP C 388 -2.46 31.26 24.22
CA ASP C 388 -2.70 32.15 25.34
C ASP C 388 -1.63 33.22 25.48
N LEU C 402 0.14 21.89 26.12
CA LEU C 402 0.27 21.11 24.89
C LEU C 402 1.53 20.31 24.84
N THR C 403 2.66 20.98 25.06
CA THR C 403 3.95 20.32 24.96
C THR C 403 4.01 19.13 25.88
N ARG C 404 3.37 19.23 27.05
CA ARG C 404 3.28 18.11 27.95
C ARG C 404 2.49 16.97 27.34
N PHE C 405 1.40 17.29 26.64
CA PHE C 405 0.63 16.25 25.98
C PHE C 405 1.47 15.54 24.93
N VAL C 406 2.20 16.30 24.13
CA VAL C 406 3.01 15.66 23.10
C VAL C 406 4.05 14.77 23.73
N ASN C 407 4.71 15.26 24.78
CA ASN C 407 5.73 14.49 25.45
C ASN C 407 5.17 13.23 26.09
N GLU C 408 3.89 13.20 26.39
CA GLU C 408 3.34 11.99 26.97
C GLU C 408 2.74 11.06 25.93
N ALA C 409 2.25 11.60 24.82
CA ALA C 409 1.76 10.76 23.74
C ALA C 409 2.90 9.96 23.17
N ASP C 410 4.04 10.61 23.03
CA ASP C 410 5.33 9.98 22.89
C ASP C 410 5.48 8.82 23.86
N VAL C 411 6.26 9.05 24.90
CA VAL C 411 6.73 8.03 25.85
C VAL C 411 5.81 6.82 25.98
N ILE C 412 4.50 7.04 26.01
CA ILE C 412 3.58 5.91 25.98
C ILE C 412 3.75 5.14 24.68
N TYR C 413 3.85 5.83 23.56
CA TYR C 413 4.07 5.14 22.30
C TYR C 413 5.37 4.35 22.29
N GLN C 414 6.48 4.96 22.74
CA GLN C 414 7.74 4.24 22.76
C GLN C 414 7.69 3.07 23.71
N TRP C 415 7.04 3.26 24.86
CA TRP C 415 6.90 2.20 25.83
C TRP C 415 6.15 1.03 25.20
N PHE C 416 5.15 1.32 24.37
CA PHE C 416 4.45 0.27 23.67
C PHE C 416 5.40 -0.51 22.78
N LEU C 417 6.20 0.19 21.99
CA LEU C 417 7.14 -0.51 21.13
C LEU C 417 8.13 -1.33 21.95
N GLY C 418 8.62 -0.76 23.05
CA GLY C 418 9.57 -1.48 23.87
C GLY C 418 8.96 -2.72 24.49
N THR C 419 7.75 -2.61 25.01
CA THR C 419 7.10 -3.76 25.60
C THR C 419 6.82 -4.81 24.54
N MET C 420 6.62 -4.36 23.32
CA MET C 420 6.49 -5.30 22.22
C MET C 420 7.77 -6.10 22.05
N ARG C 421 8.91 -5.43 22.10
CA ARG C 421 10.20 -6.11 22.01
C ARG C 421 10.40 -7.11 23.14
N LYS C 422 10.11 -6.68 24.36
CA LYS C 422 10.30 -7.56 25.50
C LYS C 422 9.43 -8.80 25.36
N ALA C 423 8.19 -8.61 24.95
CA ALA C 423 7.27 -9.72 24.80
C ALA C 423 7.67 -10.64 23.66
N VAL C 424 8.23 -10.10 22.59
CA VAL C 424 8.56 -10.96 21.47
C VAL C 424 9.70 -11.89 21.82
N PHE C 425 10.77 -11.39 22.46
CA PHE C 425 11.79 -12.41 22.74
C PHE C 425 11.42 -13.20 23.99
N GLN C 426 10.49 -12.70 24.79
CA GLN C 426 9.80 -13.58 25.74
C GLN C 426 9.17 -14.77 25.05
N TYR C 427 8.43 -14.52 23.98
CA TYR C 427 7.80 -15.62 23.26
C TYR C 427 8.86 -16.52 22.67
N TRP C 428 9.97 -15.93 22.23
CA TRP C 428 11.09 -16.71 21.75
C TRP C 428 11.61 -17.65 22.82
N GLU C 429 11.71 -17.16 24.06
CA GLU C 429 12.12 -18.03 25.17
C GLU C 429 11.13 -19.17 25.33
N ASN C 430 9.84 -18.85 25.30
CA ASN C 430 8.83 -19.86 25.55
C ASN C 430 8.88 -20.97 24.51
N VAL C 431 9.08 -20.60 23.25
CA VAL C 431 9.12 -21.63 22.22
C VAL C 431 10.47 -22.33 22.17
N ARG C 432 11.57 -21.63 22.52
CA ARG C 432 12.85 -22.29 22.72
C ARG C 432 12.74 -23.35 23.80
N GLY C 433 11.84 -23.14 24.76
CA GLY C 433 11.46 -24.18 25.69
C GLY C 433 10.76 -25.36 25.06
N LEU C 434 10.51 -25.33 23.76
CA LEU C 434 9.90 -26.46 23.07
C LEU C 434 10.76 -26.96 21.92
N LEU C 444 16.18 -20.17 13.51
CA LEU C 444 15.71 -19.89 14.86
C LEU C 444 14.95 -18.57 14.86
N GLU C 445 15.28 -17.69 13.92
CA GLU C 445 14.56 -16.43 13.80
C GLU C 445 13.15 -16.64 13.27
N GLY C 446 12.81 -17.83 12.79
CA GLY C 446 11.49 -18.08 12.23
C GLY C 446 10.35 -17.84 13.20
N THR C 447 10.62 -17.86 14.50
CA THR C 447 9.58 -17.52 15.46
C THR C 447 9.35 -16.03 15.57
N PHE C 448 10.26 -15.21 15.05
CA PHE C 448 10.13 -13.76 15.21
C PHE C 448 8.86 -13.23 14.58
N GLN C 449 8.65 -13.53 13.30
CA GLN C 449 7.48 -12.99 12.62
C GLN C 449 6.20 -13.57 13.20
N GLU C 450 6.19 -14.86 13.54
CA GLU C 450 4.95 -15.41 14.06
C GLU C 450 4.65 -14.88 15.44
N ALA C 451 5.69 -14.52 16.19
CA ALA C 451 5.47 -13.88 17.48
C ALA C 451 4.82 -12.52 17.29
N VAL C 452 5.41 -11.70 16.42
CA VAL C 452 4.89 -10.35 16.25
C VAL C 452 3.46 -10.39 15.75
N GLN C 453 3.18 -11.23 14.76
CA GLN C 453 1.82 -11.27 14.24
C GLN C 453 0.86 -11.88 15.24
N SER C 454 1.28 -12.87 16.01
CA SER C 454 0.36 -13.44 16.98
C SER C 454 -0.03 -12.40 18.02
N LEU C 455 0.93 -11.61 18.46
CA LEU C 455 0.64 -10.63 19.48
C LEU C 455 -0.19 -9.48 18.94
N LEU C 456 0.17 -8.97 17.77
CA LEU C 456 -0.63 -7.87 17.22
C LEU C 456 -2.03 -8.32 16.84
N THR C 457 -2.19 -9.57 16.44
CA THR C 457 -3.51 -10.06 16.13
C THR C 457 -4.39 -10.13 17.36
N HIS C 458 -3.87 -10.67 18.46
CA HIS C 458 -4.70 -10.78 19.66
C HIS C 458 -5.13 -9.42 20.14
N PHE C 459 -4.23 -8.47 20.16
CA PHE C 459 -4.57 -7.13 20.58
C PHE C 459 -5.19 -6.32 19.47
N ASN C 460 -5.37 -6.91 18.28
CA ASN C 460 -6.03 -6.25 17.18
C ASN C 460 -5.28 -5.01 16.74
N LEU C 461 -3.97 -4.99 16.96
CA LEU C 461 -3.16 -3.83 16.66
C LEU C 461 -2.38 -3.99 15.38
N GLN C 462 -3.00 -4.59 14.37
CA GLN C 462 -2.28 -5.01 13.19
C GLN C 462 -1.70 -3.85 12.40
N GLU C 463 -2.20 -2.64 12.63
CA GLU C 463 -1.70 -1.49 11.90
C GLU C 463 -0.25 -1.21 12.21
N PHE C 464 0.20 -1.57 13.39
CA PHE C 464 1.48 -1.12 13.87
C PHE C 464 2.62 -1.98 13.38
N GLU C 465 2.33 -3.03 12.63
CA GLU C 465 3.31 -4.06 12.33
C GLU C 465 4.55 -3.48 11.67
N SER C 466 4.37 -2.45 10.85
CA SER C 466 5.51 -1.77 10.26
C SER C 466 6.37 -1.14 11.34
N ALA C 467 5.75 -0.40 12.25
CA ALA C 467 6.51 0.29 13.28
C ALA C 467 7.16 -0.68 14.24
N VAL C 468 6.48 -1.79 14.53
CA VAL C 468 7.07 -2.79 15.42
C VAL C 468 8.33 -3.38 14.81
N TYR C 469 8.28 -3.72 13.52
CA TYR C 469 9.52 -4.20 12.88
C TYR C 469 10.62 -3.15 12.89
N GLU C 470 10.28 -1.91 12.56
CA GLU C 470 11.34 -0.92 12.52
C GLU C 470 11.88 -0.57 13.90
N SER C 471 11.16 -0.93 14.96
CA SER C 471 11.67 -0.63 16.29
C SER C 471 12.93 -1.42 16.60
N PHE C 472 13.08 -2.61 16.03
CA PHE C 472 14.26 -3.41 16.32
C PHE C 472 15.50 -2.80 15.69
N ASP C 473 15.34 -2.20 14.51
CA ASP C 473 16.49 -1.69 13.79
C ASP C 473 16.90 -0.32 14.31
N THR C 474 15.95 0.59 14.49
CA THR C 474 16.30 1.95 14.90
C THR C 474 16.70 2.00 16.38
N SER C 489 24.27 10.89 37.55
CA SER C 489 23.91 11.36 36.22
C SER C 489 24.62 10.46 35.24
N SER C 490 24.83 10.96 34.02
CA SER C 490 25.42 10.16 32.97
C SER C 490 26.13 11.09 32.01
N SER C 491 26.90 10.51 31.12
CA SER C 491 27.48 11.30 30.06
C SER C 491 26.40 11.81 29.14
N LYS C 492 26.15 13.12 29.17
CA LYS C 492 25.19 13.73 28.28
C LYS C 492 25.91 14.32 27.10
N SER C 493 25.39 14.08 25.91
CA SER C 493 25.87 14.73 24.71
C SER C 493 24.78 14.63 23.68
N TYR C 494 24.71 15.62 22.79
CA TYR C 494 23.69 15.56 21.75
C TYR C 494 23.86 14.32 20.91
N HIS C 495 25.09 13.94 20.64
CA HIS C 495 25.36 13.01 19.56
C HIS C 495 24.74 11.66 19.79
N HIS C 496 24.35 11.35 21.01
CA HIS C 496 23.60 10.14 21.26
C HIS C 496 22.26 10.39 21.92
N THR C 497 21.80 11.63 22.05
CA THR C 497 20.42 11.83 22.44
C THR C 497 19.55 12.38 21.33
N GLY C 498 20.12 13.00 20.31
CA GLY C 498 19.35 13.33 19.14
C GLY C 498 18.34 14.43 19.39
N LEU C 499 17.27 14.44 18.59
CA LEU C 499 16.32 15.54 18.64
C LEU C 499 14.93 15.05 18.31
N LYS C 500 13.95 15.89 18.58
CA LYS C 500 12.55 15.56 18.39
C LYS C 500 11.83 16.74 17.77
N LEU C 501 11.11 16.50 16.69
CA LEU C 501 10.42 17.55 15.96
C LEU C 501 8.99 17.10 15.73
N VAL C 502 8.03 17.97 16.04
CA VAL C 502 6.62 17.65 15.99
C VAL C 502 5.89 18.72 15.21
N GLU C 503 5.12 18.31 14.21
CA GLU C 503 4.33 19.23 13.41
C GLU C 503 2.87 18.88 13.53
N VAL C 504 2.04 19.88 13.78
CA VAL C 504 0.61 19.71 13.94
C VAL C 504 -0.08 20.35 12.75
N ALA C 505 -0.74 19.55 11.94
CA ALA C 505 -1.37 20.05 10.75
C ALA C 505 -2.68 19.33 10.53
N HIS C 506 -3.56 19.98 9.77
CA HIS C 506 -4.88 19.43 9.52
C HIS C 506 -4.76 18.17 8.69
N ASN C 507 -5.56 17.16 9.01
CA ASN C 507 -5.59 15.96 8.20
C ASN C 507 -6.05 16.32 6.80
N GLN C 508 -5.63 15.52 5.82
CA GLN C 508 -6.03 15.74 4.45
C GLN C 508 -7.54 15.74 4.34
N GLY C 509 -8.06 16.73 3.65
CA GLY C 509 -9.49 16.77 3.41
C GLY C 509 -10.34 16.98 4.63
N THR C 510 -9.80 17.47 5.72
CA THR C 510 -10.66 17.92 6.81
C THR C 510 -10.25 19.33 7.21
N ARG C 511 -11.19 20.02 7.83
CA ARG C 511 -10.95 21.32 8.41
C ARG C 511 -11.14 21.33 9.92
N ASP C 512 -11.39 20.19 10.54
CA ASP C 512 -11.70 20.12 11.96
C ASP C 512 -10.83 19.17 12.75
N THR C 513 -9.85 18.53 12.13
CA THR C 513 -9.03 17.56 12.83
C THR C 513 -7.57 17.73 12.44
N VAL C 514 -6.69 17.67 13.43
CA VAL C 514 -5.26 17.83 13.24
C VAL C 514 -4.58 16.56 13.71
N ASN C 515 -3.39 16.32 13.19
CA ASN C 515 -2.52 15.23 13.63
C ASN C 515 -1.24 15.78 14.25
N CYS C 516 -0.51 14.92 14.94
CA CYS C 516 0.80 15.25 15.50
C CYS C 516 1.82 14.29 14.91
N LYS C 517 2.54 14.74 13.89
CA LYS C 517 3.46 13.85 13.20
C LYS C 517 4.84 14.04 13.77
N ALA C 518 5.19 13.22 14.75
CA ALA C 518 6.47 13.33 15.42
C ALA C 518 7.58 12.67 14.62
N SER C 519 8.75 13.31 14.61
CA SER C 519 9.93 12.82 13.91
C SER C 519 11.08 12.78 14.90
N PHE C 520 12.00 11.85 14.71
CA PHE C 520 13.01 11.60 15.72
C PHE C 520 14.36 11.37 15.07
N LEU C 521 15.40 11.80 15.77
CA LEU C 521 16.73 11.23 15.62
C LEU C 521 17.15 10.71 16.98
N ASN C 522 17.48 9.45 17.05
CA ASN C 522 18.02 8.96 18.31
C ASN C 522 19.49 9.25 18.45
N THR C 523 20.15 9.66 17.38
CA THR C 523 21.60 9.73 17.37
C THR C 523 22.02 10.66 16.25
N SER C 524 23.32 10.86 16.13
CA SER C 524 23.91 11.64 15.05
C SER C 524 25.01 10.78 14.47
N PRO C 525 25.45 11.06 13.25
CA PRO C 525 26.46 10.21 12.63
C PRO C 525 27.69 9.96 13.47
N SER C 526 28.11 10.91 14.30
CA SER C 526 29.20 10.63 15.20
C SER C 526 28.81 9.63 16.27
N GLY C 527 27.55 9.63 16.68
CA GLY C 527 27.10 8.63 17.62
C GLY C 527 27.08 7.25 17.00
N VAL C 528 26.69 7.15 15.74
CA VAL C 528 26.71 5.87 15.05
C VAL C 528 28.13 5.36 14.92
N LEU C 529 29.06 6.24 14.55
CA LEU C 529 30.45 5.81 14.40
C LEU C 529 31.04 5.34 15.72
N ALA C 530 30.73 6.04 16.80
CA ALA C 530 31.23 5.61 18.10
C ALA C 530 30.58 4.30 18.53
N ASP C 531 29.30 4.08 18.22
CA ASP C 531 28.71 2.80 18.53
C ASP C 531 29.39 1.69 17.76
N MET C 532 29.72 1.93 16.50
CA MET C 532 30.39 0.92 15.70
C MET C 532 31.72 0.54 16.31
N VAL C 533 32.44 1.52 16.85
CA VAL C 533 33.70 1.18 17.51
C VAL C 533 33.45 0.43 18.80
N ASP C 534 32.45 0.85 19.57
CA ASP C 534 32.20 0.17 20.85
C ASP C 534 31.75 -1.26 20.66
N ALA C 535 31.11 -1.58 19.54
CA ALA C 535 30.80 -2.97 19.27
C ALA C 535 32.01 -3.75 18.80
N GLY C 536 33.17 -3.13 18.69
CA GLY C 536 34.40 -3.85 18.46
C GLY C 536 34.96 -3.78 17.06
N ALA C 537 34.36 -3.02 16.17
CA ALA C 537 34.92 -2.88 14.83
C ALA C 537 36.24 -2.16 14.88
N VAL C 538 37.11 -2.46 13.93
CA VAL C 538 38.34 -1.71 13.77
C VAL C 538 38.22 -0.92 12.50
N ILE C 539 38.18 0.39 12.60
CA ILE C 539 37.85 1.25 11.48
C ILE C 539 39.10 2.00 11.05
N LEU C 540 39.38 1.99 9.75
CA LEU C 540 40.43 2.83 9.21
C LEU C 540 39.81 3.89 8.33
N GLY C 541 39.95 5.14 8.73
CA GLY C 541 39.39 6.22 7.96
C GLY C 541 40.33 6.88 6.98
N ILE C 542 40.68 6.24 5.88
CA ILE C 542 41.60 6.91 4.96
C ILE C 542 40.90 8.08 4.32
N SER C 543 41.42 9.27 4.54
CA SER C 543 40.93 10.46 3.84
C SER C 543 41.91 11.58 4.07
N ALA C 544 42.17 12.37 3.02
CA ALA C 544 43.18 13.41 3.10
C ALA C 544 42.85 14.47 4.13
N THR C 545 41.59 14.57 4.53
CA THR C 545 41.15 15.54 5.51
C THR C 545 40.33 14.87 6.60
N ALA C 546 40.71 13.67 7.02
CA ALA C 546 39.91 12.91 7.97
C ALA C 546 39.70 13.66 9.27
N ARG C 547 40.58 14.58 9.60
CA ARG C 547 40.46 15.32 10.84
C ARG C 547 40.28 16.80 10.60
N ALA C 548 39.49 17.17 9.59
CA ALA C 548 39.12 18.56 9.42
C ALA C 548 38.36 19.02 10.65
N ASP C 549 38.63 20.23 11.10
CA ASP C 549 38.04 20.68 12.35
C ASP C 549 36.65 21.25 12.08
N THR C 550 35.78 20.47 11.50
CA THR C 550 34.40 20.89 11.31
C THR C 550 33.50 19.82 11.84
N VAL C 551 32.28 20.20 12.15
CA VAL C 551 31.30 19.29 12.70
C VAL C 551 30.07 19.21 11.81
N ILE C 552 30.07 19.95 10.73
CA ILE C 552 29.06 19.85 9.70
C ILE C 552 29.49 18.90 8.62
N HIS C 553 30.72 19.02 8.16
CA HIS C 553 31.22 18.28 7.02
C HIS C 553 32.16 17.17 7.45
N ASN C 554 32.11 16.74 8.70
CA ASN C 554 32.98 15.72 9.24
C ASN C 554 32.37 15.26 10.55
N PHE C 555 32.88 14.16 11.08
CA PHE C 555 32.41 13.74 12.39
C PHE C 555 32.94 14.67 13.46
N ASP C 556 32.37 14.57 14.64
CA ASP C 556 32.67 15.49 15.73
C ASP C 556 33.79 14.86 16.54
N PHE C 557 35.03 15.08 16.12
CA PHE C 557 36.12 14.35 16.74
C PHE C 557 36.40 14.76 18.16
N LYS C 558 35.86 15.88 18.63
CA LYS C 558 35.91 16.14 20.06
C LYS C 558 35.08 15.12 20.81
N TYR C 559 33.86 14.87 20.35
CA TYR C 559 33.02 13.87 20.97
C TYR C 559 33.61 12.49 20.85
N LEU C 560 34.11 12.13 19.68
CA LEU C 560 34.67 10.80 19.51
C LEU C 560 35.88 10.61 20.40
N ASN C 561 36.71 11.63 20.51
CA ASN C 561 37.84 11.54 21.41
C ASN C 561 37.39 11.34 22.84
N GLU C 562 36.34 12.03 23.26
CA GLU C 562 35.87 11.87 24.62
C GLU C 562 35.25 10.51 24.86
N ARG C 563 34.41 10.05 23.94
CA ARG C 563 33.70 8.81 24.20
C ARG C 563 34.60 7.60 24.05
N LEU C 564 35.45 7.60 23.05
CA LEU C 564 36.32 6.46 22.82
C LEU C 564 37.54 6.49 23.71
N GLY C 565 37.96 7.66 24.15
CA GLY C 565 39.18 7.71 24.93
C GLY C 565 40.36 7.34 24.10
N ASN C 566 41.13 6.37 24.58
CA ASN C 566 42.30 5.91 23.85
C ASN C 566 41.99 4.84 22.81
N LYS C 567 40.73 4.54 22.53
CA LYS C 567 40.42 3.77 21.34
C LYS C 567 40.51 4.60 20.07
N LEU C 568 40.36 5.91 20.16
CA LEU C 568 40.59 6.76 19.00
C LEU C 568 42.09 6.88 18.84
N LEU C 569 42.65 6.07 17.97
CA LEU C 569 44.09 6.09 17.75
C LEU C 569 44.49 7.33 16.97
N SER C 570 45.78 7.61 16.98
CA SER C 570 46.27 8.77 16.27
C SER C 570 47.71 8.54 15.87
N LEU C 571 48.15 9.22 14.82
CA LEU C 571 49.53 9.11 14.41
C LEU C 571 50.41 9.90 15.37
N SER C 572 51.42 9.22 15.91
CA SER C 572 52.40 9.89 16.73
C SER C 572 53.17 10.92 15.90
N ARG C 573 53.82 11.86 16.59
CA ARG C 573 54.56 12.88 15.88
C ARG C 573 55.67 12.28 15.05
N GLU C 574 56.30 11.22 15.54
CA GLU C 574 57.30 10.48 14.76
C GLU C 574 56.70 10.02 13.44
N GLN C 575 55.55 9.36 13.51
CA GLN C 575 54.95 8.77 12.32
C GLN C 575 54.53 9.84 11.33
N LYS C 576 53.98 10.94 11.82
CA LYS C 576 53.64 12.04 10.93
C LYS C 576 54.88 12.57 10.24
N GLN C 577 55.98 12.67 10.97
CA GLN C 577 57.22 13.13 10.35
C GLN C 577 57.67 12.15 9.28
N ARG C 578 57.58 10.86 9.57
CA ARG C 578 58.00 9.84 8.62
C ARG C 578 57.14 9.89 7.36
N VAL C 579 55.83 10.02 7.51
CA VAL C 579 54.95 10.14 6.37
C VAL C 579 55.26 11.40 5.58
N ASN C 580 55.59 12.49 6.27
CA ASN C 580 55.98 13.69 5.55
C ASN C 580 57.22 13.47 4.71
N ASN C 581 58.21 12.78 5.27
CA ASN C 581 59.42 12.49 4.51
C ASN C 581 59.08 11.69 3.27
N TYR C 582 58.26 10.65 3.44
CA TYR C 582 57.88 9.82 2.32
C TYR C 582 57.15 10.62 1.27
N TYR C 583 56.26 11.51 1.69
CA TYR C 583 55.53 12.33 0.75
C TYR C 583 56.48 13.22 -0.04
N HIS C 584 57.46 13.81 0.64
CA HIS C 584 58.46 14.58 -0.10
C HIS C 584 59.24 13.71 -1.07
N SER C 585 59.51 12.46 -0.70
CA SER C 585 60.21 11.57 -1.62
C SER C 585 59.39 11.34 -2.87
N ARG C 586 58.08 11.16 -2.73
CA ARG C 586 57.25 10.89 -3.90
C ARG C 586 56.95 12.14 -4.70
N ARG C 587 56.93 13.31 -4.08
CA ARG C 587 56.52 14.54 -4.75
C ARG C 587 57.48 15.69 -4.42
N ASN C 588 58.77 15.45 -4.58
CA ASN C 588 59.78 16.47 -4.30
C ASN C 588 59.68 17.58 -5.34
N TYR C 589 58.81 18.55 -5.05
CA TYR C 589 58.68 19.69 -5.95
C TYR C 589 59.94 20.51 -5.99
N LYS C 590 60.57 20.69 -4.83
CA LYS C 590 61.61 21.71 -4.69
C LYS C 590 62.87 21.32 -5.46
N ASP C 591 63.34 20.09 -5.28
CA ASP C 591 64.62 19.71 -5.85
C ASP C 591 64.57 19.60 -7.36
N ASN C 592 63.41 19.35 -7.94
CA ASN C 592 63.29 19.30 -9.39
C ASN C 592 62.86 20.63 -9.98
N GLY C 593 62.78 21.68 -9.16
CA GLY C 593 62.59 23.01 -9.69
C GLY C 593 61.18 23.38 -10.09
N VAL C 594 60.16 22.81 -9.48
CA VAL C 594 58.79 23.22 -9.76
C VAL C 594 58.44 24.45 -8.94
N VAL C 595 57.87 25.44 -9.60
CA VAL C 595 57.55 26.73 -8.99
C VAL C 595 56.03 26.85 -8.87
N LEU C 596 55.56 27.17 -7.67
CA LEU C 596 54.14 27.35 -7.41
C LEU C 596 53.83 28.84 -7.30
N THR C 597 52.99 29.34 -8.20
CA THR C 597 52.64 30.75 -8.24
C THR C 597 51.20 30.94 -7.81
N VAL C 598 50.99 31.79 -6.82
CA VAL C 598 49.67 32.07 -6.27
C VAL C 598 49.38 33.54 -6.44
N LYS C 599 48.23 33.87 -7.00
CA LYS C 599 47.73 35.23 -7.04
C LYS C 599 46.29 35.25 -6.60
N TYR C 600 45.93 36.27 -5.84
CA TYR C 600 44.57 36.42 -5.35
C TYR C 600 43.88 37.51 -6.16
N LEU C 601 42.70 37.20 -6.67
CA LEU C 601 42.08 38.00 -7.72
C LEU C 601 40.93 38.82 -7.18
N ASN C 602 41.07 40.13 -7.23
CA ASN C 602 39.99 41.02 -6.85
C ASN C 602 39.05 41.23 -8.02
N SER C 603 37.86 41.74 -7.72
CA SER C 603 36.98 42.20 -8.79
C SER C 603 37.57 43.46 -9.40
N ARG C 604 37.67 43.47 -10.72
CA ARG C 604 38.33 44.56 -11.46
C ARG C 604 37.29 45.07 -12.46
N ASP C 605 36.47 46.03 -12.02
CA ASP C 605 35.26 46.34 -12.76
C ASP C 605 35.56 46.99 -14.12
N ALA C 606 36.54 47.90 -14.16
CA ALA C 606 36.86 48.57 -15.42
C ALA C 606 37.36 47.59 -16.45
N PHE C 607 38.17 46.61 -16.01
CA PHE C 607 38.67 45.56 -16.88
C PHE C 607 37.53 44.80 -17.53
N LEU C 608 36.55 44.40 -16.73
CA LEU C 608 35.37 43.73 -17.25
C LEU C 608 34.59 44.64 -18.19
N ASP C 609 34.46 45.92 -17.84
CA ASP C 609 33.71 46.84 -18.67
C ASP C 609 34.34 46.99 -20.04
N ALA C 610 35.68 47.12 -20.07
CA ALA C 610 36.37 47.25 -21.34
C ALA C 610 36.12 46.03 -22.22
N LEU C 611 36.32 44.83 -21.67
CA LEU C 611 36.11 43.62 -22.47
C LEU C 611 34.66 43.47 -22.88
N LEU C 612 33.73 43.77 -22.00
CA LEU C 612 32.33 43.58 -22.31
C LEU C 612 31.90 44.48 -23.45
N GLU C 613 32.28 45.76 -23.37
CA GLU C 613 31.88 46.66 -24.44
C GLU C 613 32.61 46.37 -25.73
N GLU C 614 33.76 45.69 -25.66
CA GLU C 614 34.33 45.20 -26.90
C GLU C 614 33.51 44.05 -27.48
N TYR C 615 32.87 43.26 -26.61
CA TYR C 615 31.99 42.21 -27.10
C TYR C 615 30.78 42.80 -27.81
N LYS C 616 30.29 43.94 -27.35
CA LYS C 616 29.15 44.62 -27.97
C LYS C 616 29.47 46.10 -28.14
N PRO C 617 30.30 46.44 -29.14
CA PRO C 617 30.65 47.86 -29.33
C PRO C 617 29.49 48.73 -29.77
N GLU C 618 28.43 48.15 -30.33
CA GLU C 618 27.29 48.93 -30.80
C GLU C 618 26.33 49.33 -29.69
N ALA C 619 26.44 48.73 -28.51
CA ALA C 619 25.42 48.87 -27.48
C ALA C 619 25.65 50.11 -26.63
N ARG C 620 24.70 50.34 -25.72
CA ARG C 620 24.71 51.56 -24.92
C ARG C 620 25.83 51.57 -23.90
N SER C 621 25.81 50.59 -23.00
CA SER C 621 26.69 50.59 -21.84
C SER C 621 26.87 49.17 -21.37
N SER C 622 27.90 48.96 -20.54
CA SER C 622 28.22 47.62 -20.08
C SER C 622 27.06 47.00 -19.32
N HIS C 623 26.49 47.73 -18.37
CA HIS C 623 25.37 47.21 -17.59
C HIS C 623 24.17 46.95 -18.48
N PHE C 624 23.97 47.80 -19.48
CA PHE C 624 22.98 47.50 -20.51
C PHE C 624 23.26 46.15 -21.16
N ILE C 625 24.54 45.85 -21.41
CA ILE C 625 24.87 44.59 -22.09
C ILE C 625 24.59 43.41 -21.17
N LEU C 626 24.95 43.54 -19.89
CA LEU C 626 24.64 42.49 -18.92
C LEU C 626 23.14 42.23 -18.89
N ASN C 627 22.34 43.29 -18.89
CA ASN C 627 20.89 43.13 -18.82
C ASN C 627 20.34 42.59 -20.12
N HIS C 628 20.78 43.15 -21.24
CA HIS C 628 20.18 42.89 -22.54
C HIS C 628 20.70 41.61 -23.16
N TYR C 629 22.01 41.56 -23.41
CA TYR C 629 22.58 40.47 -24.17
C TYR C 629 22.88 39.25 -23.30
N LEU C 630 23.32 39.47 -22.06
CA LEU C 630 23.63 38.37 -21.17
C LEU C 630 22.46 37.95 -20.30
N GLY C 631 21.42 38.77 -20.20
CA GLY C 631 20.26 38.38 -19.42
C GLY C 631 20.38 38.56 -17.92
N ILE C 632 21.40 39.26 -17.46
CA ILE C 632 21.62 39.44 -16.03
C ILE C 632 20.75 40.59 -15.54
N ALA C 633 19.79 40.28 -14.66
CA ALA C 633 19.01 41.32 -14.01
C ALA C 633 19.94 42.22 -13.18
N GLU C 634 19.62 43.51 -13.16
CA GLU C 634 20.46 44.46 -12.45
C GLU C 634 20.51 44.21 -10.96
N SER C 635 19.55 43.44 -10.43
CA SER C 635 19.66 42.98 -9.05
C SER C 635 20.85 42.08 -8.85
N GLU C 636 21.21 41.29 -9.87
CA GLU C 636 22.33 40.37 -9.78
C GLU C 636 23.61 40.92 -10.34
N GLN C 637 23.55 42.05 -11.03
CA GLN C 637 24.66 42.48 -11.88
C GLN C 637 25.91 42.79 -11.07
N ALA C 638 25.76 43.39 -9.89
CA ALA C 638 26.94 43.65 -9.07
C ALA C 638 27.63 42.35 -8.68
N PHE C 639 26.85 41.36 -8.26
CA PHE C 639 27.40 40.06 -7.89
C PHE C 639 28.04 39.38 -9.08
N VAL C 640 27.35 39.39 -10.22
CA VAL C 640 27.87 38.71 -11.40
C VAL C 640 29.15 39.36 -11.87
N ARG C 641 29.23 40.68 -11.79
CA ARG C 641 30.48 41.35 -12.14
C ARG C 641 31.61 40.91 -11.23
N SER C 642 31.36 40.90 -9.92
CA SER C 642 32.42 40.59 -8.97
C SER C 642 32.94 39.18 -9.20
N TRP C 643 32.03 38.26 -9.47
CA TRP C 643 32.37 36.95 -10.00
C TRP C 643 33.17 36.97 -11.30
N LEU C 644 32.53 37.45 -12.36
CA LEU C 644 33.01 37.15 -13.70
C LEU C 644 34.33 37.83 -13.98
N SER C 645 34.55 39.01 -13.40
CA SER C 645 35.81 39.68 -13.62
C SER C 645 36.97 38.86 -13.07
N LYS C 646 36.79 38.26 -11.91
CA LYS C 646 37.83 37.41 -11.35
C LYS C 646 38.09 36.22 -12.24
N LEU C 647 37.02 35.61 -12.73
CA LEU C 647 37.19 34.44 -13.60
C LEU C 647 37.97 34.81 -14.86
N LEU C 648 37.55 35.88 -15.53
CA LEU C 648 38.19 36.29 -16.77
C LEU C 648 39.64 36.71 -16.53
N ALA C 649 39.92 37.37 -15.41
CA ALA C 649 41.28 37.75 -15.12
C ALA C 649 42.17 36.52 -14.98
N SER C 650 41.67 35.49 -14.29
CA SER C 650 42.43 34.24 -14.19
C SER C 650 42.67 33.63 -15.56
N ILE C 651 41.64 33.63 -16.41
CA ILE C 651 41.77 33.03 -17.74
C ILE C 651 42.84 33.75 -18.54
N LYS C 652 42.78 35.08 -18.55
CA LYS C 652 43.76 35.86 -19.30
C LYS C 652 45.18 35.59 -18.83
N ALA C 653 45.36 35.49 -17.52
CA ALA C 653 46.70 35.18 -17.01
C ALA C 653 47.14 33.78 -17.44
N PHE C 654 46.20 32.83 -17.49
CA PHE C 654 46.54 31.50 -17.96
C PHE C 654 46.97 31.50 -19.42
N ILE C 655 46.23 32.21 -20.26
CA ILE C 655 46.53 32.21 -21.68
C ILE C 655 47.91 32.83 -21.93
N SER C 656 48.23 33.89 -21.19
CA SER C 656 49.53 34.53 -21.34
C SER C 656 50.68 33.63 -20.94
N SER C 657 50.46 32.70 -20.03
CA SER C 657 51.57 31.87 -19.61
C SER C 657 51.99 30.98 -20.77
N PRO C 658 53.29 30.89 -21.02
CA PRO C 658 53.77 30.04 -22.12
C PRO C 658 53.47 28.56 -21.94
N ASP C 659 53.97 27.98 -20.85
CA ASP C 659 54.09 26.54 -20.77
C ASP C 659 52.76 25.86 -20.47
N ASN C 660 51.86 26.55 -19.78
CA ASN C 660 50.69 25.90 -19.22
C ASN C 660 49.67 25.62 -20.32
N ARG C 661 49.05 24.44 -20.26
CA ARG C 661 48.06 24.06 -21.25
C ARG C 661 46.76 23.56 -20.67
N TYR C 662 46.67 23.35 -19.37
CA TYR C 662 45.54 22.64 -18.76
C TYR C 662 45.09 23.45 -17.56
N MET C 663 44.09 24.31 -17.73
CA MET C 663 43.55 25.06 -16.60
C MET C 663 42.17 24.55 -16.22
N LEU C 664 42.00 24.24 -14.94
CA LEU C 664 40.75 23.75 -14.39
C LEU C 664 40.11 24.84 -13.55
N SER C 665 38.91 25.24 -13.92
CA SER C 665 38.19 26.29 -13.21
C SER C 665 37.15 25.63 -12.33
N LEU C 666 37.20 25.93 -11.04
CA LEU C 666 36.28 25.37 -10.08
C LEU C 666 35.34 26.45 -9.62
N LEU C 667 34.13 26.45 -10.18
CA LEU C 667 33.12 27.40 -9.76
C LEU C 667 32.16 26.73 -8.81
N ASN C 668 31.31 27.52 -8.19
CA ASN C 668 30.24 26.93 -7.41
C ASN C 668 29.13 26.41 -8.31
N ARG C 669 29.07 26.89 -9.54
CA ARG C 669 27.93 26.76 -10.41
C ARG C 669 28.35 26.26 -11.77
N THR C 670 27.42 25.62 -12.46
CA THR C 670 27.71 24.99 -13.74
C THR C 670 27.50 26.00 -14.87
N LEU C 671 28.57 26.29 -15.62
CA LEU C 671 28.47 27.09 -16.83
C LEU C 671 28.01 26.20 -17.97
N ASP C 672 26.71 26.11 -18.14
CA ASP C 672 26.12 25.28 -19.18
C ASP C 672 25.23 26.15 -20.07
N THR C 673 24.42 25.47 -20.88
CA THR C 673 23.55 26.14 -21.82
C THR C 673 22.53 27.05 -21.15
N THR C 674 22.20 26.82 -19.88
CA THR C 674 21.29 27.74 -19.21
C THR C 674 21.97 29.05 -18.86
N ARG C 675 23.29 29.10 -18.96
CA ARG C 675 24.05 30.34 -18.89
C ARG C 675 24.80 30.56 -20.20
N GLN C 676 24.16 30.19 -21.32
CA GLN C 676 24.86 30.13 -22.59
C GLN C 676 25.34 31.50 -23.03
N ASN C 677 24.62 32.56 -22.68
CA ASN C 677 25.05 33.91 -23.02
C ASN C 677 26.40 34.21 -22.37
N ILE C 678 26.54 33.85 -21.11
CA ILE C 678 27.80 34.02 -20.41
C ILE C 678 28.87 33.18 -21.08
N ASN C 679 28.52 31.96 -21.49
CA ASN C 679 29.47 31.12 -22.20
C ASN C 679 29.96 31.80 -23.46
N ASP C 680 29.05 32.43 -24.19
CA ASP C 680 29.42 33.10 -25.43
C ASP C 680 30.35 34.26 -25.16
N PHE C 681 30.06 35.06 -24.14
CA PHE C 681 30.93 36.19 -23.84
C PHE C 681 32.30 35.71 -23.38
N ILE C 682 32.32 34.67 -22.56
CA ILE C 682 33.59 34.11 -22.12
C ILE C 682 34.35 33.58 -23.31
N GLN C 683 33.66 32.94 -24.25
CA GLN C 683 34.28 32.46 -25.46
C GLN C 683 34.90 33.60 -26.23
N PHE C 684 34.20 34.73 -26.29
CA PHE C 684 34.74 35.92 -26.93
C PHE C 684 36.03 36.39 -26.27
N CYS C 685 36.05 36.46 -24.94
CA CYS C 685 37.25 36.91 -24.25
C CYS C 685 38.39 35.92 -24.47
N CYS C 686 38.08 34.62 -24.46
CA CYS C 686 39.08 33.61 -24.77
C CYS C 686 39.64 33.81 -26.16
N ASP C 687 38.76 34.10 -27.13
CA ASP C 687 39.21 34.33 -28.49
C ASP C 687 40.13 35.54 -28.57
N LYS C 688 39.75 36.62 -27.90
CA LYS C 688 40.56 37.83 -27.90
C LYS C 688 41.97 37.54 -27.40
N TRP C 689 42.07 36.87 -26.27
CA TRP C 689 43.39 36.58 -25.73
C TRP C 689 44.09 35.49 -26.51
N ALA C 690 43.34 34.62 -27.19
CA ALA C 690 43.95 33.62 -28.04
C ALA C 690 44.68 34.28 -29.21
N LYS C 691 43.99 35.18 -29.90
CA LYS C 691 44.62 35.93 -30.98
C LYS C 691 45.76 36.77 -30.45
N GLU C 692 45.52 37.48 -29.35
CA GLU C 692 46.51 38.40 -28.82
C GLU C 692 47.78 37.67 -28.40
N PHE C 693 47.62 36.50 -27.80
CA PHE C 693 48.76 35.77 -27.27
C PHE C 693 49.23 34.68 -28.21
N ASN C 694 48.56 34.53 -29.35
CA ASN C 694 48.97 33.62 -30.42
C ASN C 694 49.08 32.19 -29.92
N VAL C 695 48.09 31.77 -29.14
CA VAL C 695 47.97 30.38 -28.73
C VAL C 695 46.52 29.96 -28.89
N LYS C 696 46.31 28.78 -29.45
CA LYS C 696 44.96 28.28 -29.58
C LYS C 696 44.42 27.88 -28.22
N THR C 697 43.11 27.96 -28.07
CA THR C 697 42.46 27.62 -26.81
C THR C 697 41.24 26.77 -27.08
N LYS C 698 41.11 25.69 -26.32
CA LYS C 698 39.93 24.84 -26.36
C LYS C 698 39.18 24.99 -25.05
N THR C 699 37.88 25.24 -25.13
CA THR C 699 37.05 25.53 -23.97
C THR C 699 36.02 24.44 -23.77
N PHE C 700 35.97 23.88 -22.57
CA PHE C 700 34.99 22.87 -22.21
C PHE C 700 34.00 23.48 -21.24
N PHE C 701 32.92 24.04 -21.75
CA PHE C 701 31.86 24.47 -20.85
C PHE C 701 31.06 23.27 -20.37
N GLY C 702 30.36 23.46 -19.26
CA GLY C 702 29.39 22.50 -18.80
C GLY C 702 29.95 21.17 -18.35
N VAL C 703 31.15 21.16 -17.75
CA VAL C 703 31.72 19.88 -17.34
C VAL C 703 31.13 19.55 -15.98
N ASN C 704 29.93 19.01 -15.99
CA ASN C 704 29.30 18.50 -14.79
C ASN C 704 29.35 16.98 -14.81
N ALA C 705 28.93 16.36 -13.71
CA ALA C 705 29.27 14.96 -13.47
C ALA C 705 28.62 14.04 -14.48
N ASP C 706 27.38 14.32 -14.89
CA ASP C 706 26.75 13.43 -15.85
C ASP C 706 27.38 13.57 -17.23
N TRP C 707 27.84 14.77 -17.57
CA TRP C 707 28.64 14.94 -18.78
C TRP C 707 29.91 14.11 -18.69
N MET C 708 30.54 14.10 -17.53
CA MET C 708 31.74 13.31 -17.33
C MET C 708 31.46 11.83 -17.54
N ARG C 709 30.34 11.35 -16.99
CA ARG C 709 30.05 9.93 -17.07
C ARG C 709 29.65 9.54 -18.48
N LEU C 710 28.79 10.32 -19.12
CA LEU C 710 28.08 9.86 -20.28
C LEU C 710 28.66 10.33 -21.60
N VAL C 711 29.42 11.43 -21.62
CA VAL C 711 29.78 12.01 -22.90
C VAL C 711 31.28 12.08 -23.06
N GLY C 712 31.96 12.79 -22.16
CA GLY C 712 33.21 13.36 -22.60
C GLY C 712 34.41 13.48 -21.68
N TYR C 713 34.52 12.64 -20.66
CA TYR C 713 35.67 12.76 -19.78
C TYR C 713 37.01 12.65 -20.50
N ASP C 714 37.11 11.74 -21.47
CA ASP C 714 38.43 11.41 -21.99
C ASP C 714 38.98 12.44 -22.96
N GLU C 715 38.13 13.11 -23.76
CA GLU C 715 38.70 13.89 -24.85
C GLU C 715 39.39 15.16 -24.38
N ILE C 716 39.19 15.57 -23.12
CA ILE C 716 40.08 16.59 -22.59
C ILE C 716 41.50 16.06 -22.56
N SER C 717 41.67 14.84 -22.07
CA SER C 717 42.96 14.19 -22.12
C SER C 717 43.43 14.02 -23.57
N LYS C 718 42.53 13.57 -24.45
CA LYS C 718 42.90 13.39 -25.84
C LYS C 718 43.39 14.70 -26.45
N HIS C 719 42.64 15.76 -26.24
CA HIS C 719 42.99 17.07 -26.78
C HIS C 719 44.34 17.53 -26.29
N LEU C 720 44.67 17.18 -25.04
CA LEU C 720 46.01 17.42 -24.55
C LEU C 720 47.03 16.55 -25.27
N ASN C 721 46.65 15.31 -25.63
CA ASN C 721 47.61 14.42 -26.27
C ASN C 721 47.87 14.79 -27.72
N THR C 722 46.98 15.56 -28.35
CA THR C 722 46.99 15.66 -29.80
C THR C 722 47.14 17.07 -30.35
N GLU C 723 47.07 18.11 -29.54
CA GLU C 723 47.08 19.47 -30.08
C GLU C 723 47.98 20.36 -29.24
N LEU C 724 48.36 21.48 -29.83
CA LEU C 724 49.22 22.46 -29.16
C LEU C 724 48.43 23.51 -28.41
N GLY C 725 47.14 23.65 -28.68
CA GLY C 725 46.35 24.69 -28.03
C GLY C 725 46.15 24.43 -26.55
N LYS C 726 45.84 25.50 -25.83
CA LYS C 726 45.57 25.40 -24.40
C LYS C 726 44.14 24.95 -24.16
N VAL C 727 43.92 24.32 -23.01
CA VAL C 727 42.61 23.82 -22.62
C VAL C 727 42.17 24.52 -21.35
N VAL C 728 40.94 25.03 -21.37
CA VAL C 728 40.29 25.62 -20.21
C VAL C 728 39.04 24.81 -19.90
N VAL C 729 38.94 24.30 -18.68
CA VAL C 729 37.83 23.46 -18.26
C VAL C 729 37.06 24.21 -17.18
N PHE C 730 35.75 24.32 -17.35
CA PHE C 730 34.90 24.99 -16.38
C PHE C 730 34.07 23.94 -15.65
N SER C 731 34.25 23.85 -14.34
CA SER C 731 33.61 22.81 -13.56
C SER C 731 33.33 23.31 -12.17
N THR C 732 32.89 22.41 -11.30
CA THR C 732 32.50 22.78 -9.94
C THR C 732 33.21 21.88 -8.95
N TYR C 733 33.20 22.31 -7.69
CA TYR C 733 33.73 21.47 -6.62
C TYR C 733 32.96 20.17 -6.50
N ALA C 734 31.64 20.24 -6.56
CA ALA C 734 30.83 19.04 -6.46
C ALA C 734 31.11 18.09 -7.60
N SER C 735 31.20 18.60 -8.80
CA SER C 735 31.45 17.77 -9.97
C SER C 735 32.85 17.30 -10.06
N MET C 736 33.73 17.63 -9.13
CA MET C 736 35.06 17.06 -9.09
C MET C 736 35.32 16.20 -7.88
N GLY C 737 34.57 16.38 -6.79
CA GLY C 737 34.69 15.41 -5.74
C GLY C 737 34.30 14.02 -6.20
N ALA C 738 33.26 13.94 -7.02
CA ALA C 738 32.85 12.71 -7.67
C ALA C 738 33.30 12.80 -9.12
N GLY C 739 34.46 12.21 -9.41
CA GLY C 739 35.11 12.39 -10.68
C GLY C 739 36.46 11.71 -10.71
N LYS C 740 36.92 11.39 -11.90
CA LYS C 740 38.09 10.54 -12.07
C LYS C 740 39.36 11.31 -11.76
N ASN C 741 40.49 10.61 -11.85
CA ASN C 741 41.79 11.23 -11.84
C ASN C 741 41.88 12.23 -12.98
N PRO C 742 41.88 13.52 -12.73
CA PRO C 742 41.78 14.48 -13.83
C PRO C 742 43.13 14.71 -14.51
N ASP C 743 43.57 13.72 -15.26
CA ASP C 743 44.92 13.71 -15.81
C ASP C 743 44.89 13.28 -17.27
N TYR C 744 46.04 13.39 -17.93
CA TYR C 744 46.14 13.09 -19.34
C TYR C 744 47.45 12.34 -19.61
N ALA C 745 47.55 11.78 -20.81
CA ALA C 745 48.72 10.99 -21.20
C ALA C 745 49.76 11.89 -21.85
N VAL C 746 50.98 11.88 -21.31
CA VAL C 746 52.00 12.83 -21.75
C VAL C 746 52.35 12.56 -23.22
N ASN C 747 52.15 13.54 -24.07
CA ASN C 747 52.67 13.53 -25.44
C ASN C 747 53.90 14.42 -25.45
N LEU C 748 55.07 13.83 -25.26
CA LEU C 748 56.30 14.61 -25.13
C LEU C 748 56.59 15.46 -26.36
N ALA C 749 56.02 15.12 -27.51
CA ALA C 749 56.23 15.96 -28.68
C ALA C 749 55.54 17.32 -28.52
N LEU C 750 54.43 17.36 -27.80
CA LEU C 750 53.73 18.61 -27.60
C LEU C 750 54.19 19.36 -26.36
N GLU C 751 54.67 18.63 -25.34
CA GLU C 751 54.80 19.20 -24.01
C GLU C 751 56.12 18.85 -23.31
N GLY C 752 57.01 18.09 -23.94
CA GLY C 752 58.22 17.63 -23.29
C GLY C 752 59.17 18.73 -22.87
N GLU C 753 58.98 19.94 -23.38
CA GLU C 753 59.78 21.08 -22.94
C GLU C 753 59.41 21.53 -21.54
N SER C 754 58.12 21.42 -21.16
CA SER C 754 57.65 22.00 -19.92
C SER C 754 57.56 21.02 -18.77
N LEU C 755 57.68 19.71 -19.02
CA LEU C 755 57.41 18.73 -17.98
C LEU C 755 58.69 18.25 -17.30
N ILE C 756 58.58 17.96 -16.01
CA ILE C 756 59.67 17.42 -15.21
C ILE C 756 59.13 16.24 -14.44
N SER C 757 59.98 15.25 -14.18
CA SER C 757 59.69 14.30 -13.13
C SER C 757 59.94 14.94 -11.79
N VAL C 758 58.94 14.90 -10.90
CA VAL C 758 59.12 15.39 -9.55
C VAL C 758 59.29 14.26 -8.56
N ALA C 759 59.26 13.03 -9.03
CA ALA C 759 59.26 11.85 -8.18
C ALA C 759 60.62 11.19 -8.24
N ASP C 760 61.04 10.63 -7.12
CA ASP C 760 62.23 9.78 -7.08
C ASP C 760 61.89 8.29 -7.12
N VAL C 761 60.77 7.93 -7.74
CA VAL C 761 60.33 6.55 -7.78
C VAL C 761 61.25 5.73 -8.65
N GLN C 766 53.13 4.23 -18.18
CA GLN C 766 52.69 5.38 -18.97
C GLN C 766 52.92 6.71 -18.30
N LEU C 767 53.59 7.60 -19.02
CA LEU C 767 53.83 8.94 -18.52
C LEU C 767 52.55 9.75 -18.59
N ARG C 768 52.10 10.23 -17.44
CA ARG C 768 50.88 11.00 -17.32
C ARG C 768 51.16 12.30 -16.58
N SER C 769 50.38 13.32 -16.91
CA SER C 769 50.50 14.63 -16.29
C SER C 769 49.10 15.13 -15.98
N ASP C 770 49.03 16.16 -15.16
CA ASP C 770 47.77 16.60 -14.59
C ASP C 770 47.63 18.10 -14.73
N ILE C 771 46.57 18.62 -14.12
CA ILE C 771 46.18 20.02 -14.14
C ILE C 771 47.37 20.90 -13.79
N ASP C 772 47.57 21.96 -14.57
CA ASP C 772 48.69 22.86 -14.33
C ASP C 772 48.29 24.22 -13.81
N SER C 773 47.04 24.65 -13.98
CA SER C 773 46.60 25.91 -13.41
C SER C 773 45.18 25.76 -12.92
N ILE C 774 44.88 26.31 -11.76
CA ILE C 774 43.57 26.14 -11.14
C ILE C 774 43.05 27.49 -10.71
N TYR C 775 41.78 27.76 -10.99
CA TYR C 775 41.08 28.90 -10.43
C TYR C 775 40.06 28.41 -9.42
N LEU C 776 40.09 28.96 -8.21
CA LEU C 776 39.33 28.43 -7.09
C LEU C 776 38.33 29.48 -6.64
N GLU C 777 37.12 29.44 -7.19
CA GLU C 777 36.09 30.32 -6.70
C GLU C 777 35.69 29.90 -5.30
N LYS C 778 35.34 30.88 -4.48
CA LYS C 778 35.05 30.62 -3.09
C LYS C 778 33.86 29.69 -2.94
N PRO C 779 33.99 28.59 -2.19
CA PRO C 779 32.86 27.68 -2.00
C PRO C 779 31.72 28.40 -1.33
N THR C 780 30.49 28.13 -1.77
CA THR C 780 29.39 28.94 -1.30
C THR C 780 28.39 28.22 -0.43
N GLN C 781 27.62 27.28 -0.96
CA GLN C 781 26.54 26.74 -0.14
C GLN C 781 27.00 25.52 0.64
N LEU C 782 27.49 25.80 1.85
CA LEU C 782 28.15 24.81 2.67
C LEU C 782 27.24 24.12 3.68
N LEU C 783 26.06 24.64 3.97
CA LEU C 783 25.17 23.89 4.84
C LEU C 783 24.62 22.69 4.10
N LEU C 784 24.56 21.56 4.79
CA LEU C 784 23.97 20.39 4.19
C LEU C 784 22.47 20.60 4.07
N SER C 785 21.89 19.95 3.08
CA SER C 785 20.44 19.99 2.92
C SER C 785 20.01 18.69 2.26
N ASP C 786 18.84 18.21 2.66
CA ASP C 786 18.34 16.92 2.20
C ASP C 786 17.14 17.15 1.30
N ASP C 787 17.15 16.52 0.13
CA ASP C 787 16.09 16.68 -0.84
C ASP C 787 15.01 15.63 -0.73
N TYR C 788 15.19 14.65 0.15
CA TYR C 788 14.29 13.50 0.18
C TYR C 788 12.86 13.92 0.46
N SER C 789 12.67 14.80 1.43
CA SER C 789 11.35 15.34 1.74
C SER C 789 11.54 16.59 2.56
N HIS C 790 10.45 17.31 2.78
CA HIS C 790 10.53 18.50 3.61
C HIS C 790 10.83 18.14 5.06
N THR C 791 10.28 17.02 5.52
CA THR C 791 10.58 16.56 6.87
C THR C 791 12.05 16.28 7.06
N ALA C 792 12.62 15.47 6.15
CA ALA C 792 14.02 15.11 6.25
C ALA C 792 14.90 16.34 6.15
N ASN C 793 14.52 17.31 5.33
CA ASN C 793 15.28 18.54 5.28
C ASN C 793 15.27 19.25 6.62
N GLN C 794 14.12 19.27 7.29
CA GLN C 794 14.08 19.93 8.59
C GLN C 794 14.95 19.21 9.60
N LEU C 795 14.95 17.89 9.58
CA LEU C 795 15.83 17.16 10.49
C LEU C 795 17.28 17.46 10.20
N CYS C 796 17.66 17.54 8.92
CA CYS C 796 19.03 17.90 8.59
C CYS C 796 19.38 19.28 9.12
N GLN C 797 18.47 20.23 9.00
CA GLN C 797 18.77 21.57 9.49
C GLN C 797 18.95 21.61 10.99
N PHE C 798 18.06 20.96 11.73
CA PHE C 798 18.18 21.02 13.18
C PHE C 798 19.38 20.24 13.66
N HIS C 799 19.72 19.15 12.99
CA HIS C 799 20.94 18.45 13.34
C HIS C 799 22.13 19.36 13.21
N GLN C 800 22.19 20.15 12.16
CA GLN C 800 23.36 20.99 11.98
C GLN C 800 23.42 22.07 13.05
N ILE C 801 22.28 22.64 13.41
CA ILE C 801 22.28 23.67 14.44
C ILE C 801 22.71 23.09 15.76
N LEU C 802 22.18 21.93 16.13
CA LEU C 802 22.53 21.37 17.42
C LEU C 802 23.97 20.90 17.46
N SER C 803 24.51 20.41 16.35
CA SER C 803 25.90 20.00 16.35
C SER C 803 26.82 21.18 16.52
N LEU C 804 26.48 22.31 15.92
CA LEU C 804 27.29 23.50 16.14
C LEU C 804 27.22 23.96 17.57
N GLN C 805 26.05 23.85 18.20
CA GLN C 805 25.94 24.21 19.61
C GLN C 805 26.74 23.26 20.48
N GLU C 806 26.74 21.98 20.12
CA GLU C 806 27.45 20.95 20.87
C GLU C 806 28.91 21.27 21.06
N ASN C 807 29.57 21.78 20.02
CA ASN C 807 30.97 22.15 20.13
C ASN C 807 31.19 23.47 20.83
N GLY C 808 30.15 24.20 21.15
CA GLY C 808 30.43 25.54 21.57
C GLY C 808 30.81 26.44 20.44
N GLU C 809 30.48 26.07 19.20
CA GLU C 809 30.64 27.00 18.11
C GLU C 809 29.62 28.12 18.20
N LEU C 810 28.42 27.82 18.66
CA LEU C 810 27.38 28.81 18.94
C LEU C 810 27.08 28.85 20.42
N SER C 811 26.88 30.04 20.96
CA SER C 811 26.37 30.14 22.30
C SER C 811 24.95 29.61 22.32
N PRO C 812 24.43 29.23 23.49
CA PRO C 812 23.05 28.76 23.51
C PRO C 812 22.05 29.79 23.05
N LYS C 813 22.34 31.08 23.26
CA LYS C 813 21.45 32.13 22.78
C LYS C 813 21.33 32.12 21.27
N SER C 814 22.46 32.09 20.58
CA SER C 814 22.43 32.05 19.13
C SER C 814 21.81 30.78 18.63
N ALA C 815 22.06 29.67 19.32
CA ALA C 815 21.50 28.40 18.88
C ALA C 815 20.00 28.39 19.01
N GLU C 816 19.45 28.99 20.05
CA GLU C 816 17.99 29.06 20.13
C GLU C 816 17.40 29.96 19.07
N ASN C 817 18.00 31.13 18.83
CA ASN C 817 17.44 31.97 17.78
C ASN C 817 17.47 31.26 16.44
N TRP C 818 18.54 30.56 16.16
CA TRP C 818 18.62 29.86 14.90
C TRP C 818 17.62 28.71 14.85
N CYS C 819 17.47 27.95 15.92
CA CYS C 819 16.47 26.88 15.91
C CYS C 819 15.09 27.43 15.73
N ARG C 820 14.77 28.51 16.46
CA ARG C 820 13.44 29.10 16.37
C ARG C 820 13.14 29.54 14.97
N GLN C 821 14.04 30.32 14.39
CA GLN C 821 13.79 30.84 13.06
C GLN C 821 13.73 29.73 12.02
N GLN C 822 14.37 28.59 12.29
CA GLN C 822 14.11 27.41 11.47
C GLN C 822 12.69 26.93 11.59
N LEU C 823 12.11 26.92 12.79
CA LEU C 823 10.71 26.53 12.89
C LEU C 823 9.82 27.51 12.13
N MET C 824 10.10 28.79 12.25
CA MET C 824 9.31 29.79 11.58
C MET C 824 9.67 29.95 10.11
N GLY C 825 10.28 28.94 9.48
CA GLY C 825 10.48 28.97 8.06
C GLY C 825 11.58 29.87 7.55
N MET C 826 12.74 29.85 8.19
CA MET C 826 13.93 30.55 7.72
C MET C 826 14.19 30.32 6.23
N SER C 827 14.56 31.40 5.56
CA SER C 827 15.02 31.33 4.19
C SER C 827 16.47 30.84 4.14
N ARG C 828 16.78 30.12 3.07
CA ARG C 828 18.04 29.39 2.97
C ARG C 828 19.22 30.35 3.04
N GLU C 829 19.05 31.57 2.56
CA GLU C 829 20.13 32.54 2.61
C GLU C 829 20.33 33.08 4.01
N ARG C 830 19.29 33.14 4.83
CA ARG C 830 19.53 33.56 6.20
C ARG C 830 20.12 32.45 7.05
N SER C 831 19.84 31.19 6.74
CA SER C 831 20.59 30.14 7.38
C SER C 831 22.05 30.23 7.02
N LEU C 832 22.35 30.56 5.79
CA LEU C 832 23.73 30.77 5.43
C LEU C 832 24.33 31.97 6.15
N GLN C 833 23.52 32.99 6.45
CA GLN C 833 24.03 34.05 7.34
C GLN C 833 24.46 33.49 8.67
N GLN C 834 23.60 32.71 9.30
CA GLN C 834 23.88 32.23 10.64
C GLN C 834 25.14 31.38 10.64
N TYR C 835 25.29 30.54 9.63
CA TYR C 835 26.43 29.65 9.57
C TYR C 835 27.71 30.41 9.34
N HIS C 836 27.69 31.41 8.46
CA HIS C 836 28.92 32.12 8.13
C HIS C 836 29.55 32.80 9.33
N GLN C 837 28.79 33.07 10.37
CA GLN C 837 29.40 33.73 11.50
C GLN C 837 30.15 32.77 12.41
N THR C 838 30.03 31.47 12.20
CA THR C 838 30.80 30.54 12.99
C THR C 838 32.21 30.44 12.45
N SER C 839 33.08 29.83 13.24
CA SER C 839 34.40 29.51 12.75
C SER C 839 34.41 28.16 12.05
N ASP C 840 33.39 27.36 12.30
CA ASP C 840 33.26 26.10 11.59
C ASP C 840 33.12 26.35 10.10
N TYR C 841 32.54 27.47 9.72
CA TYR C 841 32.52 27.86 8.32
C TYR C 841 33.93 28.03 7.77
N GLN C 842 34.82 28.65 8.53
CA GLN C 842 36.18 28.78 8.08
C GLN C 842 36.79 27.42 7.84
N SER C 843 36.57 26.49 8.76
CA SER C 843 37.20 25.18 8.61
C SER C 843 36.59 24.40 7.46
N ALA C 844 35.31 24.54 7.21
CA ALA C 844 34.71 23.82 6.09
C ALA C 844 35.21 24.36 4.76
N VAL C 845 35.34 25.68 4.65
CA VAL C 845 35.89 26.26 3.44
C VAL C 845 37.31 25.75 3.19
N ARG C 846 38.13 25.77 4.23
CA ARG C 846 39.50 25.31 4.06
C ARG C 846 39.53 23.83 3.72
N LYS C 847 38.53 23.08 4.15
CA LYS C 847 38.45 21.69 3.74
C LYS C 847 38.26 21.57 2.24
N TYR C 848 37.39 22.38 1.67
CA TYR C 848 37.16 22.25 0.22
C TYR C 848 38.38 22.68 -0.57
N ILE C 849 39.03 23.76 -0.16
CA ILE C 849 40.25 24.16 -0.86
C ILE C 849 41.31 23.09 -0.74
N GLU C 850 41.46 22.48 0.42
CA GLU C 850 42.45 21.45 0.59
C GLU C 850 42.14 20.23 -0.24
N GLN C 851 40.87 19.86 -0.34
CA GLN C 851 40.53 18.72 -1.18
C GLN C 851 40.64 19.03 -2.66
N ALA C 852 40.32 20.25 -3.05
CA ALA C 852 40.38 20.60 -4.46
C ALA C 852 41.80 20.47 -4.97
N VAL C 853 42.75 21.18 -4.37
CA VAL C 853 44.10 21.16 -4.87
C VAL C 853 44.78 19.82 -4.60
N GLY C 854 44.22 18.99 -3.74
CA GLY C 854 44.76 17.65 -3.59
C GLY C 854 44.38 16.76 -4.76
N ARG C 855 43.13 16.85 -5.21
CA ARG C 855 42.65 16.01 -6.29
C ARG C 855 43.41 16.29 -7.58
N ALA C 856 43.83 17.52 -7.80
CA ALA C 856 44.56 17.88 -9.01
C ALA C 856 46.03 17.48 -8.98
N GLY C 857 46.51 16.94 -7.87
CA GLY C 857 47.93 16.69 -7.70
C GLY C 857 48.40 15.27 -7.84
N ARG C 858 47.63 14.40 -8.49
CA ARG C 858 47.91 12.97 -8.42
C ARG C 858 49.21 12.58 -9.12
N THR C 859 49.43 13.09 -10.33
CA THR C 859 50.51 12.53 -11.15
C THR C 859 51.87 13.04 -10.67
N SER C 860 52.92 12.39 -11.12
CA SER C 860 54.28 12.75 -10.76
C SER C 860 55.03 13.52 -11.84
N LEU C 861 54.37 13.93 -12.91
CA LEU C 861 54.99 14.79 -13.93
C LEU C 861 54.30 16.14 -13.93
N LYS C 862 55.07 17.19 -13.68
CA LYS C 862 54.53 18.52 -13.46
C LYS C 862 55.13 19.49 -14.46
N ARG C 863 54.46 20.61 -14.67
CA ARG C 863 55.12 21.73 -15.32
C ARG C 863 56.27 22.23 -14.45
N LYS C 864 57.14 23.02 -15.06
CA LYS C 864 58.02 23.85 -14.24
C LYS C 864 57.21 24.78 -13.36
N GLN C 865 56.18 25.40 -13.94
CA GLN C 865 55.44 26.45 -13.26
C GLN C 865 53.98 26.04 -13.15
N ILE C 866 53.45 26.07 -11.92
CA ILE C 866 52.04 25.83 -11.65
C ILE C 866 51.42 27.14 -11.19
N LEU C 867 50.28 27.49 -11.78
CA LEU C 867 49.60 28.74 -11.49
C LEU C 867 48.38 28.46 -10.64
N LEU C 868 48.23 29.18 -9.54
CA LEU C 868 47.11 29.01 -8.64
C LEU C 868 46.43 30.34 -8.46
N PHE C 869 45.23 30.49 -9.02
CA PHE C 869 44.47 31.72 -8.90
C PHE C 869 43.32 31.53 -7.95
N VAL C 870 43.28 32.33 -6.90
CA VAL C 870 42.36 32.14 -5.80
C VAL C 870 41.51 33.38 -5.68
N ASP C 871 40.21 33.19 -5.52
CA ASP C 871 39.31 34.30 -5.27
C ASP C 871 39.80 35.05 -4.04
N SER C 872 39.78 36.37 -4.11
CA SER C 872 40.31 37.18 -3.03
C SER C 872 39.53 37.03 -1.74
N GLY C 873 38.28 36.60 -1.82
CA GLY C 873 37.53 36.32 -0.62
C GLY C 873 38.16 35.23 0.21
N LEU C 874 38.81 34.28 -0.45
CA LEU C 874 39.46 33.19 0.26
C LEU C 874 40.73 33.60 0.95
N LYS C 875 41.21 34.82 0.72
CA LYS C 875 42.50 35.21 1.24
C LYS C 875 42.52 35.21 2.75
N GLU C 876 41.50 35.80 3.36
CA GLU C 876 41.47 35.85 4.83
C GLU C 876 41.18 34.49 5.43
N ILE C 877 40.26 33.74 4.84
CA ILE C 877 39.92 32.43 5.37
C ILE C 877 41.12 31.52 5.35
N LEU C 878 41.89 31.56 4.27
CA LEU C 878 43.09 30.74 4.20
C LEU C 878 44.18 31.28 5.11
N ALA C 879 44.22 32.60 5.29
CA ALA C 879 45.21 33.18 6.17
C ALA C 879 45.07 32.65 7.59
N GLU C 880 43.86 32.30 8.00
CA GLU C 880 43.64 31.87 9.37
C GLU C 880 44.11 30.45 9.62
N GLU C 881 44.54 29.73 8.58
CA GLU C 881 44.93 28.35 8.76
C GLU C 881 46.09 28.23 9.74
N SER C 882 45.94 27.36 10.71
CA SER C 882 46.93 27.29 11.77
C SER C 882 47.30 25.88 12.18
N ARG C 883 46.72 24.84 11.60
CA ARG C 883 47.03 23.48 11.98
C ARG C 883 48.49 23.14 11.71
N ASP C 884 48.91 21.99 12.20
CA ASP C 884 50.24 21.50 11.94
C ASP C 884 50.35 21.22 10.45
N PRO C 885 51.23 21.90 9.72
CA PRO C 885 51.26 21.74 8.26
C PRO C 885 51.99 20.52 7.77
N SER C 886 52.40 19.61 8.66
CA SER C 886 53.29 18.54 8.24
C SER C 886 52.68 17.57 7.24
N LEU C 887 51.36 17.48 7.17
CA LEU C 887 50.74 16.56 6.23
C LEU C 887 50.05 17.27 5.09
N PHE C 888 50.17 18.59 5.00
CA PHE C 888 49.48 19.28 3.93
C PHE C 888 50.07 18.92 2.57
N SER C 889 49.31 19.23 1.54
CA SER C 889 49.83 19.16 0.19
C SER C 889 50.66 20.40 -0.08
N HIS C 890 51.58 20.26 -1.04
CA HIS C 890 52.46 21.38 -1.35
C HIS C 890 51.70 22.56 -1.92
N GLU C 891 50.67 22.28 -2.71
CA GLU C 891 49.85 23.35 -3.28
C GLU C 891 49.13 24.12 -2.18
N TYR C 892 48.55 23.39 -1.22
CA TYR C 892 47.86 24.05 -0.13
C TYR C 892 48.81 24.90 0.70
N VAL C 893 50.00 24.38 0.99
CA VAL C 893 50.97 25.16 1.73
C VAL C 893 51.32 26.43 0.97
N ALA C 894 51.42 26.33 -0.35
CA ALA C 894 51.65 27.52 -1.15
C ALA C 894 50.51 28.51 -0.99
N LEU C 895 49.27 28.02 -1.00
CA LEU C 895 48.11 28.90 -0.86
C LEU C 895 48.12 29.62 0.47
N VAL C 896 48.38 28.88 1.54
CA VAL C 896 48.41 29.49 2.86
C VAL C 896 49.53 30.51 2.95
N ASN C 897 50.72 30.14 2.48
CA ASN C 897 51.87 31.01 2.67
C ASN C 897 51.76 32.27 1.82
N LYS C 898 51.11 32.19 0.66
CA LYS C 898 50.84 33.40 -0.08
C LYS C 898 49.81 34.28 0.64
N ALA C 899 48.76 33.66 1.19
CA ALA C 899 47.72 34.45 1.85
C ALA C 899 48.25 35.08 3.13
N LYS C 900 48.95 34.32 3.95
CA LYS C 900 49.52 34.89 5.18
C LYS C 900 50.56 35.96 4.91
N SER C 901 51.14 35.99 3.70
CA SER C 901 52.15 36.98 3.37
C SER C 901 51.63 38.39 3.44
N ALA C 902 50.31 38.58 3.35
CA ALA C 902 49.72 39.89 3.58
C ALA C 902 49.85 40.23 5.06
N ARG C 910 40.64 30.79 18.85
CA ARG C 910 39.19 30.74 18.91
C ARG C 910 38.76 29.69 19.89
N ALA C 911 39.73 28.95 20.44
CA ALA C 911 39.41 28.07 21.53
C ALA C 911 38.87 28.84 22.72
N VAL C 912 39.23 30.11 22.86
CA VAL C 912 38.69 30.93 23.92
C VAL C 912 37.20 31.17 23.72
N ARG C 913 36.81 31.62 22.53
CA ARG C 913 35.41 31.74 22.18
C ARG C 913 34.67 30.44 22.41
N ARG C 914 35.27 29.35 21.97
CA ARG C 914 34.66 28.04 22.09
C ARG C 914 34.45 27.70 23.55
N LEU C 915 35.42 28.05 24.38
CA LEU C 915 35.37 27.69 25.79
C LEU C 915 34.30 28.50 26.51
N PHE C 916 34.15 29.75 26.12
CA PHE C 916 33.13 30.61 26.71
C PHE C 916 31.73 30.09 26.41
N ASN C 917 31.50 29.68 25.16
CA ASN C 917 30.21 29.15 24.77
C ASN C 917 29.91 27.84 25.48
N LEU C 918 30.91 26.98 25.62
CA LEU C 918 30.66 25.73 26.31
C LEU C 918 30.35 25.97 27.77
N ALA C 919 30.92 27.01 28.36
CA ALA C 919 30.57 27.35 29.72
C ALA C 919 29.10 27.67 29.85
N GLN C 920 28.58 28.47 28.93
CA GLN C 920 27.15 28.79 29.00
C GLN C 920 26.29 27.56 28.75
N ARG C 921 26.68 26.72 27.80
CA ARG C 921 25.93 25.49 27.54
C ARG C 921 25.88 24.58 28.76
N ASN C 922 27.03 24.36 29.40
CA ASN C 922 27.02 23.50 30.58
C ASN C 922 26.19 24.12 31.70
N ASN C 923 26.29 25.42 31.88
CA ASN C 923 25.46 26.07 32.87
C ASN C 923 23.98 25.95 32.55
N LYS C 924 23.61 26.18 31.30
CA LYS C 924 22.21 26.08 30.91
C LYS C 924 21.69 24.68 31.12
N ASP C 925 22.49 23.68 30.78
CA ASP C 925 22.02 22.32 30.93
C ASP C 925 21.89 21.94 32.39
N GLY C 926 22.85 22.33 33.21
CA GLY C 926 22.70 22.10 34.63
C GLY C 926 21.44 22.74 35.17
N MET C 927 21.18 23.96 34.75
CA MET C 927 20.12 24.71 35.39
C MET C 927 18.74 24.20 35.00
N LEU C 928 18.52 23.88 33.74
CA LEU C 928 17.22 23.33 33.43
C LEU C 928 17.08 21.89 33.89
N SER C 929 18.16 21.12 33.96
CA SER C 929 18.03 19.76 34.44
C SER C 929 17.73 19.72 35.93
N ILE C 930 18.37 20.58 36.71
CA ILE C 930 18.05 20.64 38.13
C ILE C 930 16.62 21.09 38.34
N LYS C 931 16.15 22.07 37.57
CA LYS C 931 14.76 22.47 37.72
C LYS C 931 13.82 21.30 37.47
N ALA C 932 14.05 20.55 36.41
CA ALA C 932 13.18 19.41 36.13
C ALA C 932 13.26 18.37 37.24
N LEU C 933 14.48 18.09 37.69
CA LEU C 933 14.67 17.06 38.71
C LEU C 933 13.98 17.45 40.02
N VAL C 934 14.22 18.68 40.48
CA VAL C 934 13.62 19.11 41.74
C VAL C 934 12.12 19.12 41.64
N HIS C 935 11.58 19.57 40.51
CA HIS C 935 10.14 19.49 40.30
C HIS C 935 9.64 18.06 40.38
N ARG C 936 10.39 17.11 39.83
CA ARG C 936 9.94 15.72 39.93
C ARG C 936 10.04 15.20 41.36
N LEU C 937 10.95 15.75 42.17
CA LEU C 937 10.96 15.38 43.57
C LEU C 937 9.72 15.90 44.28
N HIS C 938 9.28 17.10 43.93
CA HIS C 938 8.01 17.58 44.44
C HIS C 938 6.82 16.92 43.79
N ASN C 939 7.00 16.23 42.65
CA ASN C 939 5.92 15.51 42.00
C ASN C 939 5.66 14.30 42.89
N GLN C 940 4.94 14.58 43.97
CA GLN C 940 4.89 13.70 45.11
C GLN C 940 4.08 12.46 44.72
N PRO C 941 4.58 11.25 44.94
CA PRO C 941 5.85 10.76 45.48
C PRO C 941 7.05 10.74 44.53
N ALA C 942 8.22 10.96 45.11
CA ALA C 942 9.47 10.84 44.37
C ALA C 942 9.74 9.39 43.99
N SER C 943 10.16 9.18 42.75
CA SER C 943 10.60 7.87 42.33
C SER C 943 11.94 7.54 42.96
N LYS C 944 12.26 6.25 42.98
CA LYS C 944 13.56 5.84 43.49
C LYS C 944 14.70 6.40 42.66
N SER C 945 14.55 6.38 41.33
CA SER C 945 15.63 6.82 40.46
C SER C 945 15.96 8.29 40.67
N ASP C 946 14.93 9.12 40.79
CA ASP C 946 15.15 10.53 41.05
C ASP C 946 15.86 10.75 42.38
N ILE C 947 15.43 10.01 43.41
CA ILE C 947 16.05 10.13 44.72
C ILE C 947 17.52 9.78 44.63
N GLN C 948 17.82 8.66 43.97
CA GLN C 948 19.20 8.21 43.88
C GLN C 948 20.04 9.19 43.07
N GLU C 949 19.48 9.69 41.97
CA GLU C 949 20.24 10.62 41.14
C GLU C 949 20.53 11.90 41.90
N TRP C 950 19.59 12.33 42.75
CA TRP C 950 19.84 13.49 43.60
C TRP C 950 21.02 13.23 44.53
N GLN C 951 21.03 12.08 45.20
CA GLN C 951 22.15 11.80 46.09
C GLN C 951 23.45 11.62 45.32
N ASP C 952 23.36 11.12 44.09
CA ASP C 952 24.57 10.92 43.28
C ASP C 952 25.18 12.24 42.89
N ILE C 953 24.36 13.18 42.44
CA ILE C 953 24.85 14.51 42.11
C ILE C 953 25.51 15.13 43.31
N ARG C 954 24.86 15.04 44.46
CA ARG C 954 25.42 15.64 45.67
C ARG C 954 26.74 14.98 46.05
N THR C 955 26.79 13.66 46.01
CA THR C 955 28.01 12.96 46.38
C THR C 955 29.15 13.32 45.45
N GLN C 956 28.88 13.38 44.15
CA GLN C 956 29.89 13.76 43.18
C GLN C 956 30.43 15.15 43.46
N LEU C 957 29.53 16.10 43.72
CA LEU C 957 30.00 17.46 43.96
C LEU C 957 30.79 17.55 45.24
N LEU C 958 30.40 16.79 46.25
CA LEU C 958 31.14 16.82 47.50
C LEU C 958 32.52 16.21 47.34
N ARG C 959 32.61 15.08 46.65
CA ARG C 959 33.89 14.41 46.56
C ARG C 959 34.82 15.10 45.57
N TYR C 960 34.25 15.63 44.49
CA TYR C 960 35.05 16.17 43.39
C TYR C 960 34.54 17.57 43.05
N PRO C 961 34.80 18.55 43.90
CA PRO C 961 34.47 19.92 43.52
C PRO C 961 35.24 20.38 42.32
N THR C 962 36.44 19.87 42.09
CA THR C 962 37.14 20.09 40.84
C THR C 962 37.74 18.77 40.40
N VAL C 963 37.96 18.63 39.09
CA VAL C 963 38.61 17.43 38.55
C VAL C 963 39.58 17.87 37.48
N ALA C 964 40.60 17.05 37.25
CA ALA C 964 41.59 17.37 36.24
C ALA C 964 41.07 17.13 34.83
N PHE C 965 40.22 16.14 34.66
CA PHE C 965 39.63 15.86 33.35
C PHE C 965 38.14 15.72 33.53
N GLN C 966 37.38 16.21 32.57
CA GLN C 966 35.94 16.19 32.73
C GLN C 966 35.50 14.73 32.71
N PRO C 967 34.92 14.23 33.78
CA PRO C 967 34.68 12.80 33.88
C PRO C 967 33.58 12.41 32.92
N GLU C 968 33.67 11.19 32.41
CA GLU C 968 32.64 10.71 31.50
C GLU C 968 31.27 10.80 32.13
N ARG C 969 31.12 10.29 33.36
CA ARG C 969 29.79 10.12 33.90
C ARG C 969 29.13 11.42 34.36
N PHE C 970 29.90 12.43 34.75
CA PHE C 970 29.26 13.68 35.14
C PHE C 970 29.78 14.83 34.31
N ASN C 971 29.72 14.67 32.99
CA ASN C 971 30.46 15.53 32.09
C ASN C 971 30.01 16.96 32.14
N ARG C 972 28.77 17.23 32.50
CA ARG C 972 28.39 18.62 32.56
C ARG C 972 27.63 18.94 33.83
N LEU C 973 28.20 18.51 34.94
CA LEU C 973 28.11 19.26 36.17
C LEU C 973 29.15 20.35 36.17
N TYR C 974 30.26 20.11 35.50
CA TYR C 974 31.43 20.97 35.50
C TYR C 974 31.49 21.83 34.26
N LEU C 975 32.25 22.92 34.37
CA LEU C 975 32.63 23.71 33.22
C LEU C 975 34.13 23.93 33.25
N GLN C 976 34.72 24.06 32.08
CA GLN C 976 36.15 24.28 31.99
C GLN C 976 36.47 25.75 32.15
N SER C 977 37.37 26.07 33.06
CA SER C 977 37.73 27.45 33.34
C SER C 977 38.96 27.87 32.56
N MET C 978 39.07 29.17 32.33
CA MET C 978 40.35 29.69 31.87
C MET C 978 41.29 29.98 33.02
N THR C 979 40.89 29.72 34.25
CA THR C 979 41.76 29.93 35.38
C THR C 979 41.52 28.81 36.38
N LYS C 980 42.57 28.11 36.76
CA LYS C 980 42.37 26.87 37.51
C LYS C 980 41.88 27.14 38.92
N GLY C 981 40.95 26.29 39.36
CA GLY C 981 40.46 26.31 40.72
C GLY C 981 39.37 27.30 41.03
N TYR C 982 39.19 28.34 40.23
CA TYR C 982 38.15 29.32 40.50
C TYR C 982 37.87 30.10 39.22
N TYR C 983 36.70 30.71 39.16
CA TYR C 983 36.33 31.52 38.01
C TYR C 983 35.22 32.48 38.40
N ARG C 984 35.03 33.48 37.56
CA ARG C 984 33.99 34.46 37.78
C ARG C 984 32.86 34.28 36.80
N TYR C 985 31.66 34.59 37.26
CA TYR C 985 30.49 34.49 36.39
C TYR C 985 29.53 35.60 36.77
N GLN C 986 28.60 35.85 35.88
CA GLN C 986 27.52 36.77 36.17
C GLN C 986 26.26 36.26 35.52
N GLY C 987 25.16 36.38 36.24
CA GLY C 987 23.89 35.92 35.72
C GLY C 987 22.89 35.79 36.83
N ASN C 988 21.65 35.58 36.44
CA ASN C 988 20.57 35.41 37.38
C ASN C 988 20.24 33.93 37.43
N LEU C 989 20.50 33.30 38.58
CA LEU C 989 20.25 31.87 38.70
C LEU C 989 18.77 31.52 38.65
N ASP C 990 17.90 32.47 38.93
CA ASP C 990 16.49 32.26 38.66
C ASP C 990 16.12 32.73 37.27
N GLY C 991 17.01 33.45 36.61
CA GLY C 991 16.69 34.18 35.41
C GLY C 991 16.96 33.39 34.16
N ASP C 992 17.23 34.11 33.10
CA ASP C 992 17.33 33.48 31.80
C ASP C 992 18.67 32.77 31.75
N PRO C 993 18.70 31.47 31.48
CA PRO C 993 19.98 30.79 31.32
C PRO C 993 20.81 31.27 30.15
N ASN C 994 20.22 31.88 29.14
CA ASN C 994 21.00 32.34 28.00
C ASN C 994 21.83 33.56 28.32
N SER C 995 21.56 34.25 29.42
CA SER C 995 22.19 35.53 29.67
C SER C 995 23.48 35.46 30.47
N PHE C 996 23.88 34.31 30.96
CA PHE C 996 25.08 34.22 31.78
C PHE C 996 26.31 34.64 31.01
N GLU C 997 27.26 35.26 31.70
CA GLU C 997 28.55 35.57 31.13
C GLU C 997 29.64 35.22 32.13
N PHE C 998 30.81 34.89 31.61
CA PHE C 998 31.84 34.25 32.41
C PHE C 998 33.17 34.96 32.27
N PHE C 999 34.23 34.18 32.38
CA PHE C 999 35.51 34.45 33.02
C PHE C 999 35.97 35.89 32.79
N ASP C 1000 36.33 36.27 31.56
CA ASP C 1000 36.93 37.58 31.34
C ASP C 1000 35.87 38.65 31.15
N ARG C 1001 34.77 38.29 30.51
CA ARG C 1001 33.75 39.27 30.18
C ARG C 1001 33.02 39.77 31.41
N VAL C 1002 33.27 39.13 32.55
CA VAL C 1002 32.77 39.60 33.84
C VAL C 1002 33.98 39.70 34.78
N PRO C 1003 34.80 40.74 34.66
CA PRO C 1003 35.89 40.89 35.63
C PRO C 1003 35.39 41.14 37.02
N TYR C 1004 34.22 41.76 37.15
CA TYR C 1004 33.56 41.99 38.43
C TYR C 1004 32.21 41.32 38.40
N GLY C 1005 32.01 40.40 39.32
CA GLY C 1005 30.80 39.60 39.36
C GLY C 1005 30.97 38.54 40.42
N ASP C 1006 30.12 37.54 40.36
CA ASP C 1006 30.27 36.53 41.38
C ASP C 1006 31.52 35.71 41.11
N MET C 1007 32.00 35.03 42.14
CA MET C 1007 33.11 34.13 42.00
C MET C 1007 32.76 32.81 42.62
N VAL C 1008 33.03 31.74 41.90
CA VAL C 1008 32.94 30.39 42.43
C VAL C 1008 34.35 29.99 42.79
N SER C 1009 34.58 29.65 44.05
CA SER C 1009 35.92 29.35 44.51
C SER C 1009 35.81 28.57 45.80
N GLU C 1010 36.94 28.01 46.22
CA GLU C 1010 37.01 27.39 47.53
C GLU C 1010 36.65 28.38 48.62
N GLU C 1011 36.97 29.64 48.41
CA GLU C 1011 36.80 30.64 49.46
C GLU C 1011 35.36 31.08 49.60
N ASP C 1012 34.64 31.21 48.49
CA ASP C 1012 33.28 31.72 48.58
C ASP C 1012 32.30 30.74 49.21
N CYS C 1013 32.68 29.50 49.46
CA CYS C 1013 31.83 28.58 50.19
C CYS C 1013 32.29 28.38 51.62
N SER C 1014 33.34 29.09 52.03
CA SER C 1014 33.88 29.04 53.38
C SER C 1014 34.28 27.63 53.79
N LEU C 1015 34.70 26.82 52.83
CA LEU C 1015 34.99 25.43 53.12
C LEU C 1015 36.18 25.29 54.05
N ALA C 1016 37.25 26.04 53.78
CA ALA C 1016 38.46 25.94 54.59
C ALA C 1016 38.22 26.37 56.02
N THR C 1017 37.30 27.31 56.23
CA THR C 1017 36.86 27.62 57.58
C THR C 1017 36.12 26.43 58.17
N LEU C 1018 35.27 25.80 57.35
CA LEU C 1018 34.37 24.79 57.87
C LEU C 1018 35.11 23.57 58.40
N VAL C 1019 36.11 23.07 57.67
CA VAL C 1019 36.72 21.78 57.99
C VAL C 1019 37.57 21.84 59.25
N GLN C 1020 37.81 23.04 59.77
CA GLN C 1020 38.64 23.15 60.96
C GLN C 1020 37.91 22.63 62.20
N ASN C 1021 36.58 22.55 62.14
CA ASN C 1021 35.82 22.03 63.26
C ASN C 1021 36.17 20.57 63.55
N GLN C 1022 36.37 20.27 64.83
CA GLN C 1022 36.86 18.96 65.24
C GLN C 1022 35.85 17.85 64.98
N TYR C 1023 34.59 18.18 64.73
CA TYR C 1023 33.62 17.14 64.41
C TYR C 1023 33.44 16.93 62.93
N VAL C 1024 33.42 18.00 62.14
CA VAL C 1024 33.10 17.85 60.72
C VAL C 1024 34.25 17.16 59.99
N ARG C 1025 35.49 17.50 60.33
CA ARG C 1025 36.63 16.96 59.57
C ARG C 1025 36.73 15.45 59.64
N PRO C 1026 36.58 14.79 60.79
CA PRO C 1026 36.47 13.32 60.74
C PRO C 1026 35.34 12.85 59.86
N TRP C 1027 34.21 13.56 59.87
CA TRP C 1027 33.07 13.14 59.06
C TRP C 1027 33.40 13.18 57.58
N PHE C 1028 33.98 14.28 57.12
CA PHE C 1028 34.36 14.38 55.72
C PHE C 1028 35.41 13.35 55.35
N GLU C 1029 36.43 13.22 56.18
CA GLU C 1029 37.54 12.34 55.82
C GLU C 1029 37.11 10.88 55.84
N ARG C 1030 36.15 10.52 56.68
CA ARG C 1030 35.51 9.22 56.56
C ARG C 1030 34.73 9.13 55.26
N LYS C 1031 33.95 10.17 54.96
CA LYS C 1031 33.17 10.18 53.74
C LYS C 1031 34.05 10.41 52.51
N GLY C 1032 35.27 10.87 52.71
CA GLY C 1032 36.14 11.13 51.58
C GLY C 1032 35.81 12.38 50.81
N PHE C 1033 34.96 13.25 51.35
CA PHE C 1033 34.69 14.51 50.68
C PHE C 1033 35.98 15.31 50.62
N ALA C 1034 36.15 16.06 49.55
CA ALA C 1034 37.37 16.85 49.43
C ALA C 1034 37.30 18.01 50.41
N CYS C 1035 38.21 18.00 51.38
CA CYS C 1035 38.26 19.10 52.33
C CYS C 1035 38.89 20.35 51.73
N SER C 1036 39.47 20.25 50.54
CA SER C 1036 40.01 21.43 49.87
C SER C 1036 39.89 21.23 48.37
N TRP C 1037 39.73 22.33 47.66
CA TRP C 1037 39.55 22.27 46.22
C TRP C 1037 40.87 22.15 45.50
N GLN C 1038 41.01 21.09 44.69
CA GLN C 1038 42.16 20.96 43.82
C GLN C 1038 42.14 22.07 42.78
N LYS C 1039 43.29 22.67 42.52
CA LYS C 1039 43.37 23.76 41.55
C LYS C 1039 43.44 23.20 40.13
N GLU C 1040 42.31 22.68 39.67
CA GLU C 1040 42.22 22.05 38.36
C GLU C 1040 41.51 22.98 37.38
N ALA C 1041 41.49 22.57 36.11
CA ALA C 1041 40.82 23.37 35.09
C ALA C 1041 39.32 23.18 35.12
N ASN C 1042 38.82 21.97 35.34
CA ASN C 1042 37.40 21.72 35.30
C ASN C 1042 36.81 21.98 36.67
N VAL C 1043 35.87 22.91 36.72
CA VAL C 1043 35.29 23.38 37.97
C VAL C 1043 33.79 23.29 37.82
N MET C 1044 33.12 23.09 38.94
CA MET C 1044 31.68 22.92 38.96
C MET C 1044 30.94 24.20 38.55
N THR C 1045 29.83 24.02 37.83
CA THR C 1045 29.13 25.13 37.21
C THR C 1045 28.43 25.98 38.26
N PRO C 1046 28.12 27.23 37.94
CA PRO C 1046 27.54 28.10 38.96
C PRO C 1046 26.23 27.62 39.53
N ILE C 1047 25.34 27.04 38.72
CA ILE C 1047 24.10 26.53 39.28
C ILE C 1047 24.37 25.42 40.25
N MET C 1048 25.36 24.58 39.97
CA MET C 1048 25.71 23.54 40.92
C MET C 1048 26.27 24.14 42.18
N PHE C 1049 27.06 25.21 42.03
CA PHE C 1049 27.70 25.81 43.19
C PHE C 1049 26.70 26.44 44.13
N THR C 1050 25.80 27.24 43.60
CA THR C 1050 24.86 27.91 44.48
C THR C 1050 23.77 26.98 44.97
N ASN C 1051 23.17 26.20 44.08
CA ASN C 1051 22.04 25.42 44.57
C ASN C 1051 22.48 24.19 45.31
N ILE C 1052 23.34 23.37 44.69
CA ILE C 1052 23.57 22.04 45.24
C ILE C 1052 24.68 22.04 46.25
N TYR C 1053 25.84 22.56 45.87
CA TYR C 1053 27.04 22.26 46.64
C TYR C 1053 27.00 22.89 48.00
N LYS C 1054 26.64 24.16 48.09
CA LYS C 1054 26.52 24.80 49.40
C LYS C 1054 25.49 24.10 50.26
N GLY C 1055 24.33 23.80 49.69
CA GLY C 1055 23.26 23.17 50.45
C GLY C 1055 23.67 21.82 50.99
N ALA C 1056 24.22 20.98 50.12
CA ALA C 1056 24.69 19.67 50.55
C ALA C 1056 25.82 19.80 51.54
N LEU C 1057 26.70 20.79 51.34
CA LEU C 1057 27.82 20.97 52.24
C LEU C 1057 27.34 21.34 53.63
N GLY C 1058 26.35 22.22 53.71
CA GLY C 1058 25.78 22.57 54.99
C GLY C 1058 25.12 21.39 55.66
N GLU C 1059 24.35 20.62 54.91
CA GLU C 1059 23.68 19.47 55.48
C GLU C 1059 24.67 18.45 56.01
N GLN C 1060 25.77 18.24 55.30
CA GLN C 1060 26.78 17.32 55.81
C GLN C 1060 27.43 17.86 57.07
N ALA C 1061 27.65 19.18 57.13
CA ALA C 1061 28.24 19.75 58.33
C ALA C 1061 27.32 19.60 59.53
N VAL C 1062 26.03 19.88 59.35
CA VAL C 1062 25.11 19.81 60.48
C VAL C 1062 24.98 18.38 60.97
N GLU C 1063 24.93 17.41 60.05
CA GLU C 1063 24.93 16.02 60.48
C GLU C 1063 26.23 15.67 61.18
N ALA C 1064 27.34 16.22 60.69
CA ALA C 1064 28.64 15.92 61.27
C ALA C 1064 28.70 16.32 62.73
N VAL C 1065 28.37 17.57 63.04
CA VAL C 1065 28.43 18.04 64.41
C VAL C 1065 27.41 17.32 65.28
N LEU C 1066 26.16 17.31 64.83
CA LEU C 1066 25.09 16.86 65.69
C LEU C 1066 25.16 15.38 66.00
N THR C 1067 25.79 14.59 65.14
CA THR C 1067 25.77 13.15 65.34
C THR C 1067 26.47 12.75 66.63
N ALA C 1068 27.56 13.43 66.99
CA ALA C 1068 28.28 13.06 68.19
C ALA C 1068 27.52 13.44 69.46
N PHE C 1069 26.45 14.21 69.34
CA PHE C 1069 25.54 14.43 70.45
C PHE C 1069 24.32 13.55 70.30
N ASP C 1070 24.55 12.31 69.88
CA ASP C 1070 23.57 11.23 69.83
C ASP C 1070 22.42 11.50 68.88
N PHE C 1071 22.47 12.57 68.11
CA PHE C 1071 21.42 12.77 67.11
C PHE C 1071 21.61 11.74 66.02
N THR C 1072 20.55 10.99 65.74
CA THR C 1072 20.61 9.94 64.74
C THR C 1072 19.72 10.34 63.59
N PHE C 1073 20.27 10.22 62.39
CA PHE C 1073 19.66 10.82 61.21
C PHE C 1073 19.19 9.73 60.27
N GLU C 1074 18.00 9.89 59.74
CA GLU C 1074 17.45 8.95 58.80
C GLU C 1074 16.83 9.69 57.64
N GLU C 1075 16.74 8.97 56.53
CA GLU C 1075 16.34 9.54 55.26
C GLU C 1075 14.89 9.99 55.32
N VAL C 1076 14.61 11.18 54.81
CA VAL C 1076 13.25 11.72 54.84
C VAL C 1076 12.34 10.86 53.98
N PRO C 1077 11.22 10.37 54.50
CA PRO C 1077 10.39 9.42 53.75
C PRO C 1077 9.92 9.97 52.42
N ASN C 1078 9.73 9.05 51.48
CA ASN C 1078 9.55 9.41 50.07
C ASN C 1078 8.28 10.19 49.84
N SER C 1079 7.37 10.18 50.82
CA SER C 1079 6.14 10.96 50.76
C SER C 1079 6.35 12.45 51.02
N ILE C 1080 7.53 12.87 51.48
CA ILE C 1080 7.84 14.28 51.67
C ILE C 1080 9.25 14.62 51.20
N TYR C 1081 9.75 13.93 50.18
CA TYR C 1081 11.19 13.91 49.96
C TYR C 1081 11.74 15.27 49.57
N GLU C 1082 12.85 15.65 50.21
CA GLU C 1082 13.56 16.93 50.19
C GLU C 1082 12.62 18.12 50.41
N ARG C 1083 11.39 17.89 50.87
CA ARG C 1083 10.62 18.97 51.42
C ARG C 1083 11.32 19.48 52.68
N PHE C 1084 12.03 18.57 53.35
CA PHE C 1084 12.98 18.85 54.42
C PHE C 1084 14.26 18.10 54.14
N ASP C 1085 15.23 18.29 55.04
CA ASP C 1085 16.54 17.69 54.85
C ASP C 1085 16.63 16.29 55.46
N ASN C 1086 16.39 16.17 56.76
CA ASN C 1086 16.60 14.90 57.42
C ASN C 1086 15.57 14.71 58.52
N ARG C 1087 15.04 13.49 58.59
CA ARG C 1087 14.29 13.08 59.77
C ARG C 1087 15.29 12.57 60.79
N VAL C 1088 15.02 12.86 62.06
CA VAL C 1088 16.04 12.74 63.09
C VAL C 1088 15.45 12.07 64.31
N ILE C 1089 16.27 11.29 64.99
CA ILE C 1089 15.90 10.64 66.24
C ILE C 1089 17.02 10.90 67.24
N PHE C 1090 16.74 11.72 68.24
CA PHE C 1090 17.61 11.85 69.39
C PHE C 1090 17.27 10.86 70.48
N ALA C 1091 18.25 10.02 70.83
CA ALA C 1091 18.27 9.26 72.08
C ALA C 1091 16.98 8.48 72.32
N GLY C 1092 16.32 8.07 71.24
CA GLY C 1092 15.10 7.31 71.36
C GLY C 1092 13.87 8.09 71.71
N ILE C 1093 13.91 9.43 71.63
CA ILE C 1093 12.68 10.20 71.78
C ILE C 1093 11.76 9.89 70.62
N GLU C 1094 10.51 9.57 70.92
CA GLU C 1094 9.63 8.93 69.96
C GLU C 1094 8.97 9.89 68.99
N GLN C 1095 8.82 11.15 69.35
CA GLN C 1095 8.13 12.09 68.49
C GLN C 1095 8.99 12.43 67.26
N PRO C 1096 8.36 12.76 66.12
CA PRO C 1096 9.13 13.03 64.90
C PRO C 1096 9.90 14.35 64.98
N ILE C 1097 11.09 14.34 64.38
CA ILE C 1097 12.00 15.49 64.37
C ILE C 1097 12.40 15.77 62.94
N TRP C 1098 12.46 17.05 62.57
CA TRP C 1098 12.76 17.43 61.19
C TRP C 1098 13.78 18.55 61.12
N LEU C 1099 14.69 18.44 60.15
CA LEU C 1099 15.68 19.45 59.82
C LEU C 1099 15.50 20.04 58.43
N ASP C 1100 15.63 21.36 58.36
CA ASP C 1100 15.92 22.08 57.13
C ASP C 1100 17.16 22.89 57.41
N SER C 1101 18.12 22.88 56.50
CA SER C 1101 19.39 23.57 56.69
C SER C 1101 19.59 24.63 55.61
N LYS C 1102 20.21 25.73 56.00
CA LYS C 1102 20.71 26.74 55.05
C LYS C 1102 22.23 26.65 54.90
N SER C 1112 6.48 32.92 56.09
CA SER C 1112 6.40 32.07 57.28
C SER C 1112 5.14 31.22 57.26
N GLU C 1113 4.09 31.73 56.63
CA GLU C 1113 2.86 30.97 56.49
C GLU C 1113 2.97 29.89 55.42
N GLY C 1114 3.74 30.14 54.36
CA GLY C 1114 4.03 29.06 53.43
C GLY C 1114 4.84 27.95 54.09
N TYR C 1115 5.86 28.33 54.84
CA TYR C 1115 6.62 27.33 55.61
C TYR C 1115 5.72 26.64 56.62
N SER C 1116 4.77 27.37 57.19
CA SER C 1116 3.74 26.76 58.02
C SER C 1116 2.90 25.78 57.20
N SER C 1117 2.70 26.06 55.92
CA SER C 1117 1.96 25.11 55.10
C SER C 1117 2.74 23.82 54.92
N LYS C 1118 4.05 23.92 54.72
CA LYS C 1118 4.83 22.69 54.72
C LYS C 1118 4.77 21.98 56.07
N ILE C 1119 4.86 22.76 57.16
CA ILE C 1119 4.77 22.22 58.51
C ILE C 1119 3.47 21.46 58.69
N ALA C 1120 2.36 22.07 58.30
CA ALA C 1120 1.05 21.45 58.43
C ALA C 1120 0.94 20.24 57.53
N LEU C 1121 1.54 20.31 56.34
CA LEU C 1121 1.55 19.15 55.43
C LEU C 1121 2.26 17.97 56.08
N VAL C 1122 3.36 18.24 56.77
CA VAL C 1122 4.08 17.17 57.47
C VAL C 1122 3.25 16.63 58.61
N GLU C 1123 2.74 17.53 59.47
CA GLU C 1123 2.00 17.08 60.65
C GLU C 1123 0.67 16.46 60.27
N GLU C 1124 0.21 16.69 59.04
CA GLU C 1124 -1.00 15.99 58.59
C GLU C 1124 -0.74 14.49 58.48
N GLU C 1125 0.46 14.10 58.07
CA GLU C 1125 0.77 12.69 57.78
C GLU C 1125 1.80 12.05 58.70
N PHE C 1126 2.45 12.81 59.58
CA PHE C 1126 3.11 12.23 60.74
C PHE C 1126 2.69 12.83 62.07
N GLY C 1127 1.64 13.66 62.11
CA GLY C 1127 1.15 14.15 63.37
C GLY C 1127 2.08 15.19 63.95
N PRO C 1128 1.86 15.57 65.21
CA PRO C 1128 2.69 16.59 65.84
C PRO C 1128 4.18 16.27 65.77
N SER C 1129 4.96 17.27 65.34
CA SER C 1129 6.35 17.05 64.97
C SER C 1129 7.18 18.26 65.36
N LYS C 1130 8.49 18.04 65.46
CA LYS C 1130 9.43 19.05 65.92
C LYS C 1130 10.30 19.49 64.76
N PHE C 1131 10.35 20.80 64.50
CA PHE C 1131 10.98 21.38 63.32
C PHE C 1131 12.17 22.23 63.72
N ILE C 1132 13.32 21.94 63.13
CA ILE C 1132 14.57 22.61 63.47
C ILE C 1132 15.11 23.30 62.23
N TYR C 1133 15.24 24.61 62.29
CA TYR C 1133 15.82 25.41 61.22
C TYR C 1133 17.17 25.92 61.68
N VAL C 1134 18.22 25.56 60.96
CA VAL C 1134 19.58 25.85 61.41
C VAL C 1134 20.45 26.25 60.23
N ASN C 1135 21.23 27.30 60.41
CA ASN C 1135 22.31 27.63 59.49
C ASN C 1135 23.58 27.02 60.04
N ALA C 1136 24.24 26.22 59.21
CA ALA C 1136 25.39 25.44 59.67
C ALA C 1136 26.52 26.34 60.13
N LEU C 1137 26.75 27.44 59.42
CA LEU C 1137 27.87 28.31 59.69
C LEU C 1137 27.34 29.71 59.92
N GLY C 1138 27.95 30.43 60.86
CA GLY C 1138 27.52 31.78 61.14
C GLY C 1138 28.07 32.26 62.48
N ASP C 1139 27.33 33.20 63.07
CA ASP C 1139 27.69 33.78 64.36
C ASP C 1139 26.99 32.98 65.45
N THR C 1140 27.78 32.23 66.21
CA THR C 1140 27.22 31.42 67.29
C THR C 1140 26.76 32.24 68.48
N SER C 1141 27.06 33.53 68.54
CA SER C 1141 26.61 34.34 69.67
C SER C 1141 25.14 34.70 69.59
N LYS C 1142 24.54 34.62 68.41
CA LYS C 1142 23.17 35.04 68.23
C LYS C 1142 22.22 34.10 68.97
N PRO C 1143 21.06 34.59 69.42
CA PRO C 1143 20.22 33.77 70.31
C PRO C 1143 19.46 32.70 69.56
N ILE C 1144 19.28 31.57 70.25
CA ILE C 1144 18.35 30.56 69.78
C ILE C 1144 16.92 31.08 69.93
N ARG C 1145 16.09 30.83 68.93
CA ARG C 1145 14.72 31.28 68.94
C ARG C 1145 13.78 30.09 68.90
N TYR C 1146 12.81 30.07 69.78
CA TYR C 1146 11.77 29.05 69.81
C TYR C 1146 10.51 29.64 69.20
N LEU C 1147 9.98 28.99 68.17
CA LEU C 1147 8.95 29.60 67.35
C LEU C 1147 7.71 28.73 67.24
N ASN C 1148 6.59 29.39 66.94
CA ASN C 1148 5.38 28.71 66.52
C ASN C 1148 5.50 28.24 65.07
N SER C 1149 4.36 27.78 64.54
CA SER C 1149 4.29 27.44 63.12
C SER C 1149 4.55 28.64 62.23
N CYS C 1150 4.00 29.79 62.58
CA CYS C 1150 4.15 30.99 61.77
C CYS C 1150 5.47 31.71 62.02
N PHE C 1151 6.46 31.01 62.58
CA PHE C 1151 7.78 31.56 62.90
C PHE C 1151 7.68 32.68 63.92
N VAL C 1152 6.69 32.62 64.80
CA VAL C 1152 6.49 33.62 65.84
C VAL C 1152 6.96 33.03 67.15
N GLU C 1153 7.69 33.83 67.93
CA GLU C 1153 8.30 33.34 69.15
C GLU C 1153 7.25 32.94 70.19
N THR C 1154 7.53 31.85 70.89
CA THR C 1154 6.64 31.33 71.93
C THR C 1154 7.46 30.54 72.92
N SER C 1155 6.78 29.99 73.93
CA SER C 1155 7.45 29.23 74.95
C SER C 1155 8.02 27.93 74.36
N PRO C 1156 9.10 27.40 74.96
CA PRO C 1156 9.66 26.13 74.47
C PRO C 1156 8.66 24.98 74.50
N GLN C 1157 7.74 24.98 75.46
CA GLN C 1157 6.72 23.94 75.49
C GLN C 1157 5.72 24.11 74.36
N LEU C 1158 5.49 25.35 73.92
CA LEU C 1158 4.63 25.59 72.76
C LEU C 1158 5.40 25.55 71.45
N ALA C 1159 6.71 25.76 71.49
CA ALA C 1159 7.50 25.91 70.27
C ALA C 1159 7.62 24.57 69.55
N LYS C 1160 6.85 24.42 68.48
CA LYS C 1160 7.07 23.31 67.56
C LYS C 1160 8.29 23.56 66.66
N VAL C 1161 8.73 24.81 66.54
CA VAL C 1161 9.79 25.20 65.63
C VAL C 1161 10.89 25.90 66.40
N ILE C 1162 12.14 25.61 66.04
CA ILE C 1162 13.30 26.29 66.60
C ILE C 1162 14.10 26.85 65.44
N GLU C 1163 14.72 28.01 65.65
CA GLU C 1163 15.61 28.59 64.66
C GLU C 1163 16.97 28.79 65.30
N ILE C 1164 17.98 28.13 64.77
CA ILE C 1164 19.32 28.21 65.31
C ILE C 1164 20.17 29.00 64.33
N PRO C 1165 20.73 30.14 64.73
CA PRO C 1165 21.49 30.97 63.79
C PRO C 1165 22.80 30.34 63.36
N ALA C 1166 23.46 29.57 64.22
CA ALA C 1166 24.79 29.07 63.87
C ALA C 1166 25.20 27.95 64.80
N LEU C 1167 25.67 26.84 64.21
CA LEU C 1167 26.34 25.81 64.97
C LEU C 1167 27.84 25.98 64.98
N ILE C 1168 28.39 26.58 63.93
CA ILE C 1168 29.83 26.68 63.77
C ILE C 1168 30.18 28.15 63.72
N ASP C 1169 31.23 28.55 64.42
CA ASP C 1169 31.62 29.94 64.42
C ASP C 1169 32.63 30.25 63.33
N ASP C 1174 34.28 26.66 65.73
CA ASP C 1174 33.86 26.43 67.10
C ASP C 1174 32.43 25.91 67.16
N THR C 1175 32.24 24.79 67.84
CA THR C 1175 30.90 24.23 67.95
C THR C 1175 30.05 25.08 68.86
N ASN C 1176 28.82 25.36 68.44
CA ASN C 1176 27.83 25.98 69.31
C ASN C 1176 27.18 24.89 70.16
N ARG C 1177 27.99 24.33 71.05
CA ARG C 1177 27.54 23.28 71.96
C ARG C 1177 26.34 23.76 72.79
N THR C 1178 26.28 25.06 73.07
CA THR C 1178 25.15 25.63 73.77
C THR C 1178 23.85 25.30 73.07
N ALA C 1179 23.72 25.78 71.83
CA ALA C 1179 22.48 25.63 71.07
C ALA C 1179 22.09 24.16 70.95
N VAL C 1180 23.08 23.28 70.88
CA VAL C 1180 22.81 21.84 70.97
C VAL C 1180 22.10 21.53 72.27
N GLN C 1181 22.57 22.12 73.37
CA GLN C 1181 22.02 21.77 74.67
C GLN C 1181 20.59 22.28 74.84
N GLU C 1182 20.33 23.54 74.47
CA GLU C 1182 18.94 24.00 74.56
C GLU C 1182 18.05 23.30 73.55
N LEU C 1183 18.60 22.84 72.44
CA LEU C 1183 17.78 22.02 71.54
C LEU C 1183 17.37 20.75 72.24
N ILE C 1184 18.32 20.10 72.90
CA ILE C 1184 18.03 18.89 73.65
C ILE C 1184 16.94 19.17 74.67
N LYS C 1185 17.07 20.28 75.38
CA LYS C 1185 16.06 20.66 76.37
C LYS C 1185 14.73 20.98 75.72
N TRP C 1186 14.76 21.64 74.55
CA TRP C 1186 13.53 22.05 73.91
C TRP C 1186 12.74 20.82 73.48
N LEU C 1187 13.43 19.76 73.07
CA LEU C 1187 12.79 18.47 72.90
C LEU C 1187 12.29 17.92 74.22
N HIS C 1188 13.04 18.13 75.30
CA HIS C 1188 12.59 17.65 76.60
C HIS C 1188 11.31 18.35 77.03
N HIS C 1189 11.10 19.60 76.62
CA HIS C 1189 9.89 20.31 77.00
C HIS C 1189 8.64 19.83 76.27
N SER C 1190 8.77 18.84 75.39
CA SER C 1190 7.61 18.28 74.71
C SER C 1190 6.76 17.47 75.65
#